data_2KCA
#
_entry.id   2KCA
#
_entity_poly.entity_id   1
_entity_poly.type   'polypeptide(L)'
_entity_poly.pdbx_seq_one_letter_code
;MYEEFRDVITFQSYVEQSNGEGGKTYKWVDEFTAAAHVQPISQEEYYKAQQLQTPIGYNIYTPYDDRIDKKMRVIYRGKI
VTFIGDPVDLSGLQEITRIKGKEDGAYVG
;
_entity_poly.pdbx_strand_id   A
#
# COMPACT_ATOMS: atom_id res chain seq x y z
N MET A 1 -5.09 3.19 13.01
CA MET A 1 -5.22 3.50 14.41
C MET A 1 -4.14 4.48 14.85
N TYR A 2 -3.38 5.02 13.87
CA TYR A 2 -2.28 5.96 14.05
C TYR A 2 -2.73 7.39 13.73
N GLU A 3 -3.72 7.53 12.81
CA GLU A 3 -4.35 8.77 12.38
C GLU A 3 -3.45 9.65 11.50
N GLU A 4 -2.45 10.33 12.11
CA GLU A 4 -1.45 11.17 11.47
C GLU A 4 -0.11 10.58 11.85
N PHE A 5 0.74 10.26 10.84
CA PHE A 5 1.97 9.53 11.05
C PHE A 5 2.95 9.89 9.95
N ARG A 6 4.26 9.67 10.27
CA ARG A 6 5.43 9.84 9.44
C ARG A 6 6.56 8.98 10.04
N ASP A 7 6.76 7.72 9.59
CA ASP A 7 7.87 6.90 10.10
C ASP A 7 8.71 6.52 8.92
N VAL A 8 9.90 5.91 9.15
CA VAL A 8 10.75 5.40 8.08
C VAL A 8 10.41 3.93 8.00
N ILE A 9 9.83 3.59 6.83
CA ILE A 9 9.23 2.32 6.52
C ILE A 9 9.75 1.88 5.16
N THR A 10 9.66 0.55 4.89
CA THR A 10 10.22 -0.08 3.68
C THR A 10 9.13 -0.69 2.85
N PHE A 11 9.06 -0.23 1.58
CA PHE A 11 8.15 -0.69 0.54
C PHE A 11 8.82 -1.77 -0.32
N GLN A 12 8.23 -2.99 -0.45
CA GLN A 12 8.82 -4.09 -1.19
C GLN A 12 7.74 -4.71 -2.05
N SER A 13 8.14 -5.65 -2.92
CA SER A 13 7.29 -6.40 -3.84
C SER A 13 7.41 -7.90 -3.63
N TYR A 14 6.24 -8.58 -3.67
CA TYR A 14 6.13 -10.03 -3.75
C TYR A 14 5.30 -10.15 -5.01
N VAL A 15 5.85 -10.79 -6.07
CA VAL A 15 5.20 -10.91 -7.37
C VAL A 15 5.45 -12.36 -7.78
N GLU A 16 4.37 -13.09 -8.17
CA GLU A 16 4.40 -14.50 -8.54
C GLU A 16 4.85 -14.72 -9.98
N GLN A 17 6.06 -14.20 -10.30
CA GLN A 17 6.81 -14.22 -11.57
C GLN A 17 6.69 -12.93 -12.39
N SER A 18 7.82 -12.49 -13.02
CA SER A 18 7.92 -11.28 -13.85
C SER A 18 7.77 -11.59 -15.36
N ASN A 19 6.75 -12.42 -15.68
CA ASN A 19 6.33 -12.86 -17.00
C ASN A 19 4.84 -13.15 -16.89
N GLY A 20 4.16 -13.64 -17.97
CA GLY A 20 2.70 -13.90 -18.03
C GLY A 20 2.17 -15.20 -17.44
N GLU A 21 2.82 -15.68 -16.37
CA GLU A 21 2.50 -16.86 -15.59
C GLU A 21 2.44 -16.40 -14.15
N GLY A 22 1.22 -16.04 -13.67
CA GLY A 22 0.94 -15.59 -12.31
C GLY A 22 0.62 -16.77 -11.42
N GLY A 23 1.67 -17.33 -10.79
CA GLY A 23 1.61 -18.52 -9.95
C GLY A 23 2.92 -19.23 -10.16
N LYS A 24 2.94 -20.59 -10.05
CA LYS A 24 4.08 -21.48 -10.31
C LYS A 24 5.26 -21.39 -9.32
N THR A 25 5.95 -20.22 -9.28
CA THR A 25 7.08 -19.91 -8.40
C THR A 25 6.86 -18.48 -7.92
N TYR A 26 7.55 -18.01 -6.86
CA TYR A 26 7.41 -16.66 -6.35
C TYR A 26 8.78 -16.07 -6.11
N LYS A 27 8.96 -14.77 -6.46
CA LYS A 27 10.18 -14.00 -6.31
C LYS A 27 9.92 -12.70 -5.52
N TRP A 28 10.85 -12.36 -4.58
CA TRP A 28 10.88 -11.19 -3.72
C TRP A 28 11.92 -10.16 -4.21
N VAL A 29 11.56 -8.84 -4.25
CA VAL A 29 12.44 -7.72 -4.59
C VAL A 29 12.05 -6.52 -3.71
N ASP A 30 12.95 -5.50 -3.54
CA ASP A 30 12.73 -4.28 -2.75
C ASP A 30 12.45 -3.10 -3.68
N GLU A 31 11.48 -2.19 -3.33
CA GLU A 31 11.04 -1.11 -4.20
C GLU A 31 11.67 0.23 -3.86
N PHE A 32 11.45 0.76 -2.64
CA PHE A 32 11.96 2.04 -2.20
C PHE A 32 11.83 2.09 -0.68
N THR A 33 12.40 3.16 -0.09
CA THR A 33 12.35 3.45 1.33
C THR A 33 11.90 4.89 1.41
N ALA A 34 10.92 5.17 2.28
CA ALA A 34 10.36 6.50 2.38
C ALA A 34 9.88 6.89 3.77
N ALA A 35 9.67 8.23 3.94
CA ALA A 35 8.97 8.83 5.07
C ALA A 35 7.52 8.88 4.58
N ALA A 36 6.68 8.05 5.25
CA ALA A 36 5.36 7.77 4.73
C ALA A 36 4.42 7.32 5.82
N HIS A 37 3.11 7.25 5.46
CA HIS A 37 2.07 6.76 6.33
C HIS A 37 1.21 5.82 5.53
N VAL A 38 1.25 4.50 5.85
CA VAL A 38 0.37 3.46 5.30
C VAL A 38 -0.47 3.10 6.54
N GLN A 39 -1.83 3.17 6.45
CA GLN A 39 -2.77 2.85 7.53
C GLN A 39 -3.88 1.96 6.97
N PRO A 40 -4.39 0.88 7.65
CA PRO A 40 -5.57 0.11 7.24
C PRO A 40 -6.90 0.88 7.45
N ILE A 41 -7.98 0.55 6.68
CA ILE A 41 -9.31 1.19 6.70
C ILE A 41 -10.11 1.11 8.02
N SER A 42 -9.97 -0.02 8.78
CA SER A 42 -10.62 -0.40 10.03
C SER A 42 -12.01 -0.98 9.82
N GLN A 43 -12.91 -0.18 9.21
CA GLN A 43 -14.27 -0.57 8.89
C GLN A 43 -14.61 0.19 7.61
N GLU A 44 -15.55 1.16 7.67
CA GLU A 44 -15.93 2.01 6.53
C GLU A 44 -15.22 3.36 6.55
N GLU A 45 -14.25 3.59 7.48
CA GLU A 45 -13.42 4.79 7.67
C GLU A 45 -14.12 6.00 8.29
N TYR A 46 -15.34 6.34 7.77
CA TYR A 46 -16.24 7.41 8.19
C TYR A 46 -17.28 6.90 9.19
N TYR A 47 -17.44 5.55 9.23
CA TYR A 47 -18.31 4.72 10.08
C TYR A 47 -19.82 4.89 9.87
N LYS A 48 -20.42 5.94 10.50
CA LYS A 48 -21.80 6.44 10.49
C LYS A 48 -22.97 5.49 10.70
N ALA A 49 -23.10 4.44 9.86
CA ALA A 49 -24.15 3.46 9.87
C ALA A 49 -23.76 2.24 10.69
N GLN A 50 -22.68 1.53 10.28
CA GLN A 50 -22.06 0.34 10.86
C GLN A 50 -21.49 -0.51 9.74
N GLN A 51 -21.95 -1.79 9.65
CA GLN A 51 -21.60 -2.89 8.74
C GLN A 51 -20.41 -3.72 9.23
N LEU A 52 -20.28 -5.00 8.79
CA LEU A 52 -19.23 -5.91 9.25
C LEU A 52 -18.71 -6.73 8.07
N GLN A 53 -17.38 -7.03 8.06
CA GLN A 53 -16.64 -7.80 7.08
C GLN A 53 -15.24 -7.77 7.68
N THR A 54 -14.30 -8.60 7.17
CA THR A 54 -12.89 -8.69 7.53
C THR A 54 -12.12 -7.66 6.68
N PRO A 55 -11.25 -6.77 7.23
CA PRO A 55 -10.67 -5.62 6.49
C PRO A 55 -9.58 -6.03 5.47
N ILE A 56 -9.82 -5.60 4.20
CA ILE A 56 -9.01 -5.87 3.03
C ILE A 56 -8.68 -4.56 2.32
N GLY A 57 -8.71 -3.40 3.04
CA GLY A 57 -8.51 -2.08 2.45
C GLY A 57 -7.51 -1.26 3.22
N TYR A 58 -6.70 -0.49 2.46
CA TYR A 58 -5.69 0.41 2.97
C TYR A 58 -5.88 1.79 2.38
N ASN A 59 -5.50 2.76 3.25
CA ASN A 59 -5.49 4.18 2.96
C ASN A 59 -4.09 4.69 3.22
N ILE A 60 -3.48 5.45 2.29
CA ILE A 60 -2.13 5.98 2.46
C ILE A 60 -1.99 7.37 1.88
N TYR A 61 -1.10 8.18 2.55
CA TYR A 61 -0.60 9.47 2.10
C TYR A 61 0.94 9.36 2.23
N THR A 62 1.70 9.77 1.17
CA THR A 62 3.17 9.85 1.21
C THR A 62 3.45 11.14 0.47
N PRO A 63 4.44 12.05 0.76
CA PRO A 63 4.72 13.24 -0.06
C PRO A 63 5.34 12.79 -1.39
N TYR A 64 4.70 13.21 -2.51
CA TYR A 64 4.81 12.90 -3.93
C TYR A 64 5.23 11.48 -4.40
N ASP A 65 5.11 10.43 -3.54
CA ASP A 65 5.46 9.05 -3.88
C ASP A 65 4.18 8.30 -4.26
N ASP A 66 4.16 7.68 -5.46
CA ASP A 66 3.00 7.00 -6.07
C ASP A 66 3.19 5.49 -6.16
N ARG A 67 4.20 4.94 -5.46
CA ARG A 67 4.64 3.56 -5.59
C ARG A 67 4.19 2.56 -4.51
N ILE A 68 3.45 2.95 -3.42
CA ILE A 68 2.95 2.14 -2.32
C ILE A 68 1.93 1.07 -2.75
N ASP A 69 0.70 1.47 -3.17
CA ASP A 69 -0.31 0.53 -3.68
C ASP A 69 -0.44 0.68 -5.18
N LYS A 70 0.00 -0.37 -5.91
CA LYS A 70 -0.01 -0.47 -7.37
C LYS A 70 0.64 -1.81 -7.67
N LYS A 71 0.26 -2.85 -6.87
CA LYS A 71 0.79 -4.22 -6.87
C LYS A 71 2.11 -4.30 -6.12
N MET A 72 2.06 -4.34 -4.76
CA MET A 72 3.21 -4.36 -3.89
C MET A 72 2.87 -5.18 -2.65
N ARG A 73 3.91 -5.41 -1.80
CA ARG A 73 3.86 -6.09 -0.52
C ARG A 73 4.77 -5.27 0.39
N VAL A 74 4.23 -4.37 1.23
CA VAL A 74 5.06 -3.41 1.95
C VAL A 74 5.15 -3.73 3.42
N ILE A 75 6.20 -3.21 4.11
CA ILE A 75 6.29 -3.30 5.56
C ILE A 75 6.29 -1.88 6.14
N TYR A 76 5.15 -1.51 6.78
CA TYR A 76 4.92 -0.25 7.49
C TYR A 76 4.78 -0.56 8.97
N ARG A 77 5.55 0.12 9.88
CA ARG A 77 5.60 -0.03 11.36
C ARG A 77 5.68 -1.47 11.93
N GLY A 78 6.35 -2.38 11.18
CA GLY A 78 6.51 -3.80 11.48
C GLY A 78 5.47 -4.73 10.88
N LYS A 79 4.46 -4.23 10.14
CA LYS A 79 3.36 -5.03 9.59
C LYS A 79 3.52 -5.23 8.08
N ILE A 80 3.52 -6.51 7.60
CA ILE A 80 3.69 -6.89 6.18
C ILE A 80 2.33 -7.13 5.56
N VAL A 81 1.92 -6.34 4.55
CA VAL A 81 0.62 -6.49 3.89
C VAL A 81 0.75 -6.51 2.37
N THR A 82 -0.19 -7.16 1.64
CA THR A 82 -0.26 -7.34 0.19
C THR A 82 -1.54 -6.64 -0.30
N PHE A 83 -1.40 -5.89 -1.42
CA PHE A 83 -2.48 -5.04 -1.98
C PHE A 83 -2.20 -4.49 -3.39
N ILE A 84 -3.30 -4.21 -4.16
CA ILE A 84 -3.26 -3.62 -5.51
C ILE A 84 -4.11 -2.33 -5.44
N GLY A 85 -3.74 -1.22 -6.14
CA GLY A 85 -4.45 0.05 -6.00
C GLY A 85 -4.21 1.01 -7.13
N ASP A 86 -4.53 2.32 -6.90
CA ASP A 86 -4.39 3.42 -7.87
C ASP A 86 -4.03 4.75 -7.15
N PRO A 87 -2.95 5.49 -7.51
CA PRO A 87 -2.57 6.76 -6.88
C PRO A 87 -3.26 7.99 -7.51
N VAL A 88 -3.54 9.03 -6.69
CA VAL A 88 -4.12 10.32 -7.05
C VAL A 88 -3.23 11.39 -6.39
N ASP A 89 -2.92 12.56 -7.00
CA ASP A 89 -2.13 13.60 -6.32
C ASP A 89 -3.10 14.60 -5.68
N LEU A 90 -2.70 15.30 -4.58
CA LEU A 90 -3.52 16.26 -3.84
C LEU A 90 -3.81 17.55 -4.60
N SER A 91 -2.84 17.90 -5.50
CA SER A 91 -2.85 18.98 -6.49
C SER A 91 -2.20 20.25 -5.98
N GLY A 92 -2.50 21.41 -6.63
CA GLY A 92 -1.98 22.76 -6.35
C GLY A 92 -0.55 23.01 -6.77
N LEU A 93 0.39 22.74 -5.82
CA LEU A 93 1.83 22.83 -5.97
C LEU A 93 2.47 21.47 -6.32
N GLN A 94 1.74 20.37 -6.01
CA GLN A 94 2.09 18.95 -6.18
C GLN A 94 3.09 18.49 -5.11
N GLU A 95 2.64 18.50 -3.84
CA GLU A 95 3.41 18.08 -2.68
C GLU A 95 2.99 16.72 -2.16
N ILE A 96 1.66 16.47 -2.02
CA ILE A 96 1.15 15.20 -1.47
C ILE A 96 0.46 14.37 -2.54
N THR A 97 0.70 13.03 -2.44
CA THR A 97 0.05 11.95 -3.17
C THR A 97 -0.83 11.23 -2.16
N ARG A 98 -2.08 10.91 -2.58
CA ARG A 98 -3.06 10.18 -1.80
C ARG A 98 -3.36 8.94 -2.61
N ILE A 99 -3.17 7.75 -1.97
CA ILE A 99 -3.29 6.45 -2.60
C ILE A 99 -4.27 5.64 -1.76
N LYS A 100 -5.04 4.78 -2.46
CA LYS A 100 -5.92 3.77 -1.93
C LYS A 100 -5.45 2.47 -2.58
N GLY A 101 -5.51 1.36 -1.80
CA GLY A 101 -5.12 0.02 -2.22
C GLY A 101 -6.00 -0.97 -1.52
N LYS A 102 -6.19 -2.17 -2.11
CA LYS A 102 -7.07 -3.19 -1.56
C LYS A 102 -6.52 -4.56 -1.89
N GLU A 103 -6.97 -5.61 -1.14
CA GLU A 103 -6.57 -6.99 -1.38
C GLU A 103 -7.76 -7.89 -1.67
N ASP A 104 -7.57 -8.84 -2.62
CA ASP A 104 -8.53 -9.84 -3.04
C ASP A 104 -7.83 -11.19 -3.03
N GLY A 105 -7.36 -11.68 -4.21
CA GLY A 105 -6.65 -12.95 -4.33
C GLY A 105 -6.51 -13.26 -5.79
N ALA A 106 -5.95 -14.46 -6.11
CA ALA A 106 -5.70 -14.92 -7.46
C ALA A 106 -5.71 -16.46 -7.48
N TYR A 107 -6.94 -17.06 -7.58
CA TYR A 107 -7.27 -18.49 -7.64
C TYR A 107 -7.02 -19.26 -6.34
N VAL A 108 -5.74 -19.58 -6.08
CA VAL A 108 -5.23 -20.30 -4.93
C VAL A 108 -4.32 -19.40 -4.10
N GLY A 109 -3.71 -18.37 -4.72
CA GLY A 109 -2.79 -17.46 -4.04
C GLY A 109 -2.21 -16.48 -5.01
N MET A 1 1.13 23.33 13.77
CA MET A 1 0.55 22.23 14.50
C MET A 1 1.26 20.96 14.11
N TYR A 2 1.65 20.88 12.80
CA TYR A 2 2.28 19.78 12.06
C TYR A 2 1.16 19.06 11.31
N GLU A 3 0.37 18.22 12.05
CA GLU A 3 -0.85 17.51 11.63
C GLU A 3 -0.67 16.45 10.54
N GLU A 4 0.36 15.59 10.68
CA GLU A 4 0.69 14.56 9.70
C GLU A 4 1.55 13.52 10.40
N PHE A 5 1.61 12.30 9.80
CA PHE A 5 2.42 11.19 10.25
C PHE A 5 3.47 10.96 9.18
N ARG A 6 4.75 10.97 9.62
CA ARG A 6 5.91 10.71 8.80
C ARG A 6 6.81 9.77 9.59
N ASP A 7 6.89 8.50 9.17
CA ASP A 7 7.79 7.50 9.74
C ASP A 7 8.43 6.85 8.52
N VAL A 8 9.50 6.02 8.69
CA VAL A 8 10.20 5.37 7.58
C VAL A 8 9.63 3.97 7.45
N ILE A 9 8.97 3.71 6.29
CA ILE A 9 8.22 2.51 5.96
C ILE A 9 9.00 1.79 4.87
N THR A 10 9.08 0.43 4.89
CA THR A 10 9.90 -0.36 3.94
C THR A 10 9.02 -1.05 2.92
N PHE A 11 9.20 -0.78 1.60
CA PHE A 11 8.41 -1.39 0.51
C PHE A 11 9.14 -2.35 -0.43
N GLN A 12 8.50 -3.53 -0.75
CA GLN A 12 8.95 -4.59 -1.66
C GLN A 12 7.98 -4.84 -2.80
N SER A 13 8.47 -5.37 -3.95
CA SER A 13 7.65 -5.77 -5.11
C SER A 13 7.90 -7.24 -5.46
N TYR A 14 7.00 -7.90 -6.25
CA TYR A 14 7.12 -9.29 -6.67
C TYR A 14 7.53 -9.23 -8.15
N VAL A 15 8.73 -9.75 -8.51
CA VAL A 15 9.35 -9.50 -9.81
C VAL A 15 10.00 -10.79 -10.32
N GLU A 16 10.04 -11.01 -11.67
CA GLU A 16 10.71 -12.14 -12.32
C GLU A 16 12.19 -11.86 -12.62
N GLN A 17 12.97 -11.59 -11.54
CA GLN A 17 14.40 -11.34 -11.50
C GLN A 17 15.11 -12.66 -11.17
N SER A 18 15.68 -13.31 -12.21
CA SER A 18 16.30 -14.64 -12.14
C SER A 18 17.58 -14.69 -12.98
N ASN A 19 18.05 -15.92 -13.28
CA ASN A 19 19.23 -16.27 -14.09
C ASN A 19 18.81 -16.88 -15.43
N GLY A 20 17.48 -17.12 -15.61
CA GLY A 20 16.83 -17.66 -16.81
C GLY A 20 16.17 -18.99 -16.59
N GLU A 21 16.95 -20.00 -16.14
CA GLU A 21 16.53 -21.38 -15.93
C GLU A 21 16.40 -21.77 -14.46
N GLY A 22 17.33 -21.33 -13.55
CA GLY A 22 17.37 -21.72 -12.14
C GLY A 22 16.44 -20.96 -11.22
N GLY A 23 15.12 -21.03 -11.54
CA GLY A 23 13.99 -20.41 -10.86
C GLY A 23 13.15 -19.63 -11.83
N LYS A 24 12.00 -20.19 -12.29
CA LYS A 24 11.08 -19.55 -13.23
C LYS A 24 9.78 -19.19 -12.51
N THR A 25 9.92 -18.28 -11.52
CA THR A 25 8.87 -17.79 -10.63
C THR A 25 9.23 -16.35 -10.24
N TYR A 26 8.53 -15.80 -9.23
CA TYR A 26 8.57 -14.40 -8.79
C TYR A 26 9.20 -14.28 -7.40
N LYS A 27 10.06 -13.25 -7.22
CA LYS A 27 10.84 -13.01 -6.01
C LYS A 27 10.56 -11.61 -5.48
N TRP A 28 10.48 -11.48 -4.11
CA TRP A 28 10.25 -10.27 -3.34
C TRP A 28 11.55 -9.50 -3.00
N VAL A 29 11.76 -8.28 -3.56
CA VAL A 29 12.92 -7.44 -3.30
C VAL A 29 12.41 -6.05 -3.04
N ASP A 30 13.25 -5.16 -2.42
CA ASP A 30 12.96 -3.78 -2.02
C ASP A 30 12.88 -2.82 -3.20
N GLU A 31 11.71 -2.14 -3.32
CA GLU A 31 11.32 -1.17 -4.33
C GLU A 31 11.82 0.22 -3.92
N PHE A 32 11.61 0.54 -2.62
CA PHE A 32 11.99 1.81 -2.02
C PHE A 32 11.78 1.69 -0.52
N THR A 33 12.13 2.75 0.25
CA THR A 33 11.84 2.84 1.68
C THR A 33 11.50 4.30 1.75
N ALA A 34 10.40 4.70 2.40
CA ALA A 34 10.05 6.13 2.38
C ALA A 34 9.38 6.67 3.61
N ALA A 35 9.40 8.04 3.73
CA ALA A 35 8.75 8.80 4.77
C ALA A 35 7.28 8.96 4.39
N ALA A 36 6.40 8.33 5.19
CA ALA A 36 5.01 8.15 4.84
C ALA A 36 4.19 7.74 6.03
N HIS A 37 2.86 7.76 5.80
CA HIS A 37 1.81 7.27 6.66
C HIS A 37 1.16 6.23 5.79
N VAL A 38 1.35 4.91 6.10
CA VAL A 38 0.87 3.76 5.33
C VAL A 38 0.13 3.00 6.44
N GLN A 39 -1.24 3.13 6.54
CA GLN A 39 -2.08 2.62 7.62
C GLN A 39 -3.30 1.87 7.07
N PRO A 40 -4.05 1.01 7.84
CA PRO A 40 -5.34 0.39 7.45
C PRO A 40 -6.46 1.45 7.44
N ILE A 41 -7.48 1.40 6.53
CA ILE A 41 -8.64 2.34 6.35
C ILE A 41 -9.30 3.08 7.54
N SER A 42 -8.53 3.89 8.32
CA SER A 42 -8.94 4.69 9.49
C SER A 42 -9.37 3.88 10.72
N GLN A 43 -8.78 2.66 10.87
CA GLN A 43 -8.98 1.56 11.81
C GLN A 43 -9.36 0.42 10.86
N GLU A 44 -10.18 -0.58 11.29
CA GLU A 44 -10.64 -1.67 10.43
C GLU A 44 -12.07 -1.44 9.94
N GLU A 45 -12.66 -0.26 10.32
CA GLU A 45 -14.02 0.21 10.05
C GLU A 45 -15.10 -0.56 10.82
N TYR A 46 -15.51 -1.73 10.26
CA TYR A 46 -16.47 -2.66 10.83
C TYR A 46 -15.85 -3.85 11.58
N TYR A 47 -14.56 -4.21 11.29
CA TYR A 47 -13.94 -5.46 11.75
C TYR A 47 -13.25 -5.42 13.13
N LYS A 48 -13.10 -6.62 13.76
CA LYS A 48 -12.48 -6.85 15.06
C LYS A 48 -10.96 -7.08 15.01
N ALA A 49 -10.30 -7.29 16.17
CA ALA A 49 -8.85 -7.35 16.32
C ALA A 49 -8.14 -8.70 16.13
N GLN A 50 -8.86 -9.77 15.73
CA GLN A 50 -8.24 -11.05 15.43
C GLN A 50 -9.22 -11.72 14.50
N GLN A 51 -8.68 -12.67 13.70
CA GLN A 51 -9.28 -13.44 12.62
C GLN A 51 -9.09 -12.64 11.34
N LEU A 52 -7.84 -12.11 11.17
CA LEU A 52 -7.45 -11.24 10.08
C LEU A 52 -6.28 -11.87 9.35
N GLN A 53 -6.60 -12.95 8.58
CA GLN A 53 -5.68 -13.70 7.73
C GLN A 53 -5.74 -13.22 6.29
N THR A 54 -6.43 -12.08 6.04
CA THR A 54 -6.64 -11.51 4.70
C THR A 54 -6.96 -10.04 4.97
N PRO A 55 -6.39 -9.00 4.30
CA PRO A 55 -6.68 -7.58 4.55
C PRO A 55 -8.00 -7.06 3.93
N ILE A 56 -8.58 -6.00 4.56
CA ILE A 56 -9.82 -5.34 4.09
C ILE A 56 -9.52 -4.00 3.44
N GLY A 57 -8.59 -3.16 3.93
CA GLY A 57 -8.30 -1.95 3.18
C GLY A 57 -7.16 -1.20 3.78
N TYR A 58 -6.41 -0.46 2.93
CA TYR A 58 -5.31 0.41 3.31
C TYR A 58 -5.62 1.80 2.82
N ASN A 59 -5.22 2.78 3.66
CA ASN A 59 -5.35 4.22 3.47
C ASN A 59 -3.94 4.78 3.68
N ILE A 60 -3.39 5.46 2.65
CA ILE A 60 -2.00 5.87 2.66
C ILE A 60 -1.74 7.16 1.89
N TYR A 61 -0.75 7.95 2.42
CA TYR A 61 -0.11 9.07 1.77
C TYR A 61 1.43 8.89 1.94
N THR A 62 2.20 9.07 0.82
CA THR A 62 3.66 9.06 0.75
C THR A 62 4.00 10.18 -0.23
N PRO A 63 5.08 11.00 -0.17
CA PRO A 63 5.37 12.10 -1.12
C PRO A 63 5.84 11.53 -2.47
N TYR A 64 5.19 11.94 -3.59
CA TYR A 64 5.31 11.56 -4.99
C TYR A 64 5.37 10.08 -5.43
N ASP A 65 5.44 9.11 -4.48
CA ASP A 65 5.51 7.67 -4.77
C ASP A 65 4.14 7.02 -4.90
N ASP A 66 3.92 6.34 -6.04
CA ASP A 66 2.70 5.62 -6.42
C ASP A 66 2.97 4.12 -6.40
N ARG A 67 3.99 3.72 -5.60
CA ARG A 67 4.56 2.38 -5.54
C ARG A 67 4.15 1.49 -4.37
N ILE A 68 3.48 2.00 -3.28
CA ILE A 68 3.02 1.40 -2.06
C ILE A 68 2.27 0.08 -2.12
N ASP A 69 0.99 0.09 -2.57
CA ASP A 69 0.07 -1.05 -2.73
C ASP A 69 -0.04 -1.41 -4.20
N LYS A 70 -0.59 -2.62 -4.52
CA LYS A 70 -0.89 -3.17 -5.86
C LYS A 70 0.14 -4.20 -6.28
N LYS A 71 0.01 -5.45 -5.72
CA LYS A 71 0.92 -6.60 -5.90
C LYS A 71 2.14 -6.47 -4.99
N MET A 72 2.00 -5.67 -3.90
CA MET A 72 3.17 -5.33 -3.08
C MET A 72 3.13 -6.00 -1.72
N ARG A 73 4.30 -5.99 -1.02
CA ARG A 73 4.52 -6.46 0.33
C ARG A 73 5.19 -5.31 1.05
N VAL A 74 4.65 -4.94 2.23
CA VAL A 74 5.06 -3.78 2.99
C VAL A 74 5.16 -4.12 4.44
N ILE A 75 6.07 -3.36 5.09
CA ILE A 75 6.31 -3.38 6.50
C ILE A 75 6.02 -1.96 7.02
N TYR A 76 4.88 -1.75 7.77
CA TYR A 76 4.56 -0.53 8.52
C TYR A 76 5.03 -0.78 9.97
N ARG A 77 6.22 -0.25 10.40
CA ARG A 77 6.82 -0.39 11.73
C ARG A 77 6.99 -1.82 12.30
N GLY A 78 7.27 -2.82 11.43
CA GLY A 78 7.35 -4.25 11.75
C GLY A 78 6.09 -5.06 11.56
N LYS A 79 5.03 -4.52 10.89
CA LYS A 79 3.78 -5.22 10.59
C LYS A 79 3.73 -5.59 9.10
N ILE A 80 3.73 -6.92 8.80
CA ILE A 80 3.76 -7.50 7.45
C ILE A 80 2.38 -7.81 6.87
N VAL A 81 1.99 -7.06 5.80
CA VAL A 81 0.77 -7.22 5.00
C VAL A 81 1.14 -7.21 3.50
N THR A 82 0.32 -7.81 2.58
CA THR A 82 0.46 -7.78 1.12
C THR A 82 -0.90 -7.32 0.60
N PHE A 83 -0.91 -6.48 -0.47
CA PHE A 83 -2.11 -5.73 -0.83
C PHE A 83 -2.17 -5.14 -2.22
N ILE A 84 -3.39 -4.59 -2.52
CA ILE A 84 -3.88 -3.88 -3.70
C ILE A 84 -4.45 -2.51 -3.30
N GLY A 85 -4.81 -1.66 -4.30
CA GLY A 85 -5.31 -0.29 -4.15
C GLY A 85 -5.17 0.39 -5.50
N ASP A 86 -5.14 1.75 -5.55
CA ASP A 86 -5.03 2.56 -6.77
C ASP A 86 -4.50 3.98 -6.43
N PRO A 87 -3.26 4.42 -6.75
CA PRO A 87 -2.74 5.77 -6.44
C PRO A 87 -3.04 6.84 -7.51
N VAL A 88 -3.24 8.11 -7.07
CA VAL A 88 -3.41 9.34 -7.84
C VAL A 88 -2.47 10.33 -7.12
N ASP A 89 -1.83 11.31 -7.85
CA ASP A 89 -0.95 12.37 -7.28
C ASP A 89 -1.81 13.59 -6.93
N LEU A 90 -1.79 14.07 -5.66
CA LEU A 90 -2.73 15.08 -5.17
C LEU A 90 -2.30 16.54 -5.25
N SER A 91 -1.00 16.86 -5.03
CA SER A 91 -0.39 18.20 -4.99
C SER A 91 -0.12 18.65 -3.55
N GLY A 92 -0.85 19.70 -3.06
CA GLY A 92 -0.80 20.25 -1.70
C GLY A 92 0.19 21.38 -1.47
N LEU A 93 1.48 21.10 -1.72
CA LEU A 93 2.58 22.04 -1.54
C LEU A 93 3.64 21.68 -2.57
N GLN A 94 4.12 20.41 -2.48
CA GLN A 94 5.05 19.76 -3.39
C GLN A 94 4.20 18.86 -4.28
N GLU A 95 4.49 17.55 -4.41
CA GLU A 95 3.66 16.62 -5.15
C GLU A 95 3.36 15.46 -4.21
N ILE A 96 2.29 15.51 -3.38
CA ILE A 96 2.00 14.41 -2.45
C ILE A 96 1.04 13.41 -3.11
N THR A 97 1.35 12.09 -3.01
CA THR A 97 0.55 10.99 -3.56
C THR A 97 -0.28 10.46 -2.42
N ARG A 98 -1.62 10.32 -2.69
CA ARG A 98 -2.61 9.83 -1.77
C ARG A 98 -3.32 8.66 -2.44
N ILE A 99 -3.49 7.53 -1.73
CA ILE A 99 -4.14 6.34 -2.28
C ILE A 99 -5.17 5.90 -1.28
N LYS A 100 -6.31 5.39 -1.80
CA LYS A 100 -7.37 4.78 -1.02
C LYS A 100 -7.60 3.43 -1.68
N GLY A 101 -7.46 2.34 -0.89
CA GLY A 101 -7.59 0.96 -1.37
C GLY A 101 -8.44 0.18 -0.42
N LYS A 102 -9.53 -0.44 -0.94
CA LYS A 102 -10.48 -1.23 -0.19
C LYS A 102 -10.55 -2.55 -0.93
N GLU A 103 -10.57 -3.70 -0.21
CA GLU A 103 -10.58 -5.05 -0.75
C GLU A 103 -11.88 -5.74 -0.33
N ASP A 104 -12.63 -6.31 -1.31
CA ASP A 104 -13.91 -7.01 -1.15
C ASP A 104 -15.11 -6.08 -0.95
N GLY A 105 -15.11 -5.33 0.18
CA GLY A 105 -16.14 -4.35 0.54
C GLY A 105 -16.52 -4.41 1.98
N ALA A 106 -17.71 -3.84 2.29
CA ALA A 106 -18.35 -3.76 3.58
C ALA A 106 -19.47 -4.81 3.68
N TYR A 107 -19.09 -6.09 3.46
CA TYR A 107 -19.95 -7.26 3.50
C TYR A 107 -19.41 -8.13 4.61
N VAL A 108 -20.13 -8.17 5.77
CA VAL A 108 -19.76 -8.92 6.96
C VAL A 108 -20.87 -9.91 7.26
N GLY A 109 -20.51 -11.14 7.71
CA GLY A 109 -21.46 -12.18 8.03
C GLY A 109 -20.67 -13.35 8.53
N MET A 1 -3.52 16.29 8.98
CA MET A 1 -2.33 15.69 9.50
C MET A 1 -1.41 15.36 8.35
N TYR A 2 -1.50 16.14 7.23
CA TYR A 2 -0.74 15.99 5.97
C TYR A 2 0.74 16.39 5.97
N GLU A 3 1.41 16.22 7.14
CA GLU A 3 2.83 16.47 7.38
C GLU A 3 3.17 15.72 8.67
N GLU A 4 2.62 14.49 8.83
CA GLU A 4 2.78 13.66 10.01
C GLU A 4 3.36 12.33 9.61
N PHE A 5 4.65 12.34 9.18
CA PHE A 5 5.44 11.21 8.75
C PHE A 5 6.58 11.03 9.73
N ARG A 6 6.30 10.33 10.85
CA ARG A 6 7.24 10.01 11.91
C ARG A 6 7.94 8.67 11.66
N ASP A 7 7.47 7.88 10.65
CA ASP A 7 7.99 6.57 10.35
C ASP A 7 8.60 6.54 8.95
N VAL A 8 9.81 5.90 8.88
CA VAL A 8 10.58 5.57 7.66
C VAL A 8 10.44 4.06 7.56
N ILE A 9 9.79 3.58 6.48
CA ILE A 9 9.32 2.21 6.38
C ILE A 9 9.83 1.51 5.13
N THR A 10 9.61 0.17 5.02
CA THR A 10 10.22 -0.71 4.02
C THR A 10 9.18 -1.30 3.08
N PHE A 11 9.20 -0.91 1.78
CA PHE A 11 8.19 -1.30 0.78
C PHE A 11 8.66 -2.35 -0.27
N GLN A 12 7.86 -3.45 -0.49
CA GLN A 12 8.18 -4.62 -1.32
C GLN A 12 7.22 -4.91 -2.48
N SER A 13 7.71 -5.69 -3.50
CA SER A 13 6.95 -6.19 -4.64
C SER A 13 7.46 -7.60 -5.05
N TYR A 14 6.55 -8.47 -5.56
CA TYR A 14 6.85 -9.83 -6.01
C TYR A 14 6.59 -9.91 -7.51
N VAL A 15 7.60 -10.36 -8.30
CA VAL A 15 7.53 -10.61 -9.73
C VAL A 15 7.62 -12.12 -9.92
N GLU A 16 6.71 -12.67 -10.76
CA GLU A 16 6.61 -14.10 -10.96
C GLU A 16 5.89 -14.35 -12.27
N GLN A 17 5.82 -15.63 -12.69
CA GLN A 17 5.12 -16.14 -13.86
C GLN A 17 5.06 -17.63 -13.62
N SER A 18 3.88 -18.29 -13.74
CA SER A 18 3.67 -19.72 -13.48
C SER A 18 4.21 -20.70 -14.56
N ASN A 19 5.56 -20.67 -14.74
CA ASN A 19 6.41 -21.42 -15.65
C ASN A 19 6.80 -20.56 -16.84
N GLY A 20 5.83 -20.27 -17.75
CA GLY A 20 5.89 -19.50 -19.00
C GLY A 20 7.15 -19.49 -19.86
N GLU A 21 8.10 -18.58 -19.55
CA GLU A 21 9.38 -18.40 -20.24
C GLU A 21 10.58 -18.97 -19.47
N GLY A 22 10.41 -20.07 -18.67
CA GLY A 22 11.48 -20.76 -17.94
C GLY A 22 11.63 -20.32 -16.49
N GLY A 23 10.50 -19.84 -15.91
CA GLY A 23 10.37 -19.32 -14.55
C GLY A 23 9.79 -20.33 -13.60
N LYS A 24 10.67 -21.21 -13.06
CA LYS A 24 10.37 -22.27 -12.10
C LYS A 24 10.83 -21.87 -10.70
N THR A 25 11.18 -20.57 -10.49
CA THR A 25 11.59 -19.97 -9.22
C THR A 25 11.22 -18.51 -9.42
N TYR A 26 10.88 -17.76 -8.33
CA TYR A 26 10.38 -16.39 -8.38
C TYR A 26 11.34 -15.43 -7.68
N LYS A 27 11.14 -14.09 -7.89
CA LYS A 27 12.03 -13.06 -7.35
C LYS A 27 11.28 -12.07 -6.49
N TRP A 28 11.72 -11.92 -5.20
CA TRP A 28 11.25 -11.00 -4.21
C TRP A 28 12.28 -9.88 -4.10
N VAL A 29 11.86 -8.61 -4.30
CA VAL A 29 12.75 -7.45 -4.20
C VAL A 29 12.09 -6.39 -3.33
N ASP A 30 12.94 -5.47 -2.83
CA ASP A 30 12.61 -4.26 -2.10
C ASP A 30 12.44 -3.18 -3.17
N GLU A 31 11.20 -2.65 -3.30
CA GLU A 31 10.76 -1.65 -4.27
C GLU A 31 11.36 -0.29 -4.01
N PHE A 32 11.29 0.15 -2.73
CA PHE A 32 11.80 1.43 -2.30
C PHE A 32 11.73 1.45 -0.79
N THR A 33 12.31 2.49 -0.17
CA THR A 33 12.27 2.70 1.27
C THR A 33 11.90 4.16 1.34
N ALA A 34 10.92 4.52 2.18
CA ALA A 34 10.46 5.91 2.23
C ALA A 34 9.79 6.29 3.53
N ALA A 35 9.67 7.62 3.75
CA ALA A 35 8.91 8.25 4.83
C ALA A 35 7.45 8.37 4.37
N ALA A 36 6.51 7.76 5.11
CA ALA A 36 5.14 7.71 4.62
C ALA A 36 4.25 7.34 5.78
N HIS A 37 2.91 7.55 5.61
CA HIS A 37 1.96 7.22 6.64
C HIS A 37 1.01 6.31 5.90
N VAL A 38 1.15 5.03 6.25
CA VAL A 38 0.37 3.87 5.79
C VAL A 38 -0.51 3.49 6.99
N GLN A 39 -1.86 3.57 6.87
CA GLN A 39 -2.78 3.24 7.95
C GLN A 39 -4.01 2.51 7.39
N PRO A 40 -4.89 1.80 8.14
CA PRO A 40 -6.14 1.18 7.65
C PRO A 40 -7.22 2.20 7.24
N ILE A 41 -8.21 1.90 6.34
CA ILE A 41 -9.30 2.82 5.89
C ILE A 41 -10.40 3.16 6.94
N SER A 42 -9.98 3.23 8.23
CA SER A 42 -10.73 3.52 9.46
C SER A 42 -9.82 3.19 10.64
N GLN A 43 -9.28 4.23 11.36
CA GLN A 43 -8.38 4.08 12.52
C GLN A 43 -9.13 4.03 13.88
N GLU A 44 -10.48 3.83 13.80
CA GLU A 44 -11.44 3.70 14.87
C GLU A 44 -11.55 2.27 15.40
N GLU A 45 -10.63 1.38 14.95
CA GLU A 45 -10.49 -0.01 15.34
C GLU A 45 -9.00 -0.29 15.28
N TYR A 46 -8.55 -1.38 15.96
CA TYR A 46 -7.19 -1.87 16.12
C TYR A 46 -6.65 -2.67 14.93
N TYR A 47 -7.55 -3.19 14.07
CA TYR A 47 -7.26 -4.02 12.91
C TYR A 47 -8.55 -4.02 12.13
N LYS A 48 -8.76 -4.97 11.19
CA LYS A 48 -10.01 -5.14 10.46
C LYS A 48 -10.34 -6.62 10.56
N ALA A 49 -10.81 -7.07 11.76
CA ALA A 49 -11.11 -8.46 12.09
C ALA A 49 -12.31 -9.11 11.40
N GLN A 50 -13.27 -8.32 10.87
CA GLN A 50 -14.51 -8.75 10.23
C GLN A 50 -14.59 -8.29 8.77
N GLN A 51 -14.10 -9.13 7.81
CA GLN A 51 -14.07 -8.82 6.38
C GLN A 51 -15.31 -9.22 5.59
N LEU A 52 -16.40 -8.45 5.85
CA LEU A 52 -17.72 -8.50 5.24
C LEU A 52 -18.05 -7.03 5.05
N GLN A 53 -18.64 -6.64 3.89
CA GLN A 53 -18.96 -5.26 3.47
C GLN A 53 -17.74 -4.54 2.89
N THR A 54 -16.73 -4.28 3.76
CA THR A 54 -15.45 -3.67 3.40
C THR A 54 -14.36 -4.70 3.72
N PRO A 55 -13.70 -5.39 2.75
CA PRO A 55 -12.59 -6.29 3.01
C PRO A 55 -11.28 -5.50 3.22
N ILE A 56 -10.59 -5.72 4.39
CA ILE A 56 -9.32 -5.17 4.91
C ILE A 56 -8.53 -4.18 4.04
N GLY A 57 -8.97 -2.89 4.08
CA GLY A 57 -8.49 -1.83 3.22
C GLY A 57 -7.65 -0.82 3.92
N TYR A 58 -6.68 -0.23 3.15
CA TYR A 58 -5.77 0.79 3.62
C TYR A 58 -6.02 2.11 2.95
N ASN A 59 -5.51 3.12 3.67
CA ASN A 59 -5.46 4.51 3.29
C ASN A 59 -3.99 4.85 3.41
N ILE A 60 -3.36 5.29 2.30
CA ILE A 60 -1.96 5.64 2.22
C ILE A 60 -1.85 7.09 1.80
N TYR A 61 -1.00 7.90 2.48
CA TYR A 61 -0.59 9.19 1.95
C TYR A 61 0.94 9.21 2.07
N THR A 62 1.61 9.76 1.04
CA THR A 62 3.07 9.74 0.84
C THR A 62 3.51 11.10 0.32
N PRO A 63 4.73 11.66 0.53
CA PRO A 63 5.21 12.79 -0.30
C PRO A 63 5.64 12.22 -1.69
N TYR A 64 5.09 12.80 -2.78
CA TYR A 64 5.20 12.48 -4.22
C TYR A 64 5.35 11.06 -4.81
N ASP A 65 5.35 9.97 -3.99
CA ASP A 65 5.47 8.58 -4.46
C ASP A 65 4.13 7.85 -4.46
N ASP A 66 3.79 7.15 -5.57
CA ASP A 66 2.54 6.41 -5.79
C ASP A 66 2.78 4.89 -5.74
N ARG A 67 3.84 4.51 -5.01
CA ARG A 67 4.45 3.21 -5.01
C ARG A 67 4.17 2.26 -3.85
N ILE A 68 3.33 2.56 -2.80
CA ILE A 68 3.01 1.63 -1.72
C ILE A 68 2.08 0.48 -2.17
N ASP A 69 0.80 0.78 -2.51
CA ASP A 69 -0.17 -0.24 -2.93
C ASP A 69 -0.66 -0.10 -4.36
N LYS A 70 -0.29 -1.09 -5.19
CA LYS A 70 -0.70 -1.26 -6.57
C LYS A 70 -0.31 -2.70 -6.91
N LYS A 71 -0.77 -3.66 -6.05
CA LYS A 71 -0.48 -5.10 -6.02
C LYS A 71 0.90 -5.37 -5.41
N MET A 72 1.03 -5.12 -4.09
CA MET A 72 2.30 -5.09 -3.36
C MET A 72 2.07 -5.54 -1.92
N ARG A 73 3.19 -5.64 -1.15
CA ARG A 73 3.19 -6.01 0.26
C ARG A 73 4.09 -5.01 0.95
N VAL A 74 3.66 -4.46 2.11
CA VAL A 74 4.41 -3.44 2.82
C VAL A 74 4.57 -3.71 4.29
N ILE A 75 5.74 -3.28 4.83
CA ILE A 75 6.03 -3.25 6.25
C ILE A 75 5.96 -1.77 6.65
N TYR A 76 4.89 -1.33 7.39
CA TYR A 76 4.71 0.00 7.96
C TYR A 76 4.80 -0.14 9.48
N ARG A 77 5.87 0.40 10.15
CA ARG A 77 6.10 0.36 11.61
C ARG A 77 6.19 -1.04 12.26
N GLY A 78 6.70 -2.04 11.49
CA GLY A 78 6.78 -3.44 11.92
C GLY A 78 5.56 -4.30 11.64
N LYS A 79 4.46 -3.73 11.07
CA LYS A 79 3.21 -4.42 10.74
C LYS A 79 3.24 -4.81 9.27
N ILE A 80 2.73 -6.01 8.87
CA ILE A 80 2.80 -6.49 7.49
C ILE A 80 1.40 -6.70 6.96
N VAL A 81 1.09 -6.04 5.80
CA VAL A 81 -0.18 -6.13 5.10
C VAL A 81 0.06 -6.37 3.60
N THR A 82 -0.92 -7.04 2.92
CA THR A 82 -1.00 -7.36 1.49
C THR A 82 -2.26 -6.68 0.95
N PHE A 83 -2.15 -6.02 -0.24
CA PHE A 83 -3.23 -5.19 -0.78
C PHE A 83 -3.03 -4.68 -2.23
N ILE A 84 -4.17 -4.31 -2.91
CA ILE A 84 -4.23 -3.75 -4.26
C ILE A 84 -4.87 -2.37 -4.20
N GLY A 85 -4.13 -1.28 -4.60
CA GLY A 85 -4.65 0.09 -4.59
C GLY A 85 -4.52 0.83 -5.89
N ASP A 86 -5.10 2.06 -5.93
CA ASP A 86 -5.10 3.00 -7.05
C ASP A 86 -4.64 4.39 -6.54
N PRO A 87 -3.66 5.11 -7.14
CA PRO A 87 -3.16 6.39 -6.64
C PRO A 87 -3.78 7.64 -7.30
N VAL A 88 -3.80 8.77 -6.54
CA VAL A 88 -4.24 10.12 -6.93
C VAL A 88 -3.16 11.12 -6.48
N ASP A 89 -2.61 11.99 -7.39
CA ASP A 89 -1.61 13.02 -7.04
C ASP A 89 -2.22 14.42 -6.92
N LEU A 90 -1.56 15.29 -6.10
CA LEU A 90 -1.89 16.67 -5.77
C LEU A 90 -1.22 17.72 -6.66
N SER A 91 -0.34 17.32 -7.62
CA SER A 91 0.49 18.10 -8.57
C SER A 91 0.10 19.52 -8.98
N GLY A 92 0.54 20.53 -8.18
CA GLY A 92 0.26 21.94 -8.45
C GLY A 92 -0.51 22.57 -7.34
N LEU A 93 -1.22 21.76 -6.51
CA LEU A 93 -1.97 22.19 -5.35
C LEU A 93 -1.14 21.87 -4.12
N GLN A 94 -0.56 20.66 -4.05
CA GLN A 94 0.34 20.21 -2.99
C GLN A 94 1.40 19.31 -3.67
N GLU A 95 2.23 18.57 -2.89
CA GLU A 95 3.31 17.70 -3.36
C GLU A 95 3.14 16.31 -2.77
N ILE A 96 1.93 16.01 -2.25
CA ILE A 96 1.62 14.75 -1.56
C ILE A 96 0.75 13.87 -2.41
N THR A 97 1.04 12.55 -2.37
CA THR A 97 0.28 11.51 -3.07
C THR A 97 -0.66 10.86 -2.08
N ARG A 98 -1.92 10.58 -2.53
CA ARG A 98 -2.94 9.91 -1.75
C ARG A 98 -3.28 8.65 -2.54
N ILE A 99 -3.13 7.47 -1.90
CA ILE A 99 -3.40 6.17 -2.51
C ILE A 99 -4.44 5.47 -1.63
N LYS A 100 -5.48 4.87 -2.25
CA LYS A 100 -6.50 4.08 -1.58
C LYS A 100 -6.43 2.68 -2.19
N GLY A 101 -6.41 1.62 -1.33
CA GLY A 101 -6.38 0.22 -1.74
C GLY A 101 -7.14 -0.64 -0.78
N LYS A 102 -7.82 -1.69 -1.29
CA LYS A 102 -8.60 -2.64 -0.51
C LYS A 102 -8.12 -4.03 -0.85
N GLU A 103 -8.59 -5.10 -0.15
CA GLU A 103 -8.17 -6.46 -0.49
C GLU A 103 -9.30 -7.11 -1.26
N ASP A 104 -9.08 -7.29 -2.60
CA ASP A 104 -10.05 -7.82 -3.52
C ASP A 104 -9.26 -8.03 -4.81
N GLY A 105 -9.95 -8.16 -5.97
CA GLY A 105 -9.34 -8.37 -7.28
C GLY A 105 -10.43 -8.17 -8.30
N ALA A 106 -10.11 -8.31 -9.62
CA ALA A 106 -11.05 -8.13 -10.71
C ALA A 106 -11.04 -9.34 -11.64
N TYR A 107 -12.05 -10.23 -11.50
CA TYR A 107 -12.22 -11.44 -12.28
C TYR A 107 -13.66 -11.88 -12.04
N VAL A 108 -14.18 -12.86 -12.81
CA VAL A 108 -15.56 -13.36 -12.79
C VAL A 108 -15.74 -14.66 -11.99
N GLY A 109 -14.63 -15.35 -11.63
CA GLY A 109 -14.61 -16.59 -10.86
C GLY A 109 -14.42 -17.82 -11.73
N MET A 1 1.49 15.62 7.95
CA MET A 1 0.33 16.43 7.65
C MET A 1 -0.90 15.56 7.70
N TYR A 2 -0.74 14.24 7.39
CA TYR A 2 -1.78 13.23 7.42
C TYR A 2 -1.55 12.38 8.67
N GLU A 3 -2.24 12.81 9.77
CA GLU A 3 -2.23 12.36 11.17
C GLU A 3 -1.13 13.04 11.99
N GLU A 4 -0.15 13.66 11.26
CA GLU A 4 1.09 14.30 11.66
C GLU A 4 2.17 13.23 11.80
N PHE A 5 2.19 12.29 10.81
CA PHE A 5 2.99 11.08 10.78
C PHE A 5 4.07 11.13 9.70
N ARG A 6 5.31 10.87 10.15
CA ARG A 6 6.51 10.78 9.34
C ARG A 6 7.30 9.63 9.94
N ASP A 7 7.19 8.37 9.44
CA ASP A 7 7.98 7.26 9.97
C ASP A 7 8.70 6.71 8.76
N VAL A 8 9.92 6.10 8.93
CA VAL A 8 10.65 5.53 7.79
C VAL A 8 10.36 4.04 7.74
N ILE A 9 9.69 3.58 6.66
CA ILE A 9 9.28 2.20 6.46
C ILE A 9 9.98 1.61 5.22
N THR A 10 9.86 0.26 5.00
CA THR A 10 10.51 -0.45 3.87
C THR A 10 9.48 -1.13 3.00
N PHE A 11 9.53 -0.80 1.69
CA PHE A 11 8.68 -1.33 0.64
C PHE A 11 9.44 -2.35 -0.23
N GLN A 12 8.84 -3.56 -0.48
CA GLN A 12 9.44 -4.67 -1.22
C GLN A 12 8.48 -5.21 -2.25
N SER A 13 8.98 -5.68 -3.43
CA SER A 13 8.15 -6.24 -4.51
C SER A 13 8.60 -7.65 -4.95
N TYR A 14 7.65 -8.39 -5.57
CA TYR A 14 7.73 -9.71 -6.16
C TYR A 14 7.70 -9.46 -7.68
N VAL A 15 8.75 -9.83 -8.44
CA VAL A 15 8.90 -9.41 -9.84
C VAL A 15 9.54 -10.52 -10.68
N GLU A 16 9.31 -10.55 -12.02
CA GLU A 16 9.88 -11.55 -12.92
C GLU A 16 11.25 -11.19 -13.48
N GLN A 17 11.58 -9.89 -13.60
CA GLN A 17 12.86 -9.34 -14.07
C GLN A 17 13.19 -9.53 -15.56
N SER A 18 13.16 -10.83 -16.01
CA SER A 18 13.41 -11.37 -17.35
C SER A 18 14.76 -12.10 -17.43
N ASN A 19 15.39 -12.37 -16.28
CA ASN A 19 16.68 -13.04 -16.20
C ASN A 19 16.81 -13.88 -14.93
N GLY A 20 15.93 -14.91 -14.76
CA GLY A 20 16.00 -15.82 -13.62
C GLY A 20 15.70 -17.19 -14.12
N GLU A 21 16.59 -17.76 -14.99
CA GLU A 21 16.50 -19.07 -15.68
C GLU A 21 15.64 -19.01 -16.95
N GLY A 22 14.52 -18.27 -16.85
CA GLY A 22 13.57 -17.88 -17.87
C GLY A 22 12.99 -16.59 -17.35
N GLY A 23 11.69 -16.30 -17.62
CA GLY A 23 11.01 -15.09 -17.16
C GLY A 23 9.61 -15.37 -16.70
N LYS A 24 9.36 -16.62 -16.22
CA LYS A 24 8.07 -17.09 -15.72
C LYS A 24 8.25 -17.61 -14.29
N THR A 25 8.86 -16.77 -13.42
CA THR A 25 9.17 -17.09 -12.03
C THR A 25 9.21 -15.75 -11.33
N TYR A 26 8.85 -15.67 -10.02
CA TYR A 26 8.77 -14.43 -9.24
C TYR A 26 9.82 -14.41 -8.13
N LYS A 27 10.62 -13.32 -8.09
CA LYS A 27 11.74 -13.13 -7.19
C LYS A 27 11.50 -11.88 -6.35
N TRP A 28 11.91 -11.94 -5.06
CA TRP A 28 11.85 -10.88 -4.08
C TRP A 28 13.12 -10.03 -4.07
N VAL A 29 12.91 -8.69 -4.11
CA VAL A 29 13.92 -7.64 -4.06
C VAL A 29 13.27 -6.54 -3.24
N ASP A 30 14.06 -5.55 -2.74
CA ASP A 30 13.60 -4.34 -2.05
C ASP A 30 13.30 -3.28 -3.11
N GLU A 31 12.29 -2.41 -2.90
CA GLU A 31 11.83 -1.42 -3.88
C GLU A 31 12.39 -0.06 -3.53
N PHE A 32 12.02 0.44 -2.33
CA PHE A 32 12.41 1.73 -1.84
C PHE A 32 12.16 1.69 -0.35
N THR A 33 12.55 2.76 0.35
CA THR A 33 12.28 2.92 1.77
C THR A 33 11.85 4.36 1.83
N ALA A 34 10.74 4.67 2.54
CA ALA A 34 10.21 6.03 2.50
C ALA A 34 9.52 6.48 3.75
N ALA A 35 9.34 7.83 3.83
CA ALA A 35 8.54 8.52 4.82
C ALA A 35 7.09 8.43 4.35
N ALA A 36 6.29 7.71 5.15
CA ALA A 36 4.95 7.37 4.79
C ALA A 36 4.21 7.06 6.06
N HIS A 37 2.88 7.01 5.88
CA HIS A 37 1.88 6.58 6.82
C HIS A 37 1.10 5.56 6.00
N VAL A 38 1.25 4.23 6.28
CA VAL A 38 0.53 3.12 5.61
C VAL A 38 -0.42 2.62 6.71
N GLN A 39 -1.74 2.95 6.68
CA GLN A 39 -2.69 2.47 7.70
C GLN A 39 -4.03 2.02 7.09
N PRO A 40 -4.82 1.10 7.69
CA PRO A 40 -6.13 0.64 7.17
C PRO A 40 -7.26 1.69 7.28
N ILE A 41 -8.27 1.71 6.38
CA ILE A 41 -9.43 2.61 6.46
C ILE A 41 -10.58 1.93 7.20
N SER A 42 -10.31 1.63 8.49
CA SER A 42 -11.14 0.98 9.48
C SER A 42 -12.17 1.94 10.06
N GLN A 43 -13.30 2.17 9.36
CA GLN A 43 -14.31 3.11 9.80
C GLN A 43 -15.63 2.35 9.79
N GLU A 44 -16.57 2.80 8.93
CA GLU A 44 -17.88 2.20 8.72
C GLU A 44 -17.82 0.99 7.80
N GLU A 45 -17.09 1.15 6.65
CA GLU A 45 -16.92 0.20 5.54
C GLU A 45 -18.17 0.22 4.67
N TYR A 46 -18.32 1.30 3.84
CA TYR A 46 -19.50 1.66 3.04
C TYR A 46 -19.82 0.81 1.81
N TYR A 47 -18.84 -0.05 1.40
CA TYR A 47 -18.81 -0.98 0.26
C TYR A 47 -18.07 -0.33 -0.91
N LYS A 48 -17.86 -1.09 -2.01
CA LYS A 48 -17.19 -0.64 -3.22
C LYS A 48 -17.62 -1.67 -4.25
N ALA A 49 -17.71 -1.33 -5.56
CA ALA A 49 -18.15 -2.16 -6.69
C ALA A 49 -17.19 -3.25 -7.19
N GLN A 50 -16.34 -3.78 -6.27
CA GLN A 50 -15.33 -4.79 -6.51
C GLN A 50 -15.70 -6.04 -5.71
N GLN A 51 -15.67 -7.22 -6.41
CA GLN A 51 -15.91 -8.55 -5.88
C GLN A 51 -14.61 -9.37 -5.93
N LEU A 52 -13.45 -8.69 -5.86
CA LEU A 52 -12.12 -9.28 -5.97
C LEU A 52 -11.15 -8.37 -5.25
N GLN A 53 -11.05 -8.52 -3.91
CA GLN A 53 -10.19 -7.71 -3.07
C GLN A 53 -10.00 -8.43 -1.75
N THR A 54 -9.20 -7.85 -0.82
CA THR A 54 -8.88 -8.30 0.53
C THR A 54 -9.84 -7.57 1.49
N PRO A 55 -10.42 -8.12 2.59
CA PRO A 55 -11.36 -7.39 3.45
C PRO A 55 -10.61 -6.40 4.36
N ILE A 56 -11.01 -5.09 4.27
CA ILE A 56 -10.39 -3.90 4.85
C ILE A 56 -9.33 -3.38 3.87
N GLY A 57 -9.52 -2.19 3.27
CA GLY A 57 -8.55 -1.56 2.37
C GLY A 57 -7.62 -0.64 3.10
N TYR A 58 -6.60 -0.05 2.41
CA TYR A 58 -5.69 0.88 3.03
C TYR A 58 -6.00 2.29 2.58
N ASN A 59 -5.54 3.19 3.47
CA ASN A 59 -5.61 4.63 3.32
C ASN A 59 -4.14 4.97 3.55
N ILE A 60 -3.48 5.56 2.52
CA ILE A 60 -2.02 5.74 2.56
C ILE A 60 -1.61 6.99 1.85
N TYR A 61 -0.57 7.69 2.42
CA TYR A 61 0.11 8.80 1.78
C TYR A 61 1.63 8.52 1.85
N THR A 62 2.37 8.82 0.74
CA THR A 62 3.83 8.96 0.78
C THR A 62 4.10 10.14 -0.13
N PRO A 63 5.05 11.09 0.11
CA PRO A 63 5.39 12.21 -0.79
C PRO A 63 5.89 11.72 -2.16
N TYR A 64 5.25 12.22 -3.24
CA TYR A 64 5.30 11.99 -4.67
C TYR A 64 5.70 10.63 -5.29
N ASP A 65 5.69 9.54 -4.50
CA ASP A 65 5.99 8.17 -4.93
C ASP A 65 4.70 7.35 -5.09
N ASP A 66 4.55 6.66 -6.24
CA ASP A 66 3.38 5.90 -6.66
C ASP A 66 3.54 4.40 -6.41
N ARG A 67 4.27 4.00 -5.35
CA ARG A 67 4.59 2.61 -5.02
C ARG A 67 3.80 1.96 -3.88
N ILE A 68 3.62 2.59 -2.66
CA ILE A 68 2.91 2.21 -1.42
C ILE A 68 2.00 0.97 -1.39
N ASP A 69 0.89 1.06 -2.14
CA ASP A 69 -0.02 -0.02 -2.43
C ASP A 69 -0.25 0.18 -3.91
N LYS A 70 0.27 -0.76 -4.70
CA LYS A 70 0.24 -0.78 -6.15
C LYS A 70 0.18 -2.25 -6.43
N LYS A 71 1.33 -2.94 -6.44
CA LYS A 71 1.44 -4.39 -6.48
C LYS A 71 2.64 -4.58 -5.57
N MET A 72 2.43 -4.75 -4.24
CA MET A 72 3.55 -4.73 -3.32
C MET A 72 3.21 -5.43 -2.01
N ARG A 73 4.27 -5.61 -1.18
CA ARG A 73 4.25 -6.12 0.17
C ARG A 73 5.05 -5.08 0.94
N VAL A 74 4.56 -4.65 2.12
CA VAL A 74 5.23 -3.61 2.88
C VAL A 74 5.29 -4.03 4.32
N ILE A 75 6.36 -3.53 5.00
CA ILE A 75 6.51 -3.54 6.43
C ILE A 75 6.43 -2.05 6.76
N TYR A 76 5.26 -1.70 7.37
CA TYR A 76 4.87 -0.44 7.95
C TYR A 76 5.17 -0.62 9.44
N ARG A 77 6.24 0.05 9.96
CA ARG A 77 6.73 0.06 11.35
C ARG A 77 6.87 -1.29 12.09
N GLY A 78 7.21 -2.36 11.32
CA GLY A 78 7.31 -3.76 11.78
C GLY A 78 6.06 -4.60 11.63
N LYS A 79 4.99 -4.11 10.94
CA LYS A 79 3.76 -4.85 10.72
C LYS A 79 3.67 -5.19 9.23
N ILE A 80 3.52 -6.49 8.88
CA ILE A 80 3.52 -6.97 7.49
C ILE A 80 2.13 -7.06 6.87
N VAL A 81 2.01 -6.42 5.68
CA VAL A 81 0.80 -6.24 4.88
C VAL A 81 1.08 -6.71 3.44
N THR A 82 0.15 -7.45 2.77
CA THR A 82 0.25 -7.89 1.36
C THR A 82 -1.01 -7.36 0.69
N PHE A 83 -0.87 -6.60 -0.43
CA PHE A 83 -1.98 -5.88 -1.04
C PHE A 83 -1.70 -5.38 -2.46
N ILE A 84 -2.81 -5.21 -3.23
CA ILE A 84 -2.88 -4.69 -4.59
C ILE A 84 -3.70 -3.39 -4.58
N GLY A 85 -3.23 -2.32 -5.28
CA GLY A 85 -3.86 -1.00 -5.27
C GLY A 85 -3.51 -0.20 -6.51
N ASP A 86 -3.88 1.11 -6.50
CA ASP A 86 -3.64 2.09 -7.57
C ASP A 86 -3.51 3.53 -7.03
N PRO A 87 -2.31 4.12 -6.77
CA PRO A 87 -2.12 5.50 -6.24
C PRO A 87 -2.41 6.66 -7.21
N VAL A 88 -2.92 7.81 -6.70
CA VAL A 88 -3.27 9.01 -7.47
C VAL A 88 -2.73 10.31 -6.86
N ASP A 89 -2.39 11.34 -7.69
CA ASP A 89 -2.02 12.70 -7.25
C ASP A 89 -3.28 13.58 -7.29
N LEU A 90 -3.93 13.79 -6.11
CA LEU A 90 -5.21 14.48 -5.86
C LEU A 90 -5.32 15.98 -6.20
N SER A 91 -4.17 16.62 -6.49
CA SER A 91 -4.02 18.03 -6.86
C SER A 91 -2.54 18.33 -6.92
N GLY A 92 -1.80 17.87 -5.89
CA GLY A 92 -0.37 18.04 -5.74
C GLY A 92 -0.14 18.40 -4.31
N LEU A 93 -0.56 19.62 -3.91
CA LEU A 93 -0.51 20.22 -2.56
C LEU A 93 0.91 20.59 -2.12
N GLN A 94 1.61 19.66 -1.41
CA GLN A 94 3.00 19.74 -1.00
C GLN A 94 3.76 18.58 -1.65
N GLU A 95 3.20 18.06 -2.77
CA GLU A 95 3.66 16.96 -3.59
C GLU A 95 3.29 15.60 -3.01
N ILE A 96 1.97 15.37 -2.78
CA ILE A 96 1.43 14.12 -2.23
C ILE A 96 0.82 13.22 -3.30
N THR A 97 1.23 11.91 -3.25
CA THR A 97 0.67 10.79 -4.02
C THR A 97 -0.05 9.93 -2.97
N ARG A 98 -1.38 9.75 -3.14
CA ARG A 98 -2.28 9.10 -2.20
C ARG A 98 -3.00 7.95 -2.85
N ILE A 99 -3.12 6.82 -2.10
CA ILE A 99 -3.94 5.67 -2.46
C ILE A 99 -5.02 5.56 -1.39
N LYS A 100 -6.30 5.63 -1.82
CA LYS A 100 -7.48 5.58 -0.99
C LYS A 100 -8.41 4.53 -1.56
N GLY A 101 -8.57 3.39 -0.84
CA GLY A 101 -9.46 2.32 -1.26
C GLY A 101 -10.05 1.64 -0.05
N LYS A 102 -11.34 1.23 -0.10
CA LYS A 102 -11.91 0.48 1.01
C LYS A 102 -12.85 -0.53 0.41
N GLU A 103 -12.72 -1.83 0.74
CA GLU A 103 -13.58 -2.90 0.24
C GLU A 103 -14.08 -3.80 1.37
N ASP A 104 -15.40 -4.10 1.40
CA ASP A 104 -16.12 -5.05 2.30
C ASP A 104 -15.94 -4.88 3.82
N GLY A 105 -14.87 -5.49 4.37
CA GLY A 105 -14.43 -5.35 5.77
C GLY A 105 -14.72 -6.53 6.66
N ALA A 106 -16.03 -6.78 6.91
CA ALA A 106 -16.60 -7.81 7.79
C ALA A 106 -16.62 -7.33 9.24
N TYR A 107 -15.42 -7.09 9.82
CA TYR A 107 -15.21 -6.48 11.12
C TYR A 107 -14.80 -5.04 10.81
N VAL A 108 -15.31 -4.05 11.58
CA VAL A 108 -15.10 -2.63 11.31
C VAL A 108 -13.75 -2.07 11.74
N GLY A 109 -13.18 -2.55 12.88
CA GLY A 109 -11.90 -2.09 13.43
C GLY A 109 -10.72 -2.87 12.92
N MET A 1 5.30 19.83 16.46
CA MET A 1 6.50 19.73 15.67
C MET A 1 6.33 18.62 14.67
N TYR A 2 5.43 17.65 14.99
CA TYR A 2 5.11 16.46 14.21
C TYR A 2 3.77 16.64 13.52
N GLU A 3 3.75 16.45 12.16
CA GLU A 3 2.60 16.59 11.27
C GLU A 3 1.61 15.41 11.33
N GLU A 4 0.99 15.18 12.52
CA GLU A 4 0.02 14.12 12.86
C GLU A 4 0.60 12.70 12.91
N PHE A 5 1.27 12.27 11.81
CA PHE A 5 1.96 11.01 11.71
C PHE A 5 2.95 11.14 10.57
N ARG A 6 4.21 10.75 10.85
CA ARG A 6 5.27 10.67 9.85
C ARG A 6 6.28 9.67 10.40
N ASP A 7 6.24 8.40 9.95
CA ASP A 7 7.19 7.37 10.41
C ASP A 7 8.05 6.99 9.21
N VAL A 8 9.26 6.39 9.42
CA VAL A 8 10.11 5.96 8.30
C VAL A 8 9.83 4.48 8.11
N ILE A 9 9.25 4.14 6.94
CA ILE A 9 8.68 2.87 6.53
C ILE A 9 9.60 2.19 5.49
N THR A 10 9.53 0.83 5.36
CA THR A 10 10.38 0.06 4.42
C THR A 10 9.49 -0.70 3.45
N PHE A 11 9.50 -0.32 2.13
CA PHE A 11 8.65 -0.95 1.11
C PHE A 11 9.37 -1.86 0.09
N GLN A 12 8.79 -3.09 -0.13
CA GLN A 12 9.18 -4.06 -1.16
C GLN A 12 7.94 -4.37 -2.05
N SER A 13 8.18 -4.91 -3.30
CA SER A 13 7.18 -5.29 -4.33
C SER A 13 7.28 -6.78 -4.71
N TYR A 14 6.12 -7.38 -5.09
CA TYR A 14 6.02 -8.74 -5.59
C TYR A 14 5.44 -8.66 -7.01
N VAL A 15 6.21 -9.12 -8.03
CA VAL A 15 5.77 -9.17 -9.42
C VAL A 15 5.59 -10.65 -9.74
N GLU A 16 4.36 -11.07 -10.08
CA GLU A 16 4.03 -12.45 -10.44
C GLU A 16 3.22 -12.32 -11.72
N GLN A 17 3.60 -13.05 -12.80
CA GLN A 17 2.98 -12.88 -14.09
C GLN A 17 3.44 -14.01 -14.99
N SER A 18 2.67 -14.35 -16.06
CA SER A 18 2.99 -15.40 -17.05
C SER A 18 3.56 -14.74 -18.31
N ASN A 19 4.63 -15.31 -18.89
CA ASN A 19 5.38 -14.71 -20.00
C ASN A 19 5.30 -15.60 -21.25
N GLY A 20 4.15 -16.29 -21.41
CA GLY A 20 3.85 -17.23 -22.49
C GLY A 20 3.30 -18.51 -21.93
N GLU A 21 4.00 -19.04 -20.90
CA GLU A 21 3.68 -20.25 -20.16
C GLU A 21 4.48 -20.11 -18.87
N GLY A 22 4.39 -21.09 -17.92
CA GLY A 22 5.15 -21.10 -16.67
C GLY A 22 4.24 -21.20 -15.48
N GLY A 23 3.42 -20.14 -15.24
CA GLY A 23 2.46 -20.07 -14.13
C GLY A 23 3.04 -19.54 -12.85
N LYS A 24 3.89 -20.34 -12.15
CA LYS A 24 4.54 -20.00 -10.88
C LYS A 24 5.96 -19.46 -11.06
N THR A 25 6.10 -18.30 -11.75
CA THR A 25 7.38 -17.62 -12.00
C THR A 25 7.14 -16.19 -11.59
N TYR A 26 7.85 -15.78 -10.52
CA TYR A 26 7.75 -14.49 -9.90
C TYR A 26 9.13 -13.93 -9.62
N LYS A 27 9.15 -12.62 -9.31
CA LYS A 27 10.30 -11.85 -8.87
C LYS A 27 9.89 -10.93 -7.72
N TRP A 28 10.74 -10.92 -6.66
CA TRP A 28 10.70 -10.11 -5.46
C TRP A 28 11.85 -9.09 -5.57
N VAL A 29 11.54 -7.76 -5.51
CA VAL A 29 12.55 -6.70 -5.56
C VAL A 29 12.32 -5.76 -4.38
N ASP A 30 13.30 -4.85 -4.07
CA ASP A 30 13.21 -3.81 -3.03
C ASP A 30 12.79 -2.52 -3.72
N GLU A 31 11.83 -1.73 -3.15
CA GLU A 31 11.30 -0.56 -3.83
C GLU A 31 11.95 0.73 -3.35
N PHE A 32 11.67 1.12 -2.08
CA PHE A 32 12.17 2.35 -1.48
C PHE A 32 11.96 2.23 0.03
N THR A 33 12.44 3.24 0.79
CA THR A 33 12.17 3.39 2.21
C THR A 33 11.89 4.87 2.35
N ALA A 34 10.81 5.25 3.04
CA ALA A 34 10.39 6.67 3.10
C ALA A 34 9.54 7.07 4.29
N ALA A 35 9.42 8.40 4.53
CA ALA A 35 8.62 9.03 5.57
C ALA A 35 7.14 9.10 5.12
N ALA A 36 6.24 8.48 5.92
CA ALA A 36 4.90 8.12 5.49
C ALA A 36 4.02 7.68 6.64
N HIS A 37 2.71 7.50 6.31
CA HIS A 37 1.72 6.81 7.11
C HIS A 37 1.04 5.79 6.20
N VAL A 38 1.08 4.45 6.54
CA VAL A 38 0.34 3.36 5.88
C VAL A 38 -0.75 3.01 6.92
N GLN A 39 -2.03 3.45 6.75
CA GLN A 39 -3.11 3.31 7.72
C GLN A 39 -4.23 2.38 7.24
N PRO A 40 -4.87 1.45 7.97
CA PRO A 40 -6.00 0.64 7.48
C PRO A 40 -7.31 1.43 7.27
N ILE A 41 -8.25 0.96 6.38
CA ILE A 41 -9.63 1.47 6.14
C ILE A 41 -10.56 1.29 7.36
N SER A 42 -10.18 2.01 8.44
CA SER A 42 -10.65 2.09 9.82
C SER A 42 -12.12 2.40 10.03
N GLN A 43 -12.94 1.33 10.24
CA GLN A 43 -14.39 1.36 10.49
C GLN A 43 -14.71 1.32 11.99
N GLU A 44 -16.00 1.56 12.38
CA GLU A 44 -16.47 1.70 13.76
C GLU A 44 -17.15 0.44 14.32
N GLU A 45 -17.09 -0.69 13.57
CA GLU A 45 -17.60 -2.04 13.85
C GLU A 45 -19.12 -2.25 13.96
N TYR A 46 -19.84 -1.32 14.65
CA TYR A 46 -21.29 -1.30 14.93
C TYR A 46 -22.20 -1.04 13.72
N TYR A 47 -21.64 -0.59 12.57
CA TYR A 47 -22.35 -0.39 11.32
C TYR A 47 -21.50 -1.07 10.27
N LYS A 48 -22.17 -1.58 9.20
CA LYS A 48 -21.64 -2.41 8.12
C LYS A 48 -21.51 -3.87 8.55
N ALA A 49 -22.40 -4.34 9.46
CA ALA A 49 -22.45 -5.70 10.01
C ALA A 49 -23.54 -6.53 9.34
N GLN A 50 -23.92 -6.13 8.11
CA GLN A 50 -24.92 -6.72 7.22
C GLN A 50 -24.27 -7.64 6.19
N GLN A 51 -23.39 -8.52 6.67
CA GLN A 51 -22.57 -9.42 5.89
C GLN A 51 -22.01 -10.43 6.87
N LEU A 52 -21.34 -11.49 6.36
CA LEU A 52 -20.64 -12.50 7.15
C LEU A 52 -19.21 -12.55 6.62
N GLN A 53 -18.55 -11.36 6.59
CA GLN A 53 -17.23 -11.13 6.02
C GLN A 53 -16.79 -9.77 6.56
N THR A 54 -15.53 -9.31 6.30
CA THR A 54 -15.04 -7.97 6.62
C THR A 54 -14.47 -7.46 5.31
N PRO A 55 -14.60 -6.17 4.92
CA PRO A 55 -13.76 -5.57 3.89
C PRO A 55 -12.40 -5.21 4.54
N ILE A 56 -11.30 -5.40 3.79
CA ILE A 56 -9.96 -5.11 4.27
C ILE A 56 -9.26 -4.32 3.20
N GLY A 57 -8.37 -3.37 3.57
CA GLY A 57 -7.66 -2.54 2.63
C GLY A 57 -6.88 -1.54 3.39
N TYR A 58 -6.14 -0.66 2.68
CA TYR A 58 -5.34 0.38 3.28
C TYR A 58 -5.59 1.67 2.56
N ASN A 59 -5.34 2.74 3.36
CA ASN A 59 -5.34 4.12 2.94
C ASN A 59 -3.99 4.64 3.42
N ILE A 60 -3.16 5.09 2.47
CA ILE A 60 -1.76 5.43 2.71
C ILE A 60 -1.43 6.77 2.07
N TYR A 61 -0.51 7.55 2.74
CA TYR A 61 0.09 8.76 2.24
C TYR A 61 1.61 8.52 2.34
N THR A 62 2.33 8.77 1.23
CA THR A 62 3.80 8.74 1.15
C THR A 62 4.15 9.93 0.23
N PRO A 63 5.24 10.74 0.32
CA PRO A 63 5.57 11.81 -0.63
C PRO A 63 6.10 11.24 -1.97
N TYR A 64 5.68 11.87 -3.11
CA TYR A 64 5.87 11.66 -4.56
C TYR A 64 6.06 10.27 -5.22
N ASP A 65 6.09 9.20 -4.40
CA ASP A 65 6.17 7.77 -4.75
C ASP A 65 4.80 7.08 -4.59
N ASP A 66 4.11 6.74 -5.71
CA ASP A 66 2.83 6.02 -5.78
C ASP A 66 3.04 4.50 -5.81
N ARG A 67 3.89 4.03 -4.88
CA ARG A 67 4.41 2.68 -4.71
C ARG A 67 3.72 1.92 -3.60
N ILE A 68 3.55 2.47 -2.35
CA ILE A 68 2.74 2.06 -1.21
C ILE A 68 2.02 0.70 -1.18
N ASP A 69 0.83 0.67 -1.81
CA ASP A 69 0.04 -0.51 -2.13
C ASP A 69 -0.17 -0.48 -3.65
N LYS A 70 0.45 -1.44 -4.40
CA LYS A 70 0.42 -1.56 -5.85
C LYS A 70 1.15 -2.88 -6.23
N LYS A 71 0.88 -3.99 -5.49
CA LYS A 71 1.56 -5.30 -5.51
C LYS A 71 2.82 -5.21 -4.66
N MET A 72 2.57 -4.82 -3.38
CA MET A 72 3.58 -4.48 -2.39
C MET A 72 3.37 -5.27 -1.11
N ARG A 73 4.50 -5.34 -0.38
CA ARG A 73 4.68 -5.89 0.95
C ARG A 73 5.26 -4.72 1.68
N VAL A 74 4.71 -4.37 2.85
CA VAL A 74 5.21 -3.25 3.62
C VAL A 74 5.39 -3.68 5.05
N ILE A 75 6.49 -3.10 5.63
CA ILE A 75 6.76 -3.11 7.05
C ILE A 75 6.41 -1.67 7.42
N TYR A 76 5.24 -1.47 8.09
CA TYR A 76 4.69 -0.23 8.60
C TYR A 76 5.01 -0.21 10.09
N ARG A 77 6.18 0.37 10.49
CA ARG A 77 6.66 0.48 11.88
C ARG A 77 6.89 -0.85 12.65
N GLY A 78 7.31 -1.92 11.91
CA GLY A 78 7.49 -3.29 12.39
C GLY A 78 6.29 -4.20 12.22
N LYS A 79 5.24 -3.76 11.49
CA LYS A 79 4.01 -4.49 11.23
C LYS A 79 3.99 -4.92 9.75
N ILE A 80 3.93 -6.27 9.50
CA ILE A 80 3.97 -6.88 8.18
C ILE A 80 2.59 -7.24 7.60
N VAL A 81 2.20 -6.54 6.49
CA VAL A 81 0.98 -6.77 5.71
C VAL A 81 1.31 -6.86 4.20
N THR A 82 0.53 -7.64 3.40
CA THR A 82 0.63 -7.83 1.95
C THR A 82 -0.70 -7.42 1.34
N PHE A 83 -0.64 -6.72 0.18
CA PHE A 83 -1.80 -6.13 -0.47
C PHE A 83 -1.61 -5.69 -1.94
N ILE A 84 -2.73 -5.66 -2.72
CA ILE A 84 -2.81 -5.17 -4.11
C ILE A 84 -3.71 -3.93 -4.08
N GLY A 85 -3.24 -2.73 -4.51
CA GLY A 85 -4.01 -1.48 -4.46
C GLY A 85 -3.86 -0.67 -5.72
N ASP A 86 -4.56 0.49 -5.78
CA ASP A 86 -4.56 1.43 -6.91
C ASP A 86 -4.13 2.80 -6.39
N PRO A 87 -2.87 3.25 -6.49
CA PRO A 87 -2.41 4.55 -6.01
C PRO A 87 -2.57 5.67 -7.06
N VAL A 88 -2.67 6.95 -6.61
CA VAL A 88 -2.89 8.14 -7.42
C VAL A 88 -1.84 9.22 -7.12
N ASP A 89 -1.18 9.78 -8.18
CA ASP A 89 -0.26 10.91 -8.16
C ASP A 89 -1.00 12.15 -8.66
N LEU A 90 -0.87 13.33 -7.99
CA LEU A 90 -1.53 14.58 -8.41
C LEU A 90 -0.65 15.43 -9.33
N SER A 91 0.69 15.32 -9.21
CA SER A 91 1.72 15.91 -10.08
C SER A 91 1.87 17.44 -10.16
N GLY A 92 1.67 18.23 -9.08
CA GLY A 92 1.83 19.68 -9.29
C GLY A 92 1.68 20.45 -8.03
N LEU A 93 0.46 20.98 -7.76
CA LEU A 93 0.12 21.77 -6.58
C LEU A 93 -0.23 20.90 -5.38
N GLN A 94 0.76 20.07 -4.98
CA GLN A 94 0.81 19.04 -3.93
C GLN A 94 1.68 17.92 -4.47
N GLU A 95 2.75 17.50 -3.71
CA GLU A 95 3.67 16.43 -4.08
C GLU A 95 3.45 15.17 -3.24
N ILE A 96 2.19 14.94 -2.79
CA ILE A 96 1.79 13.74 -2.04
C ILE A 96 1.07 12.78 -2.99
N THR A 97 1.55 11.52 -3.01
CA THR A 97 1.02 10.37 -3.71
C THR A 97 0.23 9.56 -2.70
N ARG A 98 -1.08 9.37 -3.00
CA ARG A 98 -2.06 8.76 -2.13
C ARG A 98 -2.73 7.58 -2.81
N ILE A 99 -2.92 6.50 -2.02
CA ILE A 99 -3.74 5.34 -2.37
C ILE A 99 -4.91 5.33 -1.42
N LYS A 100 -6.12 5.13 -1.97
CA LYS A 100 -7.35 4.93 -1.26
C LYS A 100 -7.87 3.66 -1.90
N GLY A 101 -7.83 2.50 -1.17
CA GLY A 101 -8.16 1.21 -1.74
C GLY A 101 -8.79 0.29 -0.74
N LYS A 102 -9.49 -0.76 -1.24
CA LYS A 102 -10.07 -1.80 -0.43
C LYS A 102 -10.19 -3.07 -1.24
N GLU A 103 -10.26 -4.23 -0.56
CA GLU A 103 -10.43 -5.57 -1.09
C GLU A 103 -11.59 -6.24 -0.35
N ASP A 104 -12.41 -7.04 -1.07
CA ASP A 104 -13.51 -7.79 -0.50
C ASP A 104 -13.71 -8.97 -1.43
N GLY A 105 -14.45 -10.03 -0.99
CA GLY A 105 -14.67 -11.27 -1.74
C GLY A 105 -16.08 -11.41 -2.23
N ALA A 106 -16.67 -10.30 -2.74
CA ALA A 106 -18.03 -10.22 -3.23
C ALA A 106 -18.08 -9.83 -4.70
N TYR A 107 -17.07 -10.28 -5.50
CA TYR A 107 -16.98 -10.08 -6.94
C TYR A 107 -16.78 -11.46 -7.57
N VAL A 108 -17.60 -12.42 -7.07
CA VAL A 108 -17.60 -13.85 -7.41
C VAL A 108 -18.71 -14.22 -8.39
N GLY A 109 -19.28 -13.22 -9.09
CA GLY A 109 -20.32 -13.42 -10.08
C GLY A 109 -20.58 -12.10 -10.78
N MET A 1 16.88 14.99 6.28
CA MET A 1 16.24 16.24 6.04
C MET A 1 14.81 15.97 5.62
N TYR A 2 14.63 15.29 4.46
CA TYR A 2 13.36 14.96 3.84
C TYR A 2 12.64 13.74 4.42
N GLU A 3 12.28 13.86 5.73
CA GLU A 3 11.53 12.90 6.51
C GLU A 3 10.12 13.44 6.62
N GLU A 4 9.25 13.11 5.63
CA GLU A 4 7.89 13.62 5.45
C GLU A 4 6.78 12.98 6.28
N PHE A 5 7.19 12.19 7.32
CA PHE A 5 6.35 11.54 8.29
C PHE A 5 7.32 11.14 9.40
N ARG A 6 6.78 10.62 10.54
CA ARG A 6 7.45 10.15 11.74
C ARG A 6 8.07 8.76 11.62
N ASP A 7 7.62 7.90 10.65
CA ASP A 7 8.22 6.58 10.46
C ASP A 7 8.73 6.38 9.03
N VAL A 8 9.89 5.66 8.94
CA VAL A 8 10.56 5.26 7.70
C VAL A 8 10.12 3.82 7.45
N ILE A 9 9.40 3.60 6.32
CA ILE A 9 8.70 2.38 5.96
C ILE A 9 9.50 1.59 4.93
N THR A 10 9.33 0.22 4.88
CA THR A 10 10.03 -0.61 3.89
C THR A 10 9.01 -1.20 2.93
N PHE A 11 9.08 -0.81 1.62
CA PHE A 11 8.19 -1.30 0.57
C PHE A 11 8.93 -2.28 -0.32
N GLN A 12 8.39 -3.53 -0.46
CA GLN A 12 8.98 -4.64 -1.21
C GLN A 12 7.93 -5.26 -2.13
N SER A 13 8.35 -5.75 -3.33
CA SER A 13 7.49 -6.35 -4.35
C SER A 13 7.85 -7.82 -4.61
N TYR A 14 6.96 -8.52 -5.36
CA TYR A 14 7.11 -9.88 -5.85
C TYR A 14 7.08 -9.75 -7.37
N VAL A 15 8.13 -10.23 -8.08
CA VAL A 15 8.30 -10.14 -9.52
C VAL A 15 8.15 -11.53 -10.12
N GLU A 16 7.37 -11.62 -11.24
CA GLU A 16 7.06 -12.86 -11.96
C GLU A 16 7.72 -12.88 -13.34
N GLN A 17 8.16 -14.11 -13.79
CA GLN A 17 8.69 -14.39 -15.13
C GLN A 17 7.62 -15.03 -16.02
N SER A 18 6.35 -14.93 -15.58
CA SER A 18 5.08 -15.40 -16.14
C SER A 18 4.54 -16.59 -15.36
N ASN A 19 3.86 -17.53 -16.07
CA ASN A 19 3.26 -18.72 -15.49
C ASN A 19 3.47 -19.89 -16.45
N GLY A 20 4.74 -20.11 -16.89
CA GLY A 20 5.10 -21.19 -17.80
C GLY A 20 5.92 -20.69 -18.95
N GLU A 21 5.84 -21.41 -20.11
CA GLU A 21 6.47 -21.14 -21.42
C GLU A 21 8.01 -21.07 -21.50
N GLY A 22 8.60 -20.06 -20.83
CA GLY A 22 10.03 -19.85 -20.74
C GLY A 22 10.37 -19.11 -19.48
N GLY A 23 9.47 -19.17 -18.47
CA GLY A 23 9.67 -18.47 -17.21
C GLY A 23 8.86 -19.08 -16.10
N LYS A 24 9.55 -19.91 -15.27
CA LYS A 24 9.01 -20.56 -14.09
C LYS A 24 10.01 -20.27 -12.98
N THR A 25 10.16 -18.97 -12.61
CA THR A 25 11.07 -18.52 -11.56
C THR A 25 10.46 -17.23 -11.08
N TYR A 26 10.45 -17.03 -9.73
CA TYR A 26 9.83 -15.91 -9.04
C TYR A 26 10.85 -15.42 -8.03
N LYS A 27 10.82 -14.10 -7.72
CA LYS A 27 11.79 -13.47 -6.84
C LYS A 27 11.17 -12.34 -6.00
N TRP A 28 11.65 -12.22 -4.74
CA TRP A 28 11.32 -11.24 -3.72
C TRP A 28 12.48 -10.23 -3.67
N VAL A 29 12.14 -8.93 -3.89
CA VAL A 29 13.08 -7.82 -4.01
C VAL A 29 12.52 -6.61 -3.27
N ASP A 30 13.33 -5.54 -3.05
CA ASP A 30 12.92 -4.26 -2.44
C ASP A 30 12.46 -3.33 -3.55
N GLU A 31 11.45 -2.44 -3.30
CA GLU A 31 10.93 -1.49 -4.27
C GLU A 31 11.59 -0.14 -4.03
N PHE A 32 11.45 0.35 -2.77
CA PHE A 32 12.01 1.61 -2.31
C PHE A 32 11.92 1.55 -0.79
N THR A 33 12.51 2.56 -0.10
CA THR A 33 12.41 2.73 1.34
C THR A 33 12.10 4.21 1.48
N ALA A 34 11.10 4.59 2.30
CA ALA A 34 10.74 6.02 2.37
C ALA A 34 10.03 6.48 3.63
N ALA A 35 9.98 7.82 3.87
CA ALA A 35 9.21 8.44 4.95
C ALA A 35 7.77 8.61 4.47
N ALA A 36 6.85 7.89 5.14
CA ALA A 36 5.54 7.69 4.57
C ALA A 36 4.63 7.14 5.62
N HIS A 37 3.32 7.48 5.66
CA HIS A 37 2.41 6.83 6.57
C HIS A 37 1.43 5.97 5.76
N VAL A 38 1.53 4.61 5.90
CA VAL A 38 0.61 3.57 5.44
C VAL A 38 -0.21 3.36 6.72
N GLN A 39 -1.56 3.45 6.65
CA GLN A 39 -2.48 3.42 7.79
C GLN A 39 -3.63 2.43 7.49
N PRO A 40 -4.05 1.42 8.30
CA PRO A 40 -5.21 0.54 8.03
C PRO A 40 -6.56 1.26 8.19
N ILE A 41 -7.55 1.00 7.30
CA ILE A 41 -8.93 1.53 7.24
C ILE A 41 -9.12 3.05 7.18
N SER A 42 -8.43 3.84 8.06
CA SER A 42 -8.38 5.31 8.14
C SER A 42 -9.66 5.92 8.73
N GLN A 43 -10.37 5.12 9.57
CA GLN A 43 -11.67 5.37 10.14
C GLN A 43 -11.77 6.36 11.29
N GLU A 44 -11.76 7.66 10.94
CA GLU A 44 -12.03 8.79 11.83
C GLU A 44 -13.47 9.22 11.57
N GLU A 45 -13.76 9.62 10.32
CA GLU A 45 -15.07 9.99 9.82
C GLU A 45 -14.98 9.68 8.34
N TYR A 46 -14.84 8.38 7.99
CA TYR A 46 -14.67 7.93 6.61
C TYR A 46 -16.00 7.47 6.01
N TYR A 47 -16.56 6.34 6.52
CA TYR A 47 -17.82 5.76 6.14
C TYR A 47 -18.35 5.15 7.42
N LYS A 48 -19.60 4.65 7.40
CA LYS A 48 -20.25 3.88 8.47
C LYS A 48 -19.91 2.39 8.26
N ALA A 49 -18.60 2.08 8.45
CA ALA A 49 -17.93 0.82 8.23
C ALA A 49 -17.79 0.00 9.49
N GLN A 50 -18.53 0.39 10.56
CA GLN A 50 -18.61 -0.19 11.91
C GLN A 50 -19.13 -1.63 12.02
N GLN A 51 -18.30 -2.59 11.52
CA GLN A 51 -18.49 -4.04 11.45
C GLN A 51 -19.18 -4.43 10.15
N LEU A 52 -18.97 -3.62 9.08
CA LEU A 52 -19.56 -3.74 7.75
C LEU A 52 -18.89 -4.79 6.87
N GLN A 53 -17.59 -5.07 7.12
CA GLN A 53 -16.83 -6.05 6.40
C GLN A 53 -15.72 -6.54 7.29
N THR A 54 -14.82 -7.36 6.69
CA THR A 54 -13.53 -7.83 7.17
C THR A 54 -12.50 -6.85 6.61
N PRO A 55 -11.79 -5.96 7.34
CA PRO A 55 -10.91 -4.94 6.73
C PRO A 55 -9.60 -5.46 6.11
N ILE A 56 -9.30 -5.10 4.85
CA ILE A 56 -8.04 -5.41 4.17
C ILE A 56 -7.82 -4.19 3.29
N GLY A 57 -8.15 -2.99 3.85
CA GLY A 57 -8.12 -1.73 3.13
C GLY A 57 -7.23 -0.75 3.81
N TYR A 58 -6.51 0.00 2.96
CA TYR A 58 -5.51 0.97 3.37
C TYR A 58 -5.82 2.28 2.69
N ASN A 59 -5.57 3.34 3.48
CA ASN A 59 -5.70 4.71 3.01
C ASN A 59 -4.50 5.41 3.60
N ILE A 60 -3.71 6.00 2.68
CA ILE A 60 -2.36 6.47 2.90
C ILE A 60 -2.16 7.94 2.53
N TYR A 61 -1.24 8.61 3.28
CA TYR A 61 -0.72 9.94 2.98
C TYR A 61 0.80 9.71 2.81
N THR A 62 1.37 9.90 1.58
CA THR A 62 2.80 9.66 1.35
C THR A 62 3.35 10.76 0.41
N PRO A 63 4.64 11.23 0.44
CA PRO A 63 5.22 12.16 -0.56
C PRO A 63 5.43 11.47 -1.93
N TYR A 64 5.00 12.14 -3.04
CA TYR A 64 4.93 11.89 -4.49
C TYR A 64 5.16 10.50 -5.12
N ASP A 65 5.09 9.44 -4.30
CA ASP A 65 5.27 8.02 -4.63
C ASP A 65 3.92 7.37 -4.87
N ASP A 66 3.87 6.51 -5.93
CA ASP A 66 2.70 5.82 -6.45
C ASP A 66 2.87 4.29 -6.37
N ARG A 67 3.74 3.79 -5.47
CA ARG A 67 4.06 2.36 -5.36
C ARG A 67 3.33 1.59 -4.27
N ILE A 68 3.20 2.14 -3.01
CA ILE A 68 2.59 1.73 -1.74
C ILE A 68 1.69 0.52 -1.78
N ASP A 69 0.49 0.67 -2.41
CA ASP A 69 -0.35 -0.45 -2.76
C ASP A 69 -0.82 -0.27 -4.21
N LYS A 70 -0.34 -1.21 -5.06
CA LYS A 70 -0.63 -1.35 -6.48
C LYS A 70 -0.03 -2.72 -6.81
N LYS A 71 -0.27 -3.72 -5.91
CA LYS A 71 0.25 -5.10 -5.90
C LYS A 71 1.64 -5.12 -5.22
N MET A 72 1.65 -5.17 -3.86
CA MET A 72 2.88 -4.95 -3.12
C MET A 72 2.73 -5.58 -1.74
N ARG A 73 3.86 -5.75 -1.00
CA ARG A 73 3.87 -6.08 0.41
C ARG A 73 4.55 -4.92 1.11
N VAL A 74 4.14 -4.62 2.35
CA VAL A 74 4.72 -3.57 3.13
C VAL A 74 4.87 -4.08 4.53
N ILE A 75 5.91 -3.53 5.21
CA ILE A 75 6.06 -3.62 6.63
C ILE A 75 6.09 -2.14 7.00
N TYR A 76 4.96 -1.63 7.60
CA TYR A 76 4.81 -0.26 8.05
C TYR A 76 4.84 -0.19 9.57
N ARG A 77 6.00 0.22 10.17
CA ARG A 77 6.25 0.30 11.63
C ARG A 77 6.13 -1.05 12.38
N GLY A 78 6.50 -2.16 11.67
CA GLY A 78 6.42 -3.54 12.15
C GLY A 78 5.14 -4.31 11.86
N LYS A 79 4.26 -3.81 10.95
CA LYS A 79 3.01 -4.47 10.59
C LYS A 79 3.14 -5.04 9.17
N ILE A 80 3.20 -6.40 9.02
CA ILE A 80 3.36 -7.11 7.75
C ILE A 80 2.00 -7.44 7.15
N VAL A 81 1.65 -6.74 6.04
CA VAL A 81 0.42 -6.90 5.30
C VAL A 81 0.72 -7.03 3.80
N THR A 82 -0.13 -7.76 3.04
CA THR A 82 -0.13 -7.91 1.58
C THR A 82 -1.42 -7.24 1.17
N PHE A 83 -1.33 -6.35 0.15
CA PHE A 83 -2.43 -5.48 -0.23
C PHE A 83 -2.35 -4.98 -1.68
N ILE A 84 -3.48 -4.41 -2.17
CA ILE A 84 -3.66 -3.84 -3.51
C ILE A 84 -4.33 -2.47 -3.39
N GLY A 85 -4.27 -1.64 -4.47
CA GLY A 85 -4.86 -0.31 -4.50
C GLY A 85 -4.64 0.42 -5.79
N ASP A 86 -4.92 1.77 -5.81
CA ASP A 86 -4.74 2.67 -6.95
C ASP A 86 -4.35 4.10 -6.50
N PRO A 87 -3.39 4.84 -7.15
CA PRO A 87 -2.97 6.19 -6.77
C PRO A 87 -3.53 7.32 -7.67
N VAL A 88 -3.85 8.50 -7.06
CA VAL A 88 -4.29 9.73 -7.73
C VAL A 88 -3.45 10.86 -7.14
N ASP A 89 -2.96 11.85 -7.94
CA ASP A 89 -2.17 12.99 -7.45
C ASP A 89 -3.07 14.20 -7.18
N LEU A 90 -3.41 14.38 -5.88
CA LEU A 90 -4.31 15.40 -5.36
C LEU A 90 -3.63 16.67 -4.87
N SER A 91 -2.35 16.64 -4.40
CA SER A 91 -1.66 17.85 -3.91
C SER A 91 -0.60 18.34 -4.87
N GLY A 92 -0.75 19.62 -5.33
CA GLY A 92 0.21 20.38 -6.13
C GLY A 92 0.75 21.59 -5.40
N LEU A 93 0.31 21.78 -4.11
CA LEU A 93 0.69 22.85 -3.18
C LEU A 93 1.95 22.47 -2.39
N GLN A 94 2.22 21.15 -2.37
CA GLN A 94 3.31 20.45 -1.76
C GLN A 94 3.21 19.11 -2.46
N GLU A 95 4.32 18.35 -2.58
CA GLU A 95 4.45 17.11 -3.34
C GLU A 95 3.90 15.86 -2.69
N ILE A 96 2.57 15.86 -2.38
CA ILE A 96 1.87 14.75 -1.74
C ILE A 96 0.99 14.00 -2.73
N THR A 97 1.13 12.65 -2.73
CA THR A 97 0.25 11.74 -3.48
C THR A 97 -0.53 10.91 -2.46
N ARG A 98 -1.83 10.73 -2.84
CA ARG A 98 -2.91 10.07 -2.15
C ARG A 98 -3.09 8.69 -2.73
N ILE A 99 -2.94 7.66 -1.86
CA ILE A 99 -3.04 6.26 -2.22
C ILE A 99 -4.24 5.73 -1.46
N LYS A 100 -5.17 5.08 -2.21
CA LYS A 100 -6.41 4.48 -1.79
C LYS A 100 -6.42 3.07 -2.31
N GLY A 101 -6.45 2.06 -1.42
CA GLY A 101 -6.53 0.67 -1.84
C GLY A 101 -7.31 -0.13 -0.87
N LYS A 102 -8.38 -0.82 -1.32
CA LYS A 102 -9.24 -1.61 -0.46
C LYS A 102 -9.91 -2.62 -1.37
N GLU A 103 -10.42 -3.75 -0.80
CA GLU A 103 -11.14 -4.78 -1.53
C GLU A 103 -12.50 -4.92 -0.85
N ASP A 104 -13.58 -4.48 -1.56
CA ASP A 104 -14.96 -4.51 -1.07
C ASP A 104 -15.84 -4.47 -2.32
N GLY A 105 -15.37 -5.17 -3.38
CA GLY A 105 -15.92 -5.21 -4.71
C GLY A 105 -14.89 -5.91 -5.53
N ALA A 106 -15.10 -6.02 -6.86
CA ALA A 106 -14.18 -6.68 -7.78
C ALA A 106 -14.44 -6.13 -9.18
N TYR A 107 -13.83 -6.72 -10.24
CA TYR A 107 -13.98 -6.26 -11.62
C TYR A 107 -13.85 -7.45 -12.55
N VAL A 108 -12.70 -8.16 -12.48
CA VAL A 108 -12.39 -9.32 -13.29
C VAL A 108 -11.84 -10.36 -12.33
N GLY A 109 -12.44 -11.57 -12.30
CA GLY A 109 -12.05 -12.64 -11.39
C GLY A 109 -13.14 -13.67 -11.38
N MET A 1 -5.53 18.10 17.17
CA MET A 1 -5.04 18.99 16.14
C MET A 1 -3.54 18.93 16.10
N TYR A 2 -2.94 17.96 16.82
CA TYR A 2 -1.50 17.72 16.91
C TYR A 2 -1.25 16.21 16.75
N GLU A 3 -1.62 15.67 15.57
CA GLU A 3 -1.46 14.27 15.21
C GLU A 3 -0.71 14.22 13.89
N GLU A 4 0.48 13.54 13.86
CA GLU A 4 1.29 13.45 12.67
C GLU A 4 2.07 12.15 12.75
N PHE A 5 2.33 11.54 11.57
CA PHE A 5 3.10 10.32 11.40
C PHE A 5 4.00 10.57 10.19
N ARG A 6 5.32 10.72 10.47
CA ARG A 6 6.35 10.98 9.48
C ARG A 6 7.53 10.06 9.79
N ASP A 7 7.24 8.74 9.97
CA ASP A 7 8.23 7.70 10.26
C ASP A 7 8.66 7.05 8.96
N VAL A 8 9.83 6.36 8.92
CA VAL A 8 10.42 5.83 7.69
C VAL A 8 10.04 4.37 7.49
N ILE A 9 9.29 4.12 6.39
CA ILE A 9 8.63 2.87 6.00
C ILE A 9 9.41 2.16 4.89
N THR A 10 9.22 0.81 4.70
CA THR A 10 9.88 -0.02 3.68
C THR A 10 8.81 -0.65 2.81
N PHE A 11 8.80 -0.26 1.51
CA PHE A 11 7.83 -0.69 0.51
C PHE A 11 8.45 -1.74 -0.43
N GLN A 12 7.74 -2.88 -0.68
CA GLN A 12 8.23 -4.04 -1.40
C GLN A 12 7.30 -4.53 -2.53
N SER A 13 7.91 -5.10 -3.62
CA SER A 13 7.28 -5.58 -4.84
C SER A 13 7.56 -7.06 -5.18
N TYR A 14 6.64 -7.68 -5.98
CA TYR A 14 6.69 -9.08 -6.43
C TYR A 14 6.78 -9.13 -7.96
N VAL A 15 7.75 -9.89 -8.55
CA VAL A 15 7.92 -10.01 -9.99
C VAL A 15 7.98 -11.48 -10.37
N GLU A 16 7.52 -11.79 -11.62
CA GLU A 16 7.49 -13.11 -12.23
C GLU A 16 8.17 -13.04 -13.59
N GLN A 17 7.46 -12.74 -14.71
CA GLN A 17 7.98 -12.58 -16.07
C GLN A 17 8.61 -13.81 -16.81
N SER A 18 9.61 -14.50 -16.17
CA SER A 18 10.43 -15.65 -16.61
C SER A 18 11.82 -15.22 -17.08
N ASN A 19 11.95 -13.89 -17.35
CA ASN A 19 13.11 -13.14 -17.85
C ASN A 19 13.62 -13.56 -19.23
N GLY A 20 12.71 -14.09 -20.09
CA GLY A 20 12.96 -14.57 -21.45
C GLY A 20 12.94 -16.09 -21.55
N GLU A 21 12.11 -16.77 -20.71
CA GLU A 21 11.92 -18.23 -20.61
C GLU A 21 13.06 -18.96 -19.89
N GLY A 22 13.78 -18.26 -18.97
CA GLY A 22 14.99 -18.75 -18.30
C GLY A 22 14.82 -19.09 -16.84
N GLY A 23 14.02 -18.29 -16.11
CA GLY A 23 13.79 -18.46 -14.68
C GLY A 23 12.34 -18.37 -14.40
N LYS A 24 11.58 -19.46 -14.71
CA LYS A 24 10.13 -19.59 -14.54
C LYS A 24 9.73 -19.93 -13.11
N THR A 25 9.86 -18.92 -12.23
CA THR A 25 9.57 -18.96 -10.81
C THR A 25 9.25 -17.52 -10.40
N TYR A 26 9.17 -17.21 -9.09
CA TYR A 26 8.85 -15.92 -8.53
C TYR A 26 9.90 -15.49 -7.52
N LYS A 27 10.05 -14.14 -7.38
CA LYS A 27 11.00 -13.49 -6.49
C LYS A 27 10.36 -12.29 -5.82
N TRP A 28 10.81 -11.97 -4.57
CA TRP A 28 10.44 -10.86 -3.75
C TRP A 28 11.71 -9.98 -3.62
N VAL A 29 11.60 -8.66 -3.94
CA VAL A 29 12.67 -7.68 -3.89
C VAL A 29 12.04 -6.43 -3.31
N ASP A 30 12.84 -5.47 -2.77
CA ASP A 30 12.39 -4.17 -2.22
C ASP A 30 12.20 -3.13 -3.32
N GLU A 31 11.22 -2.20 -3.18
CA GLU A 31 10.86 -1.19 -4.17
C GLU A 31 11.51 0.15 -3.87
N PHE A 32 11.22 0.70 -2.67
CA PHE A 32 11.70 1.99 -2.22
C PHE A 32 11.49 2.00 -0.71
N THR A 33 11.98 3.05 -0.03
CA THR A 33 11.79 3.26 1.41
C THR A 33 11.49 4.75 1.50
N ALA A 34 10.44 5.14 2.25
CA ALA A 34 10.10 6.57 2.35
C ALA A 34 9.43 6.91 3.66
N ALA A 35 9.46 8.21 4.10
CA ALA A 35 8.81 8.67 5.32
C ALA A 35 7.33 8.94 5.04
N ALA A 36 6.43 8.14 5.65
CA ALA A 36 5.06 8.08 5.21
C ALA A 36 4.24 7.38 6.25
N HIS A 37 2.89 7.41 6.07
CA HIS A 37 1.93 6.70 6.87
C HIS A 37 1.12 5.82 5.92
N VAL A 38 1.32 4.47 5.95
CA VAL A 38 0.66 3.51 5.05
C VAL A 38 -0.28 2.78 6.02
N GLN A 39 -1.58 3.16 6.15
CA GLN A 39 -2.41 2.76 7.29
C GLN A 39 -3.57 1.81 6.98
N PRO A 40 -3.91 0.77 7.79
CA PRO A 40 -5.14 0.00 7.62
C PRO A 40 -6.42 0.78 8.02
N ILE A 41 -7.51 0.47 7.29
CA ILE A 41 -8.91 0.86 7.48
C ILE A 41 -9.29 2.28 7.12
N SER A 42 -10.30 2.41 6.20
CA SER A 42 -10.91 3.60 5.62
C SER A 42 -11.98 4.19 6.53
N GLN A 43 -11.56 4.56 7.77
CA GLN A 43 -12.38 5.15 8.82
C GLN A 43 -12.14 6.65 8.89
N GLU A 44 -10.87 7.05 9.16
CA GLU A 44 -10.40 8.43 9.32
C GLU A 44 -10.22 9.21 8.00
N GLU A 45 -9.83 8.47 6.93
CA GLU A 45 -9.58 8.98 5.60
C GLU A 45 -10.73 8.51 4.72
N TYR A 46 -11.66 9.43 4.31
CA TYR A 46 -12.83 9.12 3.49
C TYR A 46 -12.54 9.06 1.99
N TYR A 47 -11.77 10.06 1.47
CA TYR A 47 -11.39 10.25 0.06
C TYR A 47 -12.56 10.78 -0.78
N LYS A 48 -13.40 9.83 -1.23
CA LYS A 48 -14.56 9.99 -2.06
C LYS A 48 -15.21 8.62 -1.91
N ALA A 49 -16.53 8.49 -2.11
CA ALA A 49 -17.26 7.22 -1.98
C ALA A 49 -17.57 6.52 -3.29
N GLN A 50 -17.15 7.13 -4.44
CA GLN A 50 -17.31 6.69 -5.83
C GLN A 50 -18.76 6.62 -6.34
N GLN A 51 -19.46 5.52 -6.01
CA GLN A 51 -20.85 5.26 -6.31
C GLN A 51 -21.35 4.24 -5.29
N LEU A 52 -20.76 3.03 -5.30
CA LEU A 52 -21.08 1.93 -4.40
C LEU A 52 -19.75 1.34 -3.95
N GLN A 53 -19.07 1.98 -2.98
CA GLN A 53 -17.76 1.60 -2.46
C GLN A 53 -17.86 0.93 -1.10
N THR A 54 -17.21 -0.25 -0.99
CA THR A 54 -17.13 -1.13 0.18
C THR A 54 -16.09 -0.72 1.23
N PRO A 55 -16.38 -0.62 2.55
CA PRO A 55 -15.37 -0.41 3.59
C PRO A 55 -14.59 -1.71 3.91
N ILE A 56 -13.24 -1.61 4.01
CA ILE A 56 -12.19 -2.61 4.28
C ILE A 56 -11.05 -2.45 3.27
N GLY A 57 -9.91 -1.87 3.72
CA GLY A 57 -8.75 -1.66 2.85
C GLY A 57 -7.57 -1.01 3.55
N TYR A 58 -6.56 -0.58 2.73
CA TYR A 58 -5.37 0.17 3.14
C TYR A 58 -5.50 1.58 2.57
N ASN A 59 -5.26 2.63 3.38
CA ASN A 59 -5.30 4.05 2.98
C ASN A 59 -4.04 4.73 3.45
N ILE A 60 -3.32 5.37 2.50
CA ILE A 60 -2.00 5.93 2.69
C ILE A 60 -1.94 7.42 2.41
N TYR A 61 -1.11 8.15 3.22
CA TYR A 61 -0.69 9.52 2.98
C TYR A 61 0.86 9.41 2.95
N THR A 62 1.49 9.64 1.77
CA THR A 62 2.95 9.53 1.58
C THR A 62 3.46 10.65 0.69
N PRO A 63 4.77 11.05 0.67
CA PRO A 63 5.37 11.86 -0.40
C PRO A 63 5.47 11.08 -1.74
N TYR A 64 5.35 11.83 -2.87
CA TYR A 64 5.31 11.58 -4.33
C TYR A 64 5.61 10.21 -5.00
N ASP A 65 5.36 9.09 -4.30
CA ASP A 65 5.49 7.73 -4.78
C ASP A 65 4.10 7.16 -5.09
N ASP A 66 3.93 6.42 -6.22
CA ASP A 66 2.67 5.83 -6.66
C ASP A 66 2.71 4.30 -6.64
N ARG A 67 3.59 3.70 -5.79
CA ARG A 67 3.84 2.26 -5.76
C ARG A 67 3.18 1.48 -4.64
N ILE A 68 3.12 2.00 -3.37
CA ILE A 68 2.60 1.56 -2.10
C ILE A 68 1.69 0.35 -2.05
N ASP A 69 0.46 0.50 -2.61
CA ASP A 69 -0.49 -0.58 -2.81
C ASP A 69 -0.78 -0.53 -4.31
N LYS A 70 -0.33 -1.54 -5.07
CA LYS A 70 -0.52 -1.63 -6.51
C LYS A 70 0.03 -2.99 -6.92
N LYS A 71 -0.24 -4.03 -6.07
CA LYS A 71 0.29 -5.41 -6.08
C LYS A 71 1.63 -5.39 -5.35
N MET A 72 1.57 -5.27 -3.99
CA MET A 72 2.74 -5.02 -3.18
C MET A 72 2.54 -5.61 -1.80
N ARG A 73 3.61 -5.44 -0.98
CA ARG A 73 3.72 -5.76 0.42
C ARG A 73 4.42 -4.56 1.04
N VAL A 74 3.95 -4.05 2.20
CA VAL A 74 4.60 -2.94 2.89
C VAL A 74 4.80 -3.38 4.31
N ILE A 75 5.99 -2.97 4.84
CA ILE A 75 6.38 -3.07 6.22
C ILE A 75 6.17 -1.64 6.69
N TYR A 76 5.08 -1.45 7.47
CA TYR A 76 4.58 -0.25 8.07
C TYR A 76 4.98 -0.27 9.54
N ARG A 77 6.15 0.31 9.91
CA ARG A 77 6.72 0.41 11.27
C ARG A 77 6.94 -0.92 12.03
N GLY A 78 7.29 -1.98 11.25
CA GLY A 78 7.43 -3.37 11.70
C GLY A 78 6.21 -4.25 11.57
N LYS A 79 5.08 -3.75 10.98
CA LYS A 79 3.87 -4.53 10.72
C LYS A 79 3.82 -4.82 9.24
N ILE A 80 3.63 -6.10 8.84
CA ILE A 80 3.67 -6.56 7.46
C ILE A 80 2.31 -7.05 6.98
N VAL A 81 1.78 -6.36 5.92
CA VAL A 81 0.47 -6.65 5.28
C VAL A 81 0.67 -6.73 3.75
N THR A 82 -0.06 -7.65 3.04
CA THR A 82 -0.10 -7.88 1.56
C THR A 82 -1.45 -7.40 1.06
N PHE A 83 -1.46 -6.64 -0.07
CA PHE A 83 -2.64 -5.94 -0.57
C PHE A 83 -2.51 -5.40 -2.01
N ILE A 84 -3.65 -4.88 -2.54
CA ILE A 84 -3.82 -4.24 -3.85
C ILE A 84 -4.44 -2.83 -3.67
N GLY A 85 -4.23 -1.92 -4.66
CA GLY A 85 -4.82 -0.58 -4.65
C GLY A 85 -4.64 0.16 -5.95
N ASP A 86 -4.94 1.50 -5.95
CA ASP A 86 -4.84 2.45 -7.07
C ASP A 86 -4.32 3.83 -6.57
N PRO A 87 -3.30 4.50 -7.19
CA PRO A 87 -2.70 5.76 -6.70
C PRO A 87 -3.15 7.02 -7.46
N VAL A 88 -3.33 8.18 -6.75
CA VAL A 88 -3.60 9.50 -7.34
C VAL A 88 -2.65 10.52 -6.68
N ASP A 89 -2.09 11.47 -7.46
CA ASP A 89 -1.17 12.50 -6.99
C ASP A 89 -1.82 13.86 -6.79
N LEU A 90 -1.41 14.65 -5.75
CA LEU A 90 -1.82 16.06 -5.58
C LEU A 90 -0.77 16.97 -6.21
N SER A 91 0.47 16.46 -6.40
CA SER A 91 1.57 17.10 -7.12
C SER A 91 2.38 18.18 -6.39
N GLY A 92 1.75 19.28 -5.93
CA GLY A 92 2.45 20.44 -5.35
C GLY A 92 2.55 20.50 -3.83
N LEU A 93 2.93 21.70 -3.32
CA LEU A 93 3.10 22.13 -1.92
C LEU A 93 4.12 21.37 -1.07
N GLN A 94 3.82 20.09 -0.79
CA GLN A 94 4.63 19.17 -0.02
C GLN A 94 5.18 18.07 -0.92
N GLU A 95 4.58 17.91 -2.15
CA GLU A 95 4.87 16.88 -3.17
C GLU A 95 4.27 15.55 -2.71
N ILE A 96 2.92 15.48 -2.62
CA ILE A 96 2.23 14.34 -2.00
C ILE A 96 1.33 13.56 -2.96
N THR A 97 1.43 12.20 -2.83
CA THR A 97 0.64 11.20 -3.53
C THR A 97 -0.16 10.52 -2.45
N ARG A 98 -1.45 10.21 -2.77
CA ARG A 98 -2.36 9.50 -1.90
C ARG A 98 -2.78 8.25 -2.64
N ILE A 99 -2.80 7.15 -1.87
CA ILE A 99 -3.08 5.83 -2.39
C ILE A 99 -4.22 5.31 -1.57
N LYS A 100 -5.21 4.70 -2.25
CA LYS A 100 -6.32 3.99 -1.65
C LYS A 100 -6.35 2.63 -2.30
N GLY A 101 -6.40 1.60 -1.43
CA GLY A 101 -6.48 0.18 -1.78
C GLY A 101 -7.61 -0.39 -1.02
N LYS A 102 -8.13 -1.57 -1.43
CA LYS A 102 -9.28 -2.16 -0.75
C LYS A 102 -9.34 -3.64 -1.02
N GLU A 103 -10.18 -4.36 -0.22
CA GLU A 103 -10.37 -5.81 -0.33
C GLU A 103 -11.83 -6.11 -0.63
N ASP A 104 -12.09 -6.99 -1.62
CA ASP A 104 -13.43 -7.41 -2.03
C ASP A 104 -13.27 -8.81 -2.58
N GLY A 105 -14.40 -9.49 -2.95
CA GLY A 105 -14.42 -10.85 -3.51
C GLY A 105 -14.44 -10.88 -5.02
N ALA A 106 -13.80 -11.91 -5.61
CA ALA A 106 -13.70 -12.14 -7.04
C ALA A 106 -13.24 -13.60 -7.18
N TYR A 107 -13.12 -14.10 -8.44
CA TYR A 107 -12.69 -15.45 -8.75
C TYR A 107 -12.08 -15.36 -10.15
N VAL A 108 -11.44 -16.45 -10.64
CA VAL A 108 -10.79 -16.57 -11.95
C VAL A 108 -11.70 -17.31 -12.95
N GLY A 109 -12.95 -16.80 -13.09
CA GLY A 109 -13.95 -17.36 -13.99
C GLY A 109 -15.23 -16.61 -13.81
N MET A 1 12.10 18.23 13.82
CA MET A 1 11.00 18.49 12.91
C MET A 1 9.79 18.88 13.72
N TYR A 2 9.85 18.68 15.06
CA TYR A 2 8.86 18.98 16.09
C TYR A 2 7.64 18.03 16.11
N GLU A 3 6.96 17.88 14.95
CA GLU A 3 5.76 17.07 14.75
C GLU A 3 6.09 15.70 14.16
N GLU A 4 5.26 14.67 14.49
CA GLU A 4 5.38 13.29 14.01
C GLU A 4 4.18 12.97 13.15
N PHE A 5 4.38 12.14 12.10
CA PHE A 5 3.36 11.72 11.14
C PHE A 5 2.91 10.27 11.35
N ARG A 6 3.87 9.31 11.32
CA ARG A 6 3.63 7.88 11.40
C ARG A 6 4.95 7.14 11.49
N ASP A 7 5.52 6.64 10.36
CA ASP A 7 6.72 5.78 10.40
C ASP A 7 7.61 5.88 9.15
N VAL A 8 8.81 5.24 9.24
CA VAL A 8 9.79 5.03 8.16
C VAL A 8 9.65 3.54 7.80
N ILE A 9 9.22 3.24 6.56
CA ILE A 9 8.78 1.91 6.12
C ILE A 9 9.69 1.27 5.08
N THR A 10 9.58 -0.08 4.91
CA THR A 10 10.25 -0.92 3.91
C THR A 10 9.25 -1.31 2.83
N PHE A 11 9.41 -0.82 1.57
CA PHE A 11 8.47 -1.16 0.49
C PHE A 11 9.10 -2.06 -0.58
N GLN A 12 8.47 -3.24 -0.88
CA GLN A 12 8.94 -4.23 -1.84
C GLN A 12 7.91 -4.54 -2.93
N SER A 13 8.38 -4.88 -4.15
CA SER A 13 7.61 -5.29 -5.34
C SER A 13 7.91 -6.76 -5.73
N TYR A 14 7.08 -7.40 -6.61
CA TYR A 14 7.22 -8.79 -7.05
C TYR A 14 7.87 -8.83 -8.43
N VAL A 15 9.06 -9.48 -8.52
CA VAL A 15 9.88 -9.60 -9.72
C VAL A 15 10.19 -11.06 -9.97
N GLU A 16 10.37 -11.40 -11.29
CA GLU A 16 10.73 -12.71 -11.81
C GLU A 16 12.11 -12.60 -12.45
N GLN A 17 13.02 -13.56 -12.12
CA GLN A 17 14.39 -13.61 -12.57
C GLN A 17 14.72 -14.98 -13.15
N SER A 18 16.00 -15.21 -13.55
CA SER A 18 16.56 -16.49 -14.02
C SER A 18 16.44 -16.71 -15.53
N ASN A 19 15.20 -16.74 -16.07
CA ASN A 19 14.93 -16.97 -17.47
C ASN A 19 13.60 -16.27 -17.79
N GLY A 20 13.04 -16.54 -18.99
CA GLY A 20 11.71 -16.12 -19.44
C GLY A 20 10.73 -17.28 -19.36
N GLU A 21 11.20 -18.51 -19.65
CA GLU A 21 10.36 -19.71 -19.58
C GLU A 21 11.25 -20.94 -19.52
N GLY A 22 12.01 -21.14 -18.41
CA GLY A 22 12.89 -22.31 -18.35
C GLY A 22 13.80 -22.24 -17.16
N GLY A 23 13.30 -22.67 -15.96
CA GLY A 23 14.01 -22.61 -14.69
C GLY A 23 13.86 -21.26 -14.06
N LYS A 24 12.66 -20.96 -13.51
CA LYS A 24 12.32 -19.64 -13.02
C LYS A 24 12.05 -19.70 -11.53
N THR A 25 12.42 -18.64 -10.79
CA THR A 25 12.16 -18.52 -9.37
C THR A 25 11.81 -17.06 -9.17
N TYR A 26 10.79 -16.79 -8.33
CA TYR A 26 10.24 -15.47 -8.04
C TYR A 26 10.52 -15.11 -6.59
N LYS A 27 10.68 -13.80 -6.35
CA LYS A 27 11.04 -13.28 -5.03
C LYS A 27 10.49 -11.87 -4.92
N TRP A 28 10.36 -11.36 -3.66
CA TRP A 28 9.95 -10.03 -3.25
C TRP A 28 11.22 -9.23 -2.98
N VAL A 29 11.49 -8.19 -3.80
CA VAL A 29 12.70 -7.38 -3.79
C VAL A 29 12.27 -5.94 -3.50
N ASP A 30 13.14 -5.11 -2.86
CA ASP A 30 12.92 -3.72 -2.48
C ASP A 30 12.72 -2.74 -3.64
N GLU A 31 11.74 -1.82 -3.50
CA GLU A 31 11.32 -0.80 -4.43
C GLU A 31 11.91 0.53 -3.97
N PHE A 32 11.79 0.77 -2.64
CA PHE A 32 12.25 1.97 -1.98
C PHE A 32 12.08 1.65 -0.51
N THR A 33 12.49 2.58 0.38
CA THR A 33 12.19 2.52 1.81
C THR A 33 11.95 3.99 2.04
N ALA A 34 10.85 4.37 2.71
CA ALA A 34 10.54 5.78 2.85
C ALA A 34 9.61 6.12 3.99
N ALA A 35 9.59 7.45 4.30
CA ALA A 35 8.74 8.13 5.25
C ALA A 35 7.38 8.43 4.61
N ALA A 36 6.33 7.78 5.15
CA ALA A 36 5.01 7.86 4.54
C ALA A 36 4.05 7.65 5.68
N HIS A 37 2.77 8.07 5.50
CA HIS A 37 1.77 7.70 6.47
C HIS A 37 1.00 6.61 5.76
N VAL A 38 1.27 5.35 6.18
CA VAL A 38 0.70 4.08 5.70
C VAL A 38 -0.10 3.74 6.98
N GLN A 39 -1.46 3.70 6.96
CA GLN A 39 -2.26 3.36 8.15
C GLN A 39 -3.45 2.48 7.76
N PRO A 40 -3.85 1.43 8.56
CA PRO A 40 -5.13 0.75 8.44
C PRO A 40 -6.23 1.70 8.96
N ILE A 41 -7.35 1.84 8.23
CA ILE A 41 -8.45 2.78 8.52
C ILE A 41 -9.30 2.47 9.77
N SER A 42 -9.65 3.53 10.56
CA SER A 42 -10.40 3.57 11.81
C SER A 42 -11.85 3.07 11.88
N GLN A 43 -12.39 2.40 10.82
CA GLN A 43 -13.70 1.76 10.78
C GLN A 43 -13.56 0.28 10.53
N GLU A 44 -12.31 -0.29 10.62
CA GLU A 44 -11.97 -1.68 10.33
C GLU A 44 -12.48 -2.77 11.27
N GLU A 45 -12.87 -2.40 12.51
CA GLU A 45 -13.32 -3.34 13.54
C GLU A 45 -14.59 -2.87 14.24
N TYR A 46 -14.77 -1.52 14.44
CA TYR A 46 -15.89 -0.91 15.14
C TYR A 46 -17.14 -0.75 14.29
N TYR A 47 -16.94 -0.25 13.03
CA TYR A 47 -17.93 -0.01 11.97
C TYR A 47 -18.81 1.23 12.18
N LYS A 48 -18.32 2.32 12.84
CA LYS A 48 -19.13 3.49 13.16
C LYS A 48 -18.72 4.70 12.34
N ALA A 49 -19.67 5.63 12.07
CA ALA A 49 -19.55 6.82 11.23
C ALA A 49 -19.13 8.10 11.96
N GLN A 50 -18.34 7.97 13.05
CA GLN A 50 -17.84 9.04 13.92
C GLN A 50 -16.74 9.96 13.31
N GLN A 51 -17.03 10.49 12.08
CA GLN A 51 -16.26 11.40 11.22
C GLN A 51 -15.14 10.74 10.40
N LEU A 52 -14.30 9.90 11.06
CA LEU A 52 -13.10 9.28 10.51
C LEU A 52 -13.31 7.92 9.83
N GLN A 53 -14.04 7.89 8.68
CA GLN A 53 -14.26 6.65 7.92
C GLN A 53 -14.12 6.77 6.41
N THR A 54 -13.40 5.77 5.85
CA THR A 54 -13.20 5.42 4.43
C THR A 54 -13.48 3.90 4.51
N PRO A 55 -13.75 3.02 3.54
CA PRO A 55 -14.05 1.62 3.82
C PRO A 55 -12.80 0.75 4.10
N ILE A 56 -12.99 -0.36 4.87
CA ILE A 56 -12.08 -1.43 5.38
C ILE A 56 -10.94 -1.86 4.46
N GLY A 57 -9.68 -1.62 4.89
CA GLY A 57 -8.55 -1.70 3.95
C GLY A 57 -7.44 -0.85 4.47
N TYR A 58 -6.56 -0.37 3.55
CA TYR A 58 -5.50 0.56 3.88
C TYR A 58 -5.83 1.95 3.34
N ASN A 59 -5.44 2.93 4.17
CA ASN A 59 -5.53 4.36 3.95
C ASN A 59 -4.08 4.83 3.93
N ILE A 60 -3.60 5.43 2.80
CA ILE A 60 -2.19 5.73 2.65
C ILE A 60 -1.96 6.95 1.76
N TYR A 61 -1.12 7.90 2.25
CA TYR A 61 -0.59 9.05 1.53
C TYR A 61 0.94 9.00 1.70
N THR A 62 1.64 9.45 0.63
CA THR A 62 3.11 9.43 0.49
C THR A 62 3.49 10.78 -0.12
N PRO A 63 4.72 11.34 0.08
CA PRO A 63 5.26 12.40 -0.79
C PRO A 63 5.63 11.78 -2.18
N TYR A 64 5.12 12.34 -3.30
CA TYR A 64 5.16 12.02 -4.75
C TYR A 64 5.53 10.64 -5.34
N ASP A 65 5.45 9.57 -4.52
CA ASP A 65 5.68 8.17 -4.89
C ASP A 65 4.34 7.46 -5.02
N ASP A 66 4.11 6.75 -6.15
CA ASP A 66 2.89 5.97 -6.43
C ASP A 66 3.22 4.49 -6.27
N ARG A 67 4.07 4.18 -5.26
CA ARG A 67 4.72 2.91 -5.03
C ARG A 67 4.12 2.03 -3.94
N ILE A 68 3.82 2.53 -2.67
CA ILE A 68 3.15 1.93 -1.51
C ILE A 68 2.33 0.63 -1.68
N ASP A 69 1.18 0.74 -2.34
CA ASP A 69 0.40 -0.40 -2.86
C ASP A 69 -0.02 -0.14 -4.30
N LYS A 70 0.55 -0.93 -5.22
CA LYS A 70 0.36 -0.90 -6.67
C LYS A 70 1.11 -2.13 -7.17
N LYS A 71 0.74 -3.34 -6.62
CA LYS A 71 1.35 -4.67 -6.77
C LYS A 71 2.54 -4.82 -5.82
N MET A 72 2.27 -4.75 -4.48
CA MET A 72 3.32 -4.69 -3.49
C MET A 72 3.04 -5.59 -2.30
N ARG A 73 4.15 -5.84 -1.57
CA ARG A 73 4.25 -6.50 -0.27
C ARG A 73 5.09 -5.52 0.51
N VAL A 74 4.57 -5.05 1.66
CA VAL A 74 5.22 -4.05 2.48
C VAL A 74 5.30 -4.56 3.89
N ILE A 75 6.34 -4.05 4.60
CA ILE A 75 6.48 -4.20 6.02
C ILE A 75 6.42 -2.75 6.49
N TYR A 76 5.27 -2.35 7.09
CA TYR A 76 5.02 -1.06 7.70
C TYR A 76 4.91 -1.39 9.19
N ARG A 77 5.73 -0.71 10.05
CA ARG A 77 5.82 -0.80 11.52
C ARG A 77 5.92 -2.22 12.13
N GLY A 78 6.56 -3.16 11.38
CA GLY A 78 6.69 -4.57 11.69
C GLY A 78 5.53 -5.47 11.27
N LYS A 79 4.56 -4.98 10.46
CA LYS A 79 3.39 -5.73 10.01
C LYS A 79 3.52 -6.02 8.53
N ILE A 80 3.41 -7.33 8.13
CA ILE A 80 3.53 -7.79 6.75
C ILE A 80 2.14 -7.98 6.14
N VAL A 81 1.82 -7.22 5.07
CA VAL A 81 0.57 -7.28 4.30
C VAL A 81 0.89 -7.34 2.80
N THR A 82 -0.02 -7.96 1.99
CA THR A 82 0.05 -8.07 0.52
C THR A 82 -1.26 -7.47 0.00
N PHE A 83 -1.16 -6.60 -1.02
CA PHE A 83 -2.26 -5.80 -1.53
C PHE A 83 -1.92 -5.11 -2.85
N ILE A 84 -2.97 -4.68 -3.61
CA ILE A 84 -2.79 -3.96 -4.87
C ILE A 84 -3.73 -2.75 -4.85
N GLY A 85 -3.21 -1.54 -5.21
CA GLY A 85 -3.98 -0.29 -5.25
C GLY A 85 -3.81 0.47 -6.55
N ASP A 86 -4.39 1.70 -6.63
CA ASP A 86 -4.35 2.61 -7.76
C ASP A 86 -4.05 4.05 -7.27
N PRO A 87 -2.78 4.47 -7.04
CA PRO A 87 -2.42 5.75 -6.41
C PRO A 87 -2.58 6.99 -7.30
N VAL A 88 -3.19 8.09 -6.78
CA VAL A 88 -3.41 9.33 -7.50
C VAL A 88 -2.64 10.50 -6.88
N ASP A 89 -2.04 11.38 -7.71
CA ASP A 89 -1.30 12.58 -7.34
C ASP A 89 -2.20 13.80 -7.19
N LEU A 90 -1.80 14.80 -6.36
CA LEU A 90 -2.57 16.01 -6.10
C LEU A 90 -2.28 17.15 -7.08
N SER A 91 -1.02 17.36 -7.53
CA SER A 91 -0.71 18.51 -8.37
C SER A 91 0.69 18.39 -8.96
N GLY A 92 1.23 19.55 -9.39
CA GLY A 92 2.63 19.82 -9.72
C GLY A 92 3.10 21.03 -8.94
N LEU A 93 2.58 21.18 -7.70
CA LEU A 93 2.86 22.28 -6.78
C LEU A 93 3.14 21.73 -5.39
N GLN A 94 2.18 20.93 -4.86
CA GLN A 94 2.17 20.29 -3.56
C GLN A 94 2.26 18.79 -3.84
N GLU A 95 3.52 18.28 -3.80
CA GLU A 95 4.05 16.95 -4.13
C GLU A 95 3.59 15.77 -3.27
N ILE A 96 2.25 15.55 -3.25
CA ILE A 96 1.54 14.51 -2.53
C ILE A 96 0.84 13.57 -3.50
N THR A 97 1.06 12.24 -3.29
CA THR A 97 0.38 11.11 -3.93
C THR A 97 -0.43 10.38 -2.85
N ARG A 98 -1.73 10.13 -3.11
CA ARG A 98 -2.65 9.50 -2.16
C ARG A 98 -3.31 8.28 -2.76
N ILE A 99 -3.42 7.20 -1.96
CA ILE A 99 -4.10 5.97 -2.35
C ILE A 99 -5.07 5.65 -1.23
N LYS A 100 -6.38 5.50 -1.58
CA LYS A 100 -7.42 5.06 -0.65
C LYS A 100 -7.99 3.82 -1.32
N GLY A 101 -8.03 2.68 -0.60
CA GLY A 101 -8.47 1.40 -1.17
C GLY A 101 -9.26 0.64 -0.16
N LYS A 102 -10.24 -0.18 -0.61
CA LYS A 102 -11.14 -0.97 0.21
C LYS A 102 -11.04 -2.41 -0.25
N GLU A 103 -10.97 -3.37 0.71
CA GLU A 103 -10.81 -4.80 0.47
C GLU A 103 -11.92 -5.53 1.19
N ASP A 104 -12.85 -6.18 0.44
CA ASP A 104 -13.99 -6.89 1.02
C ASP A 104 -14.10 -8.19 0.26
N GLY A 105 -14.03 -9.36 0.98
CA GLY A 105 -14.14 -10.72 0.43
C GLY A 105 -13.00 -11.17 -0.48
N ALA A 106 -13.33 -11.44 -1.77
CA ALA A 106 -12.40 -11.86 -2.79
C ALA A 106 -12.47 -10.92 -3.98
N TYR A 107 -12.55 -9.59 -3.69
CA TYR A 107 -12.65 -8.45 -4.61
C TYR A 107 -14.09 -8.26 -5.10
N VAL A 108 -15.05 -8.18 -4.13
CA VAL A 108 -16.49 -8.05 -4.39
C VAL A 108 -16.92 -6.63 -4.06
N GLY A 109 -17.01 -5.74 -5.08
CA GLY A 109 -17.32 -4.32 -4.92
C GLY A 109 -16.08 -3.46 -5.02
N MET A 1 10.37 19.62 8.64
CA MET A 1 9.50 20.71 9.00
C MET A 1 8.27 20.67 8.13
N TYR A 2 8.16 19.62 7.28
CA TYR A 2 7.09 19.40 6.32
C TYR A 2 6.56 18.00 6.54
N GLU A 3 6.28 17.22 5.46
CA GLU A 3 5.80 15.84 5.54
C GLU A 3 6.92 14.79 5.71
N GLU A 4 7.68 14.91 6.82
CA GLU A 4 8.73 13.99 7.27
C GLU A 4 8.15 13.39 8.54
N PHE A 5 7.55 12.18 8.42
CA PHE A 5 6.79 11.52 9.47
C PHE A 5 7.58 10.58 10.39
N ARG A 6 6.94 10.30 11.55
CA ARG A 6 7.30 9.46 12.68
C ARG A 6 7.58 7.99 12.38
N ASP A 7 6.97 7.41 11.30
CA ASP A 7 7.30 6.06 10.89
C ASP A 7 7.87 6.10 9.49
N VAL A 8 9.02 5.40 9.31
CA VAL A 8 9.77 5.23 8.07
C VAL A 8 9.51 3.80 7.68
N ILE A 9 8.83 3.62 6.53
CA ILE A 9 8.23 2.38 6.08
C ILE A 9 9.09 1.69 5.01
N THR A 10 8.91 0.35 4.81
CA THR A 10 9.66 -0.47 3.86
C THR A 10 8.68 -1.05 2.84
N PHE A 11 8.75 -0.54 1.59
CA PHE A 11 7.85 -0.91 0.48
C PHE A 11 8.50 -1.89 -0.51
N GLN A 12 7.80 -3.03 -0.87
CA GLN A 12 8.35 -4.10 -1.70
C GLN A 12 7.36 -4.67 -2.72
N SER A 13 7.85 -5.53 -3.68
CA SER A 13 7.05 -6.09 -4.77
C SER A 13 7.43 -7.55 -5.05
N TYR A 14 6.57 -8.27 -5.82
CA TYR A 14 6.75 -9.64 -6.27
C TYR A 14 6.67 -9.57 -7.79
N VAL A 15 7.69 -10.14 -8.50
CA VAL A 15 7.83 -10.12 -9.95
C VAL A 15 8.30 -11.50 -10.43
N GLU A 16 7.81 -11.94 -11.63
CA GLU A 16 8.15 -13.22 -12.29
C GLU A 16 8.84 -13.00 -13.64
N GLN A 17 9.43 -11.79 -13.78
CA GLN A 17 10.13 -11.24 -14.94
C GLN A 17 11.62 -11.47 -14.78
N SER A 18 12.07 -12.58 -15.40
CA SER A 18 13.44 -13.11 -15.42
C SER A 18 14.09 -12.83 -16.78
N ASN A 19 13.32 -12.15 -17.67
CA ASN A 19 13.54 -11.80 -19.08
C ASN A 19 12.68 -12.72 -19.95
N GLY A 20 12.69 -12.48 -21.30
CA GLY A 20 11.97 -13.24 -22.32
C GLY A 20 12.81 -14.33 -22.94
N GLU A 21 13.14 -15.32 -22.09
CA GLU A 21 13.93 -16.50 -22.36
C GLU A 21 13.45 -17.49 -21.32
N GLY A 22 13.57 -18.83 -21.58
CA GLY A 22 13.04 -19.94 -20.78
C GLY A 22 13.63 -20.25 -19.42
N GLY A 23 13.60 -19.23 -18.53
CA GLY A 23 14.05 -19.33 -17.14
C GLY A 23 13.13 -18.49 -16.31
N LYS A 24 11.80 -18.62 -16.55
CA LYS A 24 10.73 -17.87 -15.95
C LYS A 24 10.26 -18.43 -14.60
N THR A 25 10.87 -17.87 -13.53
CA THR A 25 10.56 -18.12 -12.14
C THR A 25 10.37 -16.77 -11.49
N TYR A 26 10.20 -16.72 -10.17
CA TYR A 26 9.88 -15.52 -9.39
C TYR A 26 10.86 -15.31 -8.25
N LYS A 27 10.92 -14.04 -7.77
CA LYS A 27 11.73 -13.56 -6.67
C LYS A 27 10.99 -12.40 -6.03
N TRP A 28 11.38 -12.05 -4.77
CA TRP A 28 10.94 -10.95 -3.97
C TRP A 28 12.09 -9.92 -3.99
N VAL A 29 11.72 -8.63 -4.22
CA VAL A 29 12.58 -7.47 -4.43
C VAL A 29 12.04 -6.32 -3.58
N ASP A 30 12.93 -5.39 -3.09
CA ASP A 30 12.60 -4.19 -2.33
C ASP A 30 12.52 -2.99 -3.28
N GLU A 31 11.49 -2.14 -3.12
CA GLU A 31 11.17 -1.03 -4.03
C GLU A 31 11.82 0.27 -3.60
N PHE A 32 11.54 0.69 -2.34
CA PHE A 32 12.04 1.94 -1.78
C PHE A 32 11.74 1.88 -0.30
N THR A 33 12.18 2.92 0.44
CA THR A 33 11.83 3.12 1.84
C THR A 33 11.52 4.60 1.95
N ALA A 34 10.40 4.93 2.61
CA ALA A 34 10.03 6.34 2.77
C ALA A 34 9.35 6.66 4.09
N ALA A 35 9.44 7.95 4.52
CA ALA A 35 8.78 8.54 5.67
C ALA A 35 7.39 8.91 5.18
N ALA A 36 6.38 8.24 5.76
CA ALA A 36 5.08 8.26 5.13
C ALA A 36 4.13 7.72 6.12
N HIS A 37 2.83 8.08 6.03
CA HIS A 37 1.79 7.48 6.85
C HIS A 37 1.18 6.40 5.96
N VAL A 38 1.43 5.09 6.25
CA VAL A 38 0.89 3.95 5.49
C VAL A 38 0.20 3.24 6.67
N GLN A 39 -1.14 3.43 6.85
CA GLN A 39 -1.85 3.01 8.07
C GLN A 39 -3.20 2.35 7.77
N PRO A 40 -3.72 1.45 8.65
CA PRO A 40 -4.99 0.71 8.47
C PRO A 40 -6.23 1.59 8.61
N ILE A 41 -7.26 1.32 7.74
CA ILE A 41 -8.59 1.91 7.56
C ILE A 41 -8.67 3.43 7.60
N SER A 42 -8.66 3.98 8.82
CA SER A 42 -8.63 5.41 9.10
C SER A 42 -8.28 5.56 10.56
N GLN A 43 -7.34 4.71 11.08
CA GLN A 43 -6.80 4.62 12.44
C GLN A 43 -7.77 4.48 13.61
N GLU A 44 -8.65 5.49 13.79
CA GLU A 44 -9.68 5.63 14.81
C GLU A 44 -11.00 5.11 14.26
N GLU A 45 -11.29 5.48 12.98
CA GLU A 45 -12.42 5.11 12.14
C GLU A 45 -13.64 6.01 12.22
N TYR A 46 -14.21 6.33 11.03
CA TYR A 46 -15.39 7.16 10.82
C TYR A 46 -16.72 6.38 10.84
N TYR A 47 -16.66 5.04 11.03
CA TYR A 47 -17.80 4.14 11.08
C TYR A 47 -17.22 2.82 11.57
N LYS A 48 -18.05 1.80 11.95
CA LYS A 48 -17.59 0.49 12.42
C LYS A 48 -17.16 -0.46 11.29
N ALA A 49 -15.97 -0.15 10.72
CA ALA A 49 -15.29 -0.76 9.59
C ALA A 49 -14.36 -1.94 9.91
N GLN A 50 -14.30 -2.32 11.22
CA GLN A 50 -13.50 -3.40 11.83
C GLN A 50 -12.14 -2.95 12.40
N GLN A 51 -12.02 -2.91 13.74
CA GLN A 51 -10.83 -2.51 14.48
C GLN A 51 -10.29 -3.61 15.39
N LEU A 52 -10.99 -4.78 15.46
CA LEU A 52 -10.67 -5.90 16.35
C LEU A 52 -10.16 -7.17 15.63
N GLN A 53 -10.60 -7.43 14.37
CA GLN A 53 -10.26 -8.62 13.59
C GLN A 53 -8.96 -8.47 12.81
N THR A 54 -9.00 -7.80 11.62
CA THR A 54 -7.84 -7.55 10.77
C THR A 54 -8.23 -6.37 9.87
N PRO A 55 -7.36 -5.43 9.42
CA PRO A 55 -7.76 -4.30 8.58
C PRO A 55 -7.95 -4.68 7.08
N ILE A 56 -9.16 -4.41 6.53
CA ILE A 56 -9.59 -4.71 5.16
C ILE A 56 -9.49 -3.52 4.21
N GLY A 57 -8.99 -2.37 4.72
CA GLY A 57 -8.83 -1.13 3.98
C GLY A 57 -7.63 -0.42 4.50
N TYR A 58 -6.94 0.32 3.60
CA TYR A 58 -5.79 1.17 3.91
C TYR A 58 -6.08 2.53 3.33
N ASN A 59 -5.62 3.56 4.09
CA ASN A 59 -5.68 4.96 3.69
C ASN A 59 -4.24 5.39 3.91
N ILE A 60 -3.62 5.87 2.81
CA ILE A 60 -2.18 6.06 2.74
C ILE A 60 -1.87 7.35 2.00
N TYR A 61 -1.06 8.22 2.67
CA TYR A 61 -0.49 9.44 2.09
C TYR A 61 1.01 9.39 2.40
N THR A 62 1.81 9.57 1.34
CA THR A 62 3.26 9.53 1.29
C THR A 62 3.70 10.66 0.36
N PRO A 63 4.94 11.23 0.39
CA PRO A 63 5.48 12.11 -0.67
C PRO A 63 5.81 11.29 -1.94
N TYR A 64 5.60 11.90 -3.13
CA TYR A 64 5.67 11.56 -4.56
C TYR A 64 5.95 10.17 -5.13
N ASP A 65 5.68 9.13 -4.32
CA ASP A 65 5.76 7.71 -4.64
C ASP A 65 4.37 7.16 -4.87
N ASP A 66 4.14 6.43 -5.99
CA ASP A 66 2.90 5.75 -6.39
C ASP A 66 3.08 4.24 -6.19
N ARG A 67 4.15 3.91 -5.41
CA ARG A 67 4.74 2.62 -5.19
C ARG A 67 4.37 1.86 -3.91
N ILE A 68 3.47 2.38 -3.03
CA ILE A 68 2.90 1.78 -1.86
C ILE A 68 1.95 0.60 -2.14
N ASP A 69 0.72 0.85 -2.65
CA ASP A 69 -0.29 -0.11 -2.98
C ASP A 69 -0.64 0.00 -4.46
N LYS A 70 -0.53 -1.13 -5.20
CA LYS A 70 -0.94 -1.27 -6.59
C LYS A 70 -1.46 -2.68 -6.63
N LYS A 71 -0.49 -3.60 -6.53
CA LYS A 71 -0.57 -5.04 -6.41
C LYS A 71 0.84 -5.31 -5.92
N MET A 72 1.06 -5.04 -4.60
CA MET A 72 2.36 -4.92 -3.95
C MET A 72 2.22 -5.37 -2.50
N ARG A 73 3.35 -5.29 -1.75
CA ARG A 73 3.43 -5.64 -0.34
C ARG A 73 4.07 -4.49 0.41
N VAL A 74 3.53 -4.13 1.60
CA VAL A 74 4.13 -3.11 2.45
C VAL A 74 4.25 -3.71 3.83
N ILE A 75 5.33 -3.28 4.53
CA ILE A 75 5.59 -3.57 5.92
C ILE A 75 5.69 -2.23 6.63
N TYR A 76 4.65 -1.98 7.49
CA TYR A 76 4.51 -0.86 8.43
C TYR A 76 5.03 -1.39 9.76
N ARG A 77 6.21 -0.88 10.25
CA ARG A 77 6.92 -1.26 11.49
C ARG A 77 7.12 -2.77 11.78
N GLY A 78 7.26 -3.61 10.73
CA GLY A 78 7.33 -5.08 10.81
C GLY A 78 6.01 -5.80 10.66
N LYS A 79 4.88 -5.09 10.35
CA LYS A 79 3.56 -5.70 10.15
C LYS A 79 3.29 -5.85 8.66
N ILE A 80 3.22 -7.14 8.23
CA ILE A 80 3.04 -7.68 6.89
C ILE A 80 1.59 -7.67 6.38
N VAL A 81 1.33 -6.86 5.32
CA VAL A 81 0.04 -6.81 4.62
C VAL A 81 0.33 -6.89 3.11
N THR A 82 -0.48 -7.69 2.36
CA THR A 82 -0.44 -7.90 0.91
C THR A 82 -1.79 -7.39 0.41
N PHE A 83 -1.75 -6.50 -0.63
CA PHE A 83 -2.94 -5.78 -1.07
C PHE A 83 -2.93 -5.25 -2.51
N ILE A 84 -4.19 -4.95 -2.98
CA ILE A 84 -4.54 -4.32 -4.25
C ILE A 84 -4.98 -2.87 -4.02
N GLY A 85 -4.51 -1.89 -4.86
CA GLY A 85 -4.91 -0.48 -4.72
C GLY A 85 -4.61 0.30 -5.96
N ASP A 86 -4.88 1.64 -5.99
CA ASP A 86 -4.65 2.49 -7.15
C ASP A 86 -4.37 3.94 -6.68
N PRO A 87 -3.29 4.64 -7.08
CA PRO A 87 -2.96 6.00 -6.64
C PRO A 87 -3.48 7.10 -7.56
N VAL A 88 -3.60 8.33 -6.98
CA VAL A 88 -3.92 9.59 -7.67
C VAL A 88 -2.87 10.62 -7.24
N ASP A 89 -2.29 11.41 -8.20
CA ASP A 89 -1.29 12.46 -7.94
C ASP A 89 -1.92 13.85 -8.00
N LEU A 90 -1.50 14.81 -7.13
CA LEU A 90 -2.05 16.17 -7.07
C LEU A 90 -1.42 17.13 -8.08
N SER A 91 -0.13 16.95 -8.44
CA SER A 91 0.62 17.71 -9.45
C SER A 91 0.96 19.15 -9.08
N GLY A 92 -0.06 20.05 -8.94
CA GLY A 92 0.08 21.45 -8.57
C GLY A 92 -0.10 21.67 -7.08
N LEU A 93 0.72 20.94 -6.30
CA LEU A 93 0.78 20.89 -4.85
C LEU A 93 2.13 20.29 -4.54
N GLN A 94 2.52 20.33 -3.24
CA GLN A 94 3.74 19.92 -2.52
C GLN A 94 4.45 18.56 -2.77
N GLU A 95 4.18 17.90 -3.94
CA GLU A 95 4.68 16.62 -4.38
C GLU A 95 4.09 15.48 -3.57
N ILE A 96 2.75 15.43 -3.43
CA ILE A 96 2.05 14.49 -2.59
C ILE A 96 1.23 13.52 -3.41
N THR A 97 1.44 12.21 -3.12
CA THR A 97 0.70 11.08 -3.68
C THR A 97 -0.17 10.57 -2.53
N ARG A 98 -1.49 10.48 -2.83
CA ARG A 98 -2.55 10.10 -1.91
C ARG A 98 -3.24 8.91 -2.55
N ILE A 99 -3.54 7.86 -1.77
CA ILE A 99 -4.05 6.63 -2.33
C ILE A 99 -4.98 5.98 -1.32
N LYS A 100 -6.01 5.28 -1.85
CA LYS A 100 -6.90 4.42 -1.11
C LYS A 100 -6.70 3.05 -1.77
N GLY A 101 -6.65 1.99 -0.93
CA GLY A 101 -6.52 0.59 -1.32
C GLY A 101 -7.28 -0.25 -0.33
N LYS A 102 -7.63 -1.50 -0.68
CA LYS A 102 -8.37 -2.40 0.21
C LYS A 102 -7.90 -3.81 0.00
N GLU A 103 -8.24 -4.72 0.94
CA GLU A 103 -8.00 -6.14 0.85
C GLU A 103 -9.34 -6.78 1.15
N ASP A 104 -9.95 -7.51 0.18
CA ASP A 104 -11.25 -8.16 0.35
C ASP A 104 -11.24 -9.29 -0.65
N GLY A 105 -12.32 -10.10 -0.68
CA GLY A 105 -12.50 -11.24 -1.57
C GLY A 105 -13.97 -11.49 -1.75
N ALA A 106 -14.35 -12.72 -2.18
CA ALA A 106 -15.72 -13.14 -2.42
C ALA A 106 -15.77 -14.65 -2.25
N TYR A 107 -16.96 -15.27 -2.50
CA TYR A 107 -17.19 -16.70 -2.40
C TYR A 107 -18.33 -16.98 -3.36
N VAL A 108 -18.60 -18.27 -3.73
CA VAL A 108 -19.68 -18.70 -4.61
C VAL A 108 -20.90 -19.14 -3.78
N GLY A 109 -21.48 -18.18 -3.04
CA GLY A 109 -22.62 -18.42 -2.17
C GLY A 109 -22.85 -17.21 -1.32
N MET A 1 -5.02 8.24 12.55
CA MET A 1 -6.18 8.62 13.34
C MET A 1 -5.70 9.50 14.49
N TYR A 2 -4.44 9.96 14.37
CA TYR A 2 -3.73 10.80 15.30
C TYR A 2 -2.58 11.37 14.49
N GLU A 3 -1.70 12.22 15.10
CA GLU A 3 -0.51 12.81 14.50
C GLU A 3 0.67 11.83 14.54
N GLU A 4 0.51 10.70 13.82
CA GLU A 4 1.40 9.56 13.78
C GLU A 4 1.79 9.19 12.36
N PHE A 5 1.44 10.02 11.33
CA PHE A 5 1.75 9.74 9.93
C PHE A 5 3.04 10.44 9.47
N ARG A 6 4.09 10.33 10.33
CA ARG A 6 5.42 10.88 10.17
C ARG A 6 6.46 9.81 10.54
N ASP A 7 6.27 8.56 10.05
CA ASP A 7 7.14 7.41 10.30
C ASP A 7 7.93 7.05 9.05
N VAL A 8 8.92 6.13 9.19
CA VAL A 8 9.73 5.57 8.10
C VAL A 8 9.07 4.23 7.73
N ILE A 9 8.84 3.98 6.40
CA ILE A 9 8.17 2.80 5.89
C ILE A 9 9.08 2.15 4.83
N THR A 10 8.95 0.80 4.68
CA THR A 10 9.75 0.01 3.73
C THR A 10 8.88 -0.70 2.71
N PHE A 11 8.93 -0.32 1.39
CA PHE A 11 8.15 -0.98 0.34
C PHE A 11 8.91 -1.99 -0.54
N GLN A 12 8.39 -3.26 -0.70
CA GLN A 12 8.91 -4.28 -1.60
C GLN A 12 7.81 -5.04 -2.36
N SER A 13 8.21 -5.86 -3.38
CA SER A 13 7.32 -6.73 -4.19
C SER A 13 7.95 -8.12 -4.46
N TYR A 14 7.11 -9.08 -4.97
CA TYR A 14 7.41 -10.45 -5.36
C TYR A 14 7.27 -10.44 -6.88
N VAL A 15 8.36 -10.71 -7.65
CA VAL A 15 8.37 -10.46 -9.10
C VAL A 15 8.60 -11.77 -9.83
N GLU A 16 7.93 -11.92 -11.02
CA GLU A 16 8.03 -13.07 -11.91
C GLU A 16 9.16 -12.92 -12.94
N GLN A 17 9.86 -14.04 -13.17
CA GLN A 17 10.99 -14.09 -14.08
C GLN A 17 11.02 -15.42 -14.80
N SER A 18 11.63 -15.45 -16.01
CA SER A 18 11.87 -16.62 -16.85
C SER A 18 12.42 -16.05 -18.14
N ASN A 19 13.69 -16.39 -18.50
CA ASN A 19 14.45 -15.85 -19.64
C ASN A 19 14.05 -16.42 -21.02
N GLY A 20 12.73 -16.40 -21.33
CA GLY A 20 12.19 -16.87 -22.59
C GLY A 20 10.68 -16.95 -22.54
N GLU A 21 10.16 -18.06 -21.98
CA GLU A 21 8.72 -18.30 -21.89
C GLU A 21 8.46 -19.08 -20.62
N GLY A 22 7.75 -18.48 -19.63
CA GLY A 22 7.41 -19.16 -18.40
C GLY A 22 6.97 -18.14 -17.39
N GLY A 23 7.15 -18.45 -16.08
CA GLY A 23 6.82 -17.53 -14.98
C GLY A 23 6.36 -18.22 -13.71
N LYS A 24 7.05 -19.31 -13.29
CA LYS A 24 6.76 -20.08 -12.07
C LYS A 24 7.75 -19.76 -10.95
N THR A 25 8.67 -18.82 -11.29
CA THR A 25 9.78 -18.29 -10.51
C THR A 25 9.39 -16.94 -9.91
N TYR A 26 9.10 -16.87 -8.59
CA TYR A 26 8.74 -15.64 -7.90
C TYR A 26 9.83 -15.35 -6.87
N LYS A 27 10.41 -14.13 -6.86
CA LYS A 27 11.52 -13.77 -5.97
C LYS A 27 11.38 -12.32 -5.57
N TRP A 28 11.85 -12.00 -4.33
CA TRP A 28 11.76 -10.72 -3.64
C TRP A 28 12.89 -9.72 -3.92
N VAL A 29 12.48 -8.46 -4.22
CA VAL A 29 13.30 -7.29 -4.49
C VAL A 29 12.57 -6.10 -3.87
N ASP A 30 13.31 -4.99 -3.54
CA ASP A 30 12.78 -3.75 -2.94
C ASP A 30 12.26 -2.79 -3.99
N GLU A 31 11.19 -2.01 -3.65
CA GLU A 31 10.50 -1.09 -4.55
C GLU A 31 10.95 0.34 -4.34
N PHE A 32 10.83 0.84 -3.08
CA PHE A 32 11.21 2.20 -2.72
C PHE A 32 11.23 2.21 -1.19
N THR A 33 11.71 3.31 -0.59
CA THR A 33 11.83 3.48 0.86
C THR A 33 11.44 4.93 1.00
N ALA A 34 10.55 5.22 1.98
CA ALA A 34 10.10 6.60 2.19
C ALA A 34 9.57 6.89 3.59
N ALA A 35 9.52 8.20 3.96
CA ALA A 35 8.91 8.72 5.17
C ALA A 35 7.42 8.98 4.84
N ALA A 36 6.51 8.21 5.48
CA ALA A 36 5.12 8.08 5.08
C ALA A 36 4.44 7.22 6.12
N HIS A 37 3.10 7.11 6.08
CA HIS A 37 2.42 6.13 6.90
C HIS A 37 1.29 5.57 6.06
N VAL A 38 1.28 4.21 6.07
CA VAL A 38 0.56 3.30 5.19
C VAL A 38 -0.24 2.41 6.15
N GLN A 39 -1.57 2.68 6.44
CA GLN A 39 -2.41 1.87 7.34
C GLN A 39 -3.88 1.75 6.85
N PRO A 40 -4.81 0.96 7.46
CA PRO A 40 -6.23 0.79 7.08
C PRO A 40 -7.14 2.05 7.14
N ILE A 41 -8.28 2.06 6.37
CA ILE A 41 -9.30 3.12 6.19
C ILE A 41 -10.09 3.61 7.43
N SER A 42 -9.60 4.69 8.11
CA SER A 42 -10.19 5.36 9.29
C SER A 42 -9.84 4.67 10.61
N GLN A 43 -10.16 3.37 10.68
CA GLN A 43 -9.81 2.45 11.76
C GLN A 43 -8.73 1.54 11.21
N GLU A 44 -7.73 1.30 12.09
CA GLU A 44 -6.42 0.71 11.81
C GLU A 44 -6.26 -0.79 11.98
N GLU A 45 -7.34 -1.58 12.22
CA GLU A 45 -7.39 -3.03 12.48
C GLU A 45 -6.77 -3.50 13.81
N TYR A 46 -5.62 -2.84 14.18
CA TYR A 46 -4.76 -2.88 15.35
C TYR A 46 -5.42 -2.32 16.64
N TYR A 47 -6.53 -1.54 16.47
CA TYR A 47 -7.35 -0.98 17.53
C TYR A 47 -8.74 -1.59 17.41
N LYS A 48 -9.55 -1.12 16.42
CA LYS A 48 -10.90 -1.62 16.17
C LYS A 48 -11.00 -2.33 14.81
N ALA A 49 -11.17 -3.68 14.86
CA ALA A 49 -11.37 -4.58 13.72
C ALA A 49 -12.84 -4.96 13.57
N GLN A 50 -13.68 -4.39 14.47
CA GLN A 50 -15.13 -4.52 14.66
C GLN A 50 -15.61 -5.91 15.08
N GLN A 51 -16.02 -6.76 14.12
CA GLN A 51 -16.46 -8.11 14.39
C GLN A 51 -16.66 -8.76 13.03
N LEU A 52 -15.54 -9.08 12.31
CA LEU A 52 -15.48 -9.72 10.98
C LEU A 52 -15.82 -8.76 9.83
N GLN A 53 -17.00 -8.09 9.94
CA GLN A 53 -17.53 -7.07 9.06
C GLN A 53 -17.07 -5.70 9.56
N THR A 54 -16.06 -5.14 8.89
CA THR A 54 -15.43 -3.86 9.15
C THR A 54 -14.98 -3.50 7.75
N PRO A 55 -14.69 -2.26 7.30
CA PRO A 55 -14.29 -1.98 5.92
C PRO A 55 -12.86 -2.50 5.62
N ILE A 56 -12.72 -3.36 4.58
CA ILE A 56 -11.44 -3.96 4.19
C ILE A 56 -10.75 -3.07 3.16
N GLY A 57 -9.93 -2.10 3.62
CA GLY A 57 -9.30 -1.13 2.76
C GLY A 57 -8.28 -0.33 3.49
N TYR A 58 -7.35 0.28 2.70
CA TYR A 58 -6.25 1.11 3.14
C TYR A 58 -6.46 2.58 2.81
N ASN A 59 -5.89 3.43 3.71
CA ASN A 59 -5.89 4.89 3.62
C ASN A 59 -4.47 5.30 3.95
N ILE A 60 -3.84 5.97 2.95
CA ILE A 60 -2.40 6.16 2.91
C ILE A 60 -2.00 7.54 2.42
N TYR A 61 -0.95 8.17 3.04
CA TYR A 61 -0.29 9.28 2.35
C TYR A 61 1.20 9.00 2.41
N THR A 62 1.91 9.23 1.28
CA THR A 62 3.37 9.10 1.20
C THR A 62 3.83 10.25 0.33
N PRO A 63 5.11 10.74 0.30
CA PRO A 63 5.65 11.59 -0.77
C PRO A 63 5.74 10.79 -2.09
N TYR A 64 5.22 11.42 -3.17
CA TYR A 64 4.95 11.05 -4.56
C TYR A 64 4.53 9.62 -4.96
N ASP A 65 3.53 9.54 -5.88
CA ASP A 65 2.88 8.32 -6.40
C ASP A 65 3.76 7.29 -7.10
N ASP A 66 4.26 6.35 -6.26
CA ASP A 66 5.01 5.17 -6.62
C ASP A 66 4.02 4.01 -6.55
N ARG A 67 4.29 2.93 -5.77
CA ARG A 67 3.34 1.82 -5.77
C ARG A 67 2.41 1.75 -4.57
N ILE A 68 2.90 1.79 -3.28
CA ILE A 68 2.10 1.63 -2.08
C ILE A 68 1.65 0.17 -1.95
N ASP A 69 0.55 -0.16 -2.64
CA ASP A 69 -0.14 -1.41 -2.89
C ASP A 69 0.04 -1.80 -4.36
N LYS A 70 -0.65 -2.88 -4.81
CA LYS A 70 -0.64 -3.45 -6.18
C LYS A 70 0.35 -4.59 -6.31
N LYS A 71 0.23 -5.64 -5.45
CA LYS A 71 1.13 -6.81 -5.32
C LYS A 71 2.35 -6.44 -4.46
N MET A 72 2.10 -5.64 -3.41
CA MET A 72 3.16 -5.16 -2.55
C MET A 72 3.04 -5.79 -1.18
N ARG A 73 4.22 -6.00 -0.58
CA ARG A 73 4.48 -6.45 0.77
C ARG A 73 5.07 -5.23 1.41
N VAL A 74 4.31 -4.55 2.28
CA VAL A 74 4.74 -3.30 2.89
C VAL A 74 4.97 -3.59 4.33
N ILE A 75 5.99 -2.90 4.88
CA ILE A 75 6.42 -3.02 6.23
C ILE A 75 6.15 -1.69 6.93
N TYR A 76 5.11 -1.66 7.81
CA TYR A 76 4.85 -0.52 8.72
C TYR A 76 5.54 -0.87 10.04
N ARG A 77 6.87 -0.59 10.16
CA ARG A 77 7.72 -0.82 11.33
C ARG A 77 7.82 -2.26 11.83
N GLY A 78 7.99 -3.24 10.90
CA GLY A 78 8.01 -4.69 11.16
C GLY A 78 6.70 -5.42 11.04
N LYS A 79 5.72 -4.87 10.28
CA LYS A 79 4.41 -5.46 10.03
C LYS A 79 4.29 -5.70 8.51
N ILE A 80 4.47 -6.96 8.01
CA ILE A 80 4.44 -7.38 6.60
C ILE A 80 3.03 -7.70 6.10
N VAL A 81 2.43 -6.80 5.25
CA VAL A 81 1.08 -6.97 4.71
C VAL A 81 1.16 -7.05 3.19
N THR A 82 0.48 -8.05 2.55
CA THR A 82 0.40 -8.27 1.09
C THR A 82 -0.91 -7.70 0.57
N PHE A 83 -0.88 -6.69 -0.34
CA PHE A 83 -2.08 -6.01 -0.82
C PHE A 83 -2.07 -5.53 -2.26
N ILE A 84 -3.30 -5.30 -2.81
CA ILE A 84 -3.65 -4.88 -4.16
C ILE A 84 -4.56 -3.65 -4.09
N GLY A 85 -4.32 -2.62 -4.96
CA GLY A 85 -5.02 -1.34 -5.02
C GLY A 85 -4.15 -0.45 -5.89
N ASP A 86 -4.38 0.91 -5.98
CA ASP A 86 -3.62 1.83 -6.83
C ASP A 86 -3.63 3.29 -6.27
N PRO A 87 -2.53 4.08 -6.31
CA PRO A 87 -2.44 5.48 -5.87
C PRO A 87 -2.66 6.53 -7.00
N VAL A 88 -3.01 7.79 -6.60
CA VAL A 88 -3.18 8.98 -7.42
C VAL A 88 -2.34 10.11 -6.79
N ASP A 89 -1.80 11.08 -7.59
CA ASP A 89 -1.04 12.25 -7.09
C ASP A 89 -1.96 13.39 -6.64
N LEU A 90 -1.54 14.27 -5.68
CA LEU A 90 -2.35 15.36 -5.12
C LEU A 90 -2.22 16.70 -5.83
N SER A 91 -1.00 17.06 -6.32
CA SER A 91 -0.67 18.32 -7.01
C SER A 91 -0.32 18.07 -8.46
N GLY A 92 -0.42 16.79 -8.93
CA GLY A 92 -0.10 16.35 -10.29
C GLY A 92 1.36 16.01 -10.52
N LEU A 93 2.22 17.06 -10.57
CA LEU A 93 3.65 17.00 -10.84
C LEU A 93 4.48 17.19 -9.57
N GLN A 94 5.02 16.07 -9.01
CA GLN A 94 5.82 15.97 -7.79
C GLN A 94 5.01 16.14 -6.48
N GLU A 95 5.69 16.20 -5.31
CA GLU A 95 5.15 16.39 -3.98
C GLU A 95 4.50 15.17 -3.31
N ILE A 96 3.15 15.12 -3.17
CA ILE A 96 2.46 14.08 -2.40
C ILE A 96 1.39 13.36 -3.20
N THR A 97 1.30 12.03 -2.92
CA THR A 97 0.24 11.11 -3.29
C THR A 97 -0.65 10.86 -2.07
N ARG A 98 -1.97 10.93 -2.40
CA ARG A 98 -3.13 10.62 -1.59
C ARG A 98 -3.66 9.34 -2.21
N ILE A 99 -3.69 8.26 -1.41
CA ILE A 99 -4.13 6.95 -1.88
C ILE A 99 -5.19 6.48 -0.90
N LYS A 100 -6.38 6.13 -1.46
CA LYS A 100 -7.48 5.47 -0.81
C LYS A 100 -7.76 4.31 -1.74
N GLY A 101 -7.75 3.06 -1.20
CA GLY A 101 -8.00 1.85 -1.96
C GLY A 101 -8.69 0.87 -1.07
N LYS A 102 -9.53 -0.02 -1.64
CA LYS A 102 -10.27 -1.04 -0.90
C LYS A 102 -10.00 -2.39 -1.50
N GLU A 103 -10.27 -3.49 -0.75
CA GLU A 103 -10.13 -4.88 -1.21
C GLU A 103 -11.49 -5.56 -1.11
N ASP A 104 -11.82 -6.53 -2.01
CA ASP A 104 -13.07 -7.31 -2.05
C ASP A 104 -13.07 -8.47 -1.05
N GLY A 105 -12.94 -8.09 0.25
CA GLY A 105 -12.90 -8.96 1.42
C GLY A 105 -14.27 -9.16 2.03
N ALA A 106 -14.86 -8.10 2.66
CA ALA A 106 -16.19 -8.17 3.27
C ALA A 106 -17.34 -7.88 2.27
N TYR A 107 -17.03 -7.71 0.97
CA TYR A 107 -17.95 -7.45 -0.15
C TYR A 107 -18.68 -8.70 -0.65
N VAL A 108 -19.39 -9.39 0.29
CA VAL A 108 -20.24 -10.58 0.15
C VAL A 108 -19.51 -11.88 -0.19
N GLY A 109 -18.73 -11.89 -1.30
CA GLY A 109 -17.97 -13.04 -1.77
C GLY A 109 -18.06 -13.16 -3.26
N MET A 1 8.59 12.17 13.23
CA MET A 1 8.41 11.41 14.44
C MET A 1 7.08 11.79 15.05
N TYR A 2 7.00 12.94 15.80
CA TYR A 2 5.83 13.46 16.49
C TYR A 2 4.80 14.19 15.61
N GLU A 3 4.87 13.99 14.27
CA GLU A 3 4.00 14.57 13.25
C GLU A 3 3.12 13.49 12.62
N GLU A 4 3.00 12.31 13.31
CA GLU A 4 2.18 11.10 13.10
C GLU A 4 2.28 10.35 11.76
N PHE A 5 2.31 11.10 10.63
CA PHE A 5 2.43 10.66 9.26
C PHE A 5 3.82 11.06 8.75
N ARG A 6 4.86 10.87 9.59
CA ARG A 6 6.23 11.20 9.27
C ARG A 6 7.13 10.23 10.01
N ASP A 7 7.09 8.94 9.61
CA ASP A 7 7.87 7.88 10.23
C ASP A 7 8.30 7.03 9.07
N VAL A 8 9.26 6.09 9.28
CA VAL A 8 9.83 5.29 8.19
C VAL A 8 9.15 3.94 8.06
N ILE A 9 8.99 3.43 6.79
CA ILE A 9 8.41 2.15 6.42
C ILE A 9 9.12 1.63 5.15
N THR A 10 9.02 0.27 4.85
CA THR A 10 9.70 -0.38 3.69
C THR A 10 8.69 -0.96 2.73
N PHE A 11 8.86 -0.58 1.43
CA PHE A 11 8.04 -1.04 0.32
C PHE A 11 8.77 -2.04 -0.58
N GLN A 12 8.10 -3.20 -0.87
CA GLN A 12 8.57 -4.36 -1.61
C GLN A 12 7.58 -4.74 -2.71
N SER A 13 8.05 -5.44 -3.78
CA SER A 13 7.24 -6.02 -4.87
C SER A 13 7.76 -7.44 -5.16
N TYR A 14 6.89 -8.32 -5.73
CA TYR A 14 7.12 -9.73 -6.04
C TYR A 14 7.08 -9.94 -7.55
N VAL A 15 8.06 -10.69 -8.12
CA VAL A 15 8.24 -10.95 -9.56
C VAL A 15 7.81 -12.38 -9.94
N GLU A 16 6.85 -12.46 -10.89
CA GLU A 16 6.21 -13.65 -11.46
C GLU A 16 6.80 -14.06 -12.79
N GLN A 17 8.10 -14.41 -12.82
CA GLN A 17 8.83 -14.82 -14.01
C GLN A 17 8.78 -16.33 -14.24
N SER A 18 7.70 -16.81 -14.90
CA SER A 18 7.50 -18.22 -15.21
C SER A 18 6.57 -18.28 -16.40
N ASN A 19 5.59 -19.22 -16.37
CA ASN A 19 4.56 -19.42 -17.39
C ASN A 19 3.19 -19.11 -16.80
N GLY A 20 3.18 -18.71 -15.49
CA GLY A 20 2.03 -18.30 -14.68
C GLY A 20 1.38 -19.44 -13.96
N GLU A 21 0.75 -20.35 -14.73
CA GLU A 21 0.01 -21.53 -14.27
C GLU A 21 0.90 -22.77 -14.08
N GLY A 22 2.23 -22.55 -13.91
CA GLY A 22 3.22 -23.58 -13.68
C GLY A 22 4.57 -22.91 -13.60
N GLY A 23 5.46 -23.38 -12.68
CA GLY A 23 6.80 -22.82 -12.51
C GLY A 23 7.19 -22.73 -11.05
N LYS A 24 8.47 -22.99 -10.73
CA LYS A 24 9.01 -22.96 -9.37
C LYS A 24 10.20 -21.99 -9.29
N THR A 25 9.97 -20.72 -9.67
CA THR A 25 10.98 -19.65 -9.61
C THR A 25 10.25 -18.32 -9.49
N TYR A 26 10.25 -17.72 -8.28
CA TYR A 26 9.61 -16.44 -7.98
C TYR A 26 10.64 -15.68 -7.18
N LYS A 27 10.60 -14.32 -7.21
CA LYS A 27 11.63 -13.49 -6.58
C LYS A 27 11.03 -12.29 -5.86
N TRP A 28 11.62 -11.92 -4.68
CA TRP A 28 11.32 -10.79 -3.86
C TRP A 28 12.47 -9.78 -4.00
N VAL A 29 12.12 -8.49 -4.32
CA VAL A 29 13.04 -7.39 -4.52
C VAL A 29 12.44 -6.20 -3.80
N ASP A 30 13.27 -5.14 -3.55
CA ASP A 30 12.84 -3.91 -2.87
C ASP A 30 12.31 -2.89 -3.88
N GLU A 31 11.30 -2.08 -3.47
CA GLU A 31 10.71 -1.03 -4.32
C GLU A 31 11.34 0.30 -3.98
N PHE A 32 11.20 0.73 -2.70
CA PHE A 32 11.74 1.99 -2.24
C PHE A 32 11.65 1.93 -0.73
N THR A 33 12.24 2.92 -0.05
CA THR A 33 12.21 3.06 1.38
C THR A 33 11.84 4.52 1.52
N ALA A 34 10.86 4.81 2.39
CA ALA A 34 10.43 6.22 2.53
C ALA A 34 9.86 6.58 3.88
N ALA A 35 9.79 7.93 4.13
CA ALA A 35 9.06 8.52 5.24
C ALA A 35 7.63 8.73 4.73
N ALA A 36 6.69 7.98 5.34
CA ALA A 36 5.34 7.85 4.88
C ALA A 36 4.61 7.15 5.98
N HIS A 37 3.26 7.09 5.90
CA HIS A 37 2.52 6.25 6.80
C HIS A 37 1.33 5.73 6.00
N VAL A 38 1.07 4.40 6.16
CA VAL A 38 0.05 3.56 5.49
C VAL A 38 -0.98 3.31 6.61
N GLN A 39 -2.15 4.00 6.68
CA GLN A 39 -3.04 3.90 7.85
C GLN A 39 -4.35 3.22 7.54
N PRO A 40 -4.88 2.23 8.32
CA PRO A 40 -6.22 1.69 8.10
C PRO A 40 -7.32 2.67 8.54
N ILE A 41 -8.31 2.96 7.66
CA ILE A 41 -9.44 3.87 7.98
C ILE A 41 -10.66 3.33 7.26
N SER A 42 -10.59 3.28 5.91
CA SER A 42 -11.49 2.65 4.94
C SER A 42 -12.89 3.24 4.71
N GLN A 43 -13.35 4.07 5.66
CA GLN A 43 -14.64 4.72 5.86
C GLN A 43 -15.14 5.70 4.79
N GLU A 44 -15.40 5.13 3.57
CA GLU A 44 -15.93 5.73 2.37
C GLU A 44 -17.45 5.51 2.28
N GLU A 45 -17.95 4.61 3.19
CA GLU A 45 -19.34 4.20 3.41
C GLU A 45 -19.87 3.11 2.47
N TYR A 46 -20.08 1.87 2.99
CA TYR A 46 -20.53 0.70 2.22
C TYR A 46 -22.06 0.49 2.31
N TYR A 47 -22.73 1.49 2.93
CA TYR A 47 -24.12 1.65 3.31
C TYR A 47 -24.13 1.93 4.82
N LYS A 48 -23.21 1.25 5.54
CA LYS A 48 -22.99 1.34 6.99
C LYS A 48 -21.81 2.25 7.33
N ALA A 49 -22.05 3.28 8.20
CA ALA A 49 -21.10 4.30 8.60
C ALA A 49 -20.29 3.92 9.84
N GLN A 50 -20.71 2.82 10.52
CA GLN A 50 -20.08 2.26 11.71
C GLN A 50 -19.08 1.19 11.32
N GLN A 51 -17.91 1.11 12.03
CA GLN A 51 -16.90 0.07 11.81
C GLN A 51 -17.03 -1.01 12.88
N LEU A 52 -16.52 -2.23 12.58
CA LEU A 52 -16.59 -3.42 13.43
C LEU A 52 -15.19 -3.90 13.78
N GLN A 53 -14.33 -2.97 14.28
CA GLN A 53 -12.96 -3.19 14.77
C GLN A 53 -11.85 -3.55 13.74
N THR A 54 -12.08 -4.59 12.89
CA THR A 54 -11.16 -5.15 11.88
C THR A 54 -11.12 -4.28 10.59
N PRO A 55 -9.95 -3.88 10.00
CA PRO A 55 -9.85 -2.97 8.84
C PRO A 55 -10.29 -3.58 7.50
N ILE A 56 -10.71 -2.74 6.53
CA ILE A 56 -11.19 -3.17 5.21
C ILE A 56 -10.21 -2.65 4.15
N GLY A 57 -9.38 -1.63 4.45
CA GLY A 57 -8.43 -1.16 3.48
C GLY A 57 -7.43 -0.26 4.10
N TYR A 58 -6.56 0.27 3.24
CA TYR A 58 -5.46 1.15 3.59
C TYR A 58 -5.53 2.46 2.86
N ASN A 59 -5.49 3.56 3.64
CA ASN A 59 -5.49 4.93 3.15
C ASN A 59 -4.08 5.40 3.45
N ILE A 60 -3.30 5.79 2.42
CA ILE A 60 -1.87 6.08 2.54
C ILE A 60 -1.51 7.43 1.95
N TYR A 61 -0.47 8.06 2.55
CA TYR A 61 0.20 9.23 2.00
C TYR A 61 1.71 8.93 2.02
N THR A 62 2.43 9.33 0.95
CA THR A 62 3.89 9.32 0.86
C THR A 62 4.16 10.63 0.14
N PRO A 63 5.13 11.54 0.41
CA PRO A 63 5.46 12.68 -0.46
C PRO A 63 6.10 12.12 -1.76
N TYR A 64 5.48 12.51 -2.90
CA TYR A 64 5.56 12.16 -4.29
C TYR A 64 5.84 10.72 -4.76
N ASP A 65 5.67 9.68 -3.89
CA ASP A 65 5.86 8.27 -4.28
C ASP A 65 4.52 7.60 -4.47
N ASP A 66 4.29 6.93 -5.62
CA ASP A 66 3.02 6.32 -6.03
C ASP A 66 3.06 4.79 -6.04
N ARG A 67 3.98 4.18 -5.26
CA ARG A 67 4.20 2.74 -5.34
C ARG A 67 3.45 1.88 -4.34
N ILE A 68 3.44 2.14 -2.99
CA ILE A 68 2.80 1.47 -1.84
C ILE A 68 1.92 0.25 -2.04
N ASP A 69 0.74 0.51 -2.60
CA ASP A 69 -0.29 -0.44 -2.92
C ASP A 69 -0.61 -0.29 -4.40
N LYS A 70 -0.26 -1.33 -5.21
CA LYS A 70 -0.49 -1.34 -6.65
C LYS A 70 0.07 -2.66 -7.14
N LYS A 71 -0.41 -3.80 -6.56
CA LYS A 71 0.02 -5.19 -6.78
C LYS A 71 1.37 -5.47 -6.13
N MET A 72 1.49 -5.12 -4.82
CA MET A 72 2.77 -5.23 -4.11
C MET A 72 2.58 -5.22 -2.60
N ARG A 73 3.67 -5.16 -1.79
CA ARG A 73 3.54 -5.27 -0.35
C ARG A 73 4.38 -4.29 0.46
N VAL A 74 3.73 -3.79 1.53
CA VAL A 74 4.34 -2.89 2.49
C VAL A 74 4.40 -3.58 3.83
N ILE A 75 5.57 -3.41 4.49
CA ILE A 75 5.72 -3.69 5.90
C ILE A 75 5.67 -2.27 6.48
N TYR A 76 4.48 -2.02 7.08
CA TYR A 76 4.02 -0.82 7.74
C TYR A 76 4.28 -1.04 9.22
N ARG A 77 5.30 -0.36 9.81
CA ARG A 77 5.71 -0.38 11.23
C ARG A 77 5.80 -1.75 11.95
N GLY A 78 6.20 -2.80 11.16
CA GLY A 78 6.22 -4.22 11.51
C GLY A 78 4.99 -5.03 11.15
N LYS A 79 3.98 -4.45 10.44
CA LYS A 79 2.76 -5.12 10.02
C LYS A 79 2.78 -5.28 8.50
N ILE A 80 2.76 -6.55 8.00
CA ILE A 80 2.78 -6.88 6.57
C ILE A 80 1.35 -7.03 6.01
N VAL A 81 0.98 -5.98 5.23
CA VAL A 81 -0.32 -5.69 4.63
C VAL A 81 -0.24 -5.30 3.15
N THR A 82 -1.42 -5.36 2.45
CA THR A 82 -1.77 -4.71 1.17
C THR A 82 -2.21 -5.51 -0.07
N PHE A 83 -1.42 -5.39 -1.16
CA PHE A 83 -1.61 -5.93 -2.49
C PHE A 83 -2.34 -5.08 -3.52
N ILE A 84 -3.69 -4.99 -3.57
CA ILE A 84 -4.40 -4.25 -4.63
C ILE A 84 -4.81 -2.81 -4.26
N GLY A 85 -4.13 -1.77 -4.85
CA GLY A 85 -4.50 -0.35 -4.70
C GLY A 85 -4.41 0.44 -6.00
N ASP A 86 -4.83 1.75 -5.98
CA ASP A 86 -4.87 2.68 -7.12
C ASP A 86 -4.31 4.09 -6.75
N PRO A 87 -3.43 4.75 -7.57
CA PRO A 87 -2.80 6.03 -7.26
C PRO A 87 -3.54 7.31 -7.75
N VAL A 88 -3.51 8.39 -6.88
CA VAL A 88 -4.08 9.72 -7.09
C VAL A 88 -3.00 10.76 -6.72
N ASP A 89 -2.91 11.92 -7.43
CA ASP A 89 -1.99 13.03 -7.10
C ASP A 89 -2.84 14.10 -6.39
N LEU A 90 -2.64 14.25 -5.05
CA LEU A 90 -3.51 15.01 -4.14
C LEU A 90 -3.43 16.53 -4.28
N SER A 91 -2.24 17.00 -4.73
CA SER A 91 -1.91 18.37 -5.09
C SER A 91 -1.67 18.45 -6.60
N GLY A 92 -2.40 17.64 -7.43
CA GLY A 92 -2.44 17.64 -8.89
C GLY A 92 -1.20 17.36 -9.73
N LEU A 93 -0.12 18.15 -9.51
CA LEU A 93 1.12 18.13 -10.27
C LEU A 93 2.24 17.40 -9.54
N GLN A 94 2.76 17.96 -8.42
CA GLN A 94 3.85 17.38 -7.65
C GLN A 94 3.61 17.63 -6.17
N GLU A 95 4.50 17.05 -5.31
CA GLU A 95 4.53 17.15 -3.86
C GLU A 95 3.84 16.01 -3.10
N ILE A 96 2.49 15.98 -2.97
CA ILE A 96 1.78 14.96 -2.21
C ILE A 96 1.06 13.95 -3.09
N THR A 97 1.37 12.64 -2.86
CA THR A 97 0.67 11.50 -3.45
C THR A 97 -0.17 10.86 -2.36
N ARG A 98 -1.44 10.49 -2.72
CA ARG A 98 -2.38 9.77 -1.87
C ARG A 98 -2.75 8.50 -2.60
N ILE A 99 -2.62 7.35 -1.89
CA ILE A 99 -2.90 6.02 -2.41
C ILE A 99 -4.05 5.46 -1.59
N LYS A 100 -5.03 4.79 -2.26
CA LYS A 100 -6.13 4.08 -1.66
C LYS A 100 -6.10 2.69 -2.29
N GLY A 101 -6.15 1.65 -1.43
CA GLY A 101 -6.25 0.23 -1.78
C GLY A 101 -7.05 -0.44 -0.71
N LYS A 102 -7.62 -1.65 -0.96
CA LYS A 102 -8.43 -2.32 0.05
C LYS A 102 -8.25 -3.82 -0.01
N GLU A 103 -8.70 -4.56 1.05
CA GLU A 103 -8.58 -6.01 1.17
C GLU A 103 -9.95 -6.67 1.25
N ASP A 104 -10.26 -7.56 0.26
CA ASP A 104 -11.50 -8.34 0.09
C ASP A 104 -12.65 -7.53 -0.54
N GLY A 105 -13.03 -7.85 -1.80
CA GLY A 105 -14.09 -7.16 -2.54
C GLY A 105 -13.60 -6.63 -3.84
N ALA A 106 -12.41 -5.98 -3.88
CA ALA A 106 -11.79 -5.33 -5.05
C ALA A 106 -11.11 -6.26 -6.07
N TYR A 107 -11.87 -7.24 -6.61
CA TYR A 107 -11.44 -8.21 -7.61
C TYR A 107 -12.61 -8.41 -8.57
N VAL A 108 -13.18 -7.27 -9.02
CA VAL A 108 -14.34 -7.14 -9.92
C VAL A 108 -14.01 -7.34 -11.40
N GLY A 109 -13.52 -8.56 -11.74
CA GLY A 109 -13.14 -8.99 -13.09
C GLY A 109 -11.65 -9.08 -13.23
N MET A 1 15.56 6.68 1.98
CA MET A 1 15.45 8.12 2.02
C MET A 1 14.54 8.58 3.16
N TYR A 2 13.91 9.77 3.05
CA TYR A 2 13.00 10.33 4.03
C TYR A 2 12.17 11.33 3.25
N GLU A 3 10.93 11.65 3.71
CA GLU A 3 10.03 12.62 3.11
C GLU A 3 9.47 13.49 4.23
N GLU A 4 8.44 12.96 4.94
CA GLU A 4 7.80 13.61 6.08
C GLU A 4 7.08 12.51 6.83
N PHE A 5 6.88 12.69 8.18
CA PHE A 5 6.10 11.89 9.14
C PHE A 5 6.96 11.17 10.18
N ARG A 6 6.29 10.32 11.01
CA ARG A 6 6.74 9.58 12.18
C ARG A 6 7.62 8.34 11.96
N ASP A 7 7.31 7.48 10.94
CA ASP A 7 8.03 6.23 10.73
C ASP A 7 8.63 6.10 9.34
N VAL A 8 9.77 5.34 9.26
CA VAL A 8 10.50 4.94 8.05
C VAL A 8 10.01 3.54 7.72
N ILE A 9 9.34 3.38 6.57
CA ILE A 9 8.64 2.15 6.18
C ILE A 9 9.36 1.48 4.99
N THR A 10 9.04 0.20 4.65
CA THR A 10 9.63 -0.55 3.52
C THR A 10 8.59 -1.03 2.51
N PHE A 11 8.50 -0.42 1.29
CA PHE A 11 7.76 -1.02 0.15
C PHE A 11 8.58 -2.09 -0.64
N GLN A 12 7.91 -3.22 -1.05
CA GLN A 12 8.48 -4.37 -1.77
C GLN A 12 7.57 -4.73 -2.97
N SER A 13 8.11 -5.26 -4.11
CA SER A 13 7.30 -5.60 -5.29
C SER A 13 7.47 -7.08 -5.64
N TYR A 14 6.58 -7.62 -6.51
CA TYR A 14 6.49 -9.01 -6.92
C TYR A 14 7.11 -9.16 -8.32
N VAL A 15 8.20 -9.95 -8.47
CA VAL A 15 8.97 -10.08 -9.72
C VAL A 15 9.42 -11.51 -9.94
N GLU A 16 9.50 -11.95 -11.23
CA GLU A 16 9.92 -13.29 -11.63
C GLU A 16 11.43 -13.49 -11.71
N GLN A 17 11.84 -14.75 -11.41
CA GLN A 17 13.19 -15.26 -11.35
C GLN A 17 13.15 -16.76 -11.65
N SER A 18 14.32 -17.38 -11.92
CA SER A 18 14.47 -18.82 -12.15
C SER A 18 15.18 -19.49 -10.98
N ASN A 19 14.40 -20.21 -10.13
CA ASN A 19 14.84 -20.99 -8.97
C ASN A 19 15.29 -22.39 -9.38
N GLY A 20 14.79 -22.81 -10.57
CA GLY A 20 15.11 -24.03 -11.29
C GLY A 20 14.88 -23.77 -12.76
N GLU A 21 15.47 -24.62 -13.65
CA GLU A 21 15.46 -24.55 -15.12
C GLU A 21 14.12 -24.96 -15.78
N GLY A 22 13.13 -24.07 -15.62
CA GLY A 22 11.73 -24.24 -16.04
C GLY A 22 10.80 -24.28 -14.85
N GLY A 23 11.35 -24.02 -13.65
CA GLY A 23 10.67 -23.99 -12.34
C GLY A 23 10.75 -22.59 -11.80
N LYS A 24 9.80 -21.74 -12.27
CA LYS A 24 9.75 -20.32 -11.96
C LYS A 24 8.77 -19.91 -10.88
N THR A 25 9.23 -18.97 -10.03
CA THR A 25 8.50 -18.33 -8.94
C THR A 25 8.50 -16.84 -9.18
N TYR A 26 7.55 -16.12 -8.51
CA TYR A 26 7.48 -14.68 -8.42
C TYR A 26 7.75 -14.41 -6.94
N LYS A 27 8.72 -13.53 -6.62
CA LYS A 27 9.18 -13.29 -5.26
C LYS A 27 9.02 -11.83 -4.90
N TRP A 28 8.92 -11.55 -3.57
CA TRP A 28 8.81 -10.25 -2.95
C TRP A 28 10.22 -9.71 -2.64
N VAL A 29 10.62 -8.62 -3.35
CA VAL A 29 11.95 -8.03 -3.34
C VAL A 29 11.77 -6.56 -2.97
N ASP A 30 12.76 -5.95 -2.25
CA ASP A 30 12.84 -4.54 -1.82
C ASP A 30 12.77 -3.56 -3.00
N GLU A 31 11.85 -2.57 -2.92
CA GLU A 31 11.62 -1.57 -3.94
C GLU A 31 12.35 -0.32 -3.50
N PHE A 32 11.96 0.19 -2.31
CA PHE A 32 12.56 1.37 -1.71
C PHE A 32 12.17 1.39 -0.23
N THR A 33 12.88 2.23 0.57
CA THR A 33 12.50 2.53 1.95
C THR A 33 12.45 4.05 2.06
N ALA A 34 11.36 4.56 2.65
CA ALA A 34 11.09 5.99 2.77
C ALA A 34 10.16 6.26 3.92
N ALA A 35 10.04 7.54 4.37
CA ALA A 35 9.14 7.97 5.44
C ALA A 35 7.75 8.36 4.91
N ALA A 36 6.68 7.96 5.64
CA ALA A 36 5.31 8.14 5.17
C ALA A 36 4.38 7.78 6.28
N HIS A 37 3.08 8.08 6.03
CA HIS A 37 1.95 7.62 6.77
C HIS A 37 1.36 6.52 5.88
N VAL A 38 1.51 5.21 6.27
CA VAL A 38 0.94 4.02 5.62
C VAL A 38 0.04 3.58 6.80
N GLN A 39 -1.30 3.76 6.73
CA GLN A 39 -2.26 3.54 7.84
C GLN A 39 -3.43 2.67 7.39
N PRO A 40 -4.27 2.03 8.24
CA PRO A 40 -5.45 1.26 7.84
C PRO A 40 -6.58 2.17 7.32
N ILE A 41 -7.35 1.73 6.29
CA ILE A 41 -8.47 2.44 5.65
C ILE A 41 -9.74 2.59 6.51
N SER A 42 -10.38 3.79 6.48
CA SER A 42 -11.59 4.06 7.27
C SER A 42 -12.57 4.93 6.49
N GLN A 43 -12.88 6.14 7.01
CA GLN A 43 -13.85 7.09 6.47
C GLN A 43 -13.68 8.42 7.17
N GLU A 44 -14.49 9.45 6.77
CA GLU A 44 -14.48 10.83 7.26
C GLU A 44 -15.06 11.07 8.65
N GLU A 45 -15.89 10.14 9.19
CA GLU A 45 -16.49 10.18 10.52
C GLU A 45 -15.62 9.36 11.48
N TYR A 46 -15.03 9.99 12.53
CA TYR A 46 -14.11 9.33 13.46
C TYR A 46 -14.83 8.83 14.71
N TYR A 47 -16.18 8.91 14.73
CA TYR A 47 -17.09 8.49 15.80
C TYR A 47 -17.33 6.97 15.80
N LYS A 48 -16.23 6.20 15.71
CA LYS A 48 -16.18 4.75 15.63
C LYS A 48 -15.43 4.18 16.81
N ALA A 49 -15.42 4.90 17.97
CA ALA A 49 -14.72 4.57 19.21
C ALA A 49 -15.21 3.35 20.00
N GLN A 50 -16.39 2.79 19.67
CA GLN A 50 -16.96 1.62 20.33
C GLN A 50 -17.70 0.82 19.27
N GLN A 51 -17.21 0.93 18.00
CA GLN A 51 -17.78 0.38 16.79
C GLN A 51 -16.85 -0.73 16.24
N LEU A 52 -17.29 -1.49 15.21
CA LEU A 52 -16.59 -2.64 14.64
C LEU A 52 -15.80 -2.27 13.38
N GLN A 53 -14.69 -1.53 13.57
CA GLN A 53 -13.75 -1.12 12.53
C GLN A 53 -12.58 -2.10 12.42
N THR A 54 -12.65 -3.05 11.45
CA THR A 54 -11.61 -4.04 11.14
C THR A 54 -11.01 -3.69 9.77
N PRO A 55 -9.68 -3.80 9.52
CA PRO A 55 -9.03 -3.40 8.26
C PRO A 55 -9.27 -4.37 7.08
N ILE A 56 -9.68 -3.79 5.93
CA ILE A 56 -9.92 -4.48 4.65
C ILE A 56 -8.95 -3.94 3.61
N GLY A 57 -8.06 -2.99 4.02
CA GLY A 57 -7.04 -2.44 3.15
C GLY A 57 -6.23 -1.43 3.90
N TYR A 58 -5.30 -0.78 3.17
CA TYR A 58 -4.49 0.32 3.69
C TYR A 58 -4.81 1.55 2.85
N ASN A 59 -4.53 2.67 3.50
CA ASN A 59 -4.64 4.04 3.11
C ASN A 59 -3.24 4.61 3.34
N ILE A 60 -2.58 5.13 2.29
CA ILE A 60 -1.28 5.77 2.44
C ILE A 60 -1.33 7.17 1.85
N TYR A 61 -0.65 8.11 2.55
CA TYR A 61 -0.31 9.41 2.02
C TYR A 61 1.19 9.56 2.28
N THR A 62 1.90 10.13 1.29
CA THR A 62 3.30 10.50 1.47
C THR A 62 3.28 11.84 0.75
N PRO A 63 4.19 12.84 0.93
CA PRO A 63 4.24 14.06 0.11
C PRO A 63 4.66 13.69 -1.32
N TYR A 64 3.80 14.12 -2.27
CA TYR A 64 3.68 13.86 -3.69
C TYR A 64 3.70 12.41 -4.14
N ASP A 65 3.86 12.22 -5.45
CA ASP A 65 4.03 10.97 -6.20
C ASP A 65 5.49 10.54 -6.07
N ASP A 66 5.81 9.74 -5.04
CA ASP A 66 7.18 9.40 -4.72
C ASP A 66 7.25 7.94 -4.40
N ARG A 67 6.65 7.54 -3.25
CA ARG A 67 6.80 6.20 -2.74
C ARG A 67 5.66 5.24 -3.10
N ILE A 68 4.36 5.54 -2.83
CA ILE A 68 3.11 4.87 -3.23
C ILE A 68 3.03 3.70 -4.23
N ASP A 69 2.72 2.48 -3.74
CA ASP A 69 2.64 1.30 -4.58
C ASP A 69 1.21 0.84 -4.86
N LYS A 70 1.06 -0.05 -5.89
CA LYS A 70 -0.19 -0.60 -6.42
C LYS A 70 -0.28 -2.09 -6.13
N LYS A 71 -0.13 -3.01 -7.14
CA LYS A 71 -0.12 -4.48 -6.97
C LYS A 71 1.26 -4.92 -6.45
N MET A 72 1.38 -4.87 -5.09
CA MET A 72 2.63 -4.89 -4.37
C MET A 72 2.30 -5.19 -2.91
N ARG A 73 3.30 -5.01 -2.02
CA ARG A 73 3.14 -5.12 -0.58
C ARG A 73 3.95 -4.04 0.10
N VAL A 74 3.66 -3.81 1.39
CA VAL A 74 4.33 -2.85 2.21
C VAL A 74 4.54 -3.50 3.54
N ILE A 75 5.73 -3.23 4.15
CA ILE A 75 6.00 -3.62 5.50
C ILE A 75 6.01 -2.29 6.23
N TYR A 76 4.90 -2.05 6.97
CA TYR A 76 4.63 -0.94 7.83
C TYR A 76 4.98 -1.34 9.27
N ARG A 77 6.16 -0.86 9.80
CA ARG A 77 6.69 -1.05 11.15
C ARG A 77 6.79 -2.51 11.67
N GLY A 78 7.06 -3.46 10.73
CA GLY A 78 7.02 -4.91 10.91
C GLY A 78 5.71 -5.61 10.57
N LYS A 79 4.65 -4.87 10.13
CA LYS A 79 3.35 -5.43 9.75
C LYS A 79 3.28 -5.73 8.25
N ILE A 80 2.94 -7.01 7.93
CA ILE A 80 2.80 -7.61 6.61
C ILE A 80 1.45 -7.27 5.97
N VAL A 81 1.48 -6.37 4.95
CA VAL A 81 0.31 -5.84 4.26
C VAL A 81 0.53 -6.02 2.75
N THR A 82 -0.13 -7.05 2.11
CA THR A 82 -0.15 -7.30 0.64
C THR A 82 -1.41 -6.63 0.14
N PHE A 83 -1.33 -5.76 -0.91
CA PHE A 83 -2.49 -5.03 -1.38
C PHE A 83 -2.59 -4.87 -2.89
N ILE A 84 -3.84 -4.60 -3.35
CA ILE A 84 -4.15 -4.26 -4.75
C ILE A 84 -4.88 -2.93 -4.75
N GLY A 85 -4.35 -1.91 -5.49
CA GLY A 85 -4.91 -0.56 -5.54
C GLY A 85 -4.21 0.24 -6.59
N ASP A 86 -4.42 1.59 -6.60
CA ASP A 86 -3.82 2.53 -7.57
C ASP A 86 -3.75 3.92 -6.92
N PRO A 87 -2.74 4.79 -7.18
CA PRO A 87 -2.63 6.13 -6.61
C PRO A 87 -3.33 7.23 -7.44
N VAL A 88 -3.67 8.37 -6.78
CA VAL A 88 -4.22 9.59 -7.40
C VAL A 88 -3.45 10.80 -6.88
N ASP A 89 -3.08 11.76 -7.78
CA ASP A 89 -2.40 13.02 -7.46
C ASP A 89 -3.37 14.21 -7.43
N LEU A 90 -3.09 15.24 -6.58
CA LEU A 90 -3.90 16.47 -6.47
C LEU A 90 -3.59 17.56 -7.49
N SER A 91 -2.57 17.32 -8.35
CA SER A 91 -2.04 18.09 -9.47
C SER A 91 -0.62 18.58 -9.19
N GLY A 92 -0.42 19.91 -9.27
CA GLY A 92 0.80 20.66 -9.03
C GLY A 92 0.42 21.67 -8.00
N LEU A 93 1.41 22.31 -7.31
CA LEU A 93 1.23 23.26 -6.18
C LEU A 93 0.99 22.51 -4.87
N GLN A 94 -0.02 21.59 -4.87
CA GLN A 94 -0.37 20.65 -3.83
C GLN A 94 0.50 19.40 -4.02
N GLU A 95 1.68 19.35 -3.36
CA GLU A 95 2.63 18.25 -3.41
C GLU A 95 2.21 17.07 -2.53
N ILE A 96 1.10 16.39 -2.88
CA ILE A 96 0.57 15.28 -2.11
C ILE A 96 -0.16 14.28 -2.98
N THR A 97 0.35 13.02 -3.00
CA THR A 97 -0.40 11.83 -3.45
C THR A 97 -0.95 11.09 -2.22
N ARG A 98 -2.19 10.60 -2.46
CA ARG A 98 -2.97 9.72 -1.63
C ARG A 98 -3.24 8.51 -2.50
N ILE A 99 -3.11 7.33 -1.88
CA ILE A 99 -3.35 6.03 -2.49
C ILE A 99 -4.21 5.21 -1.55
N LYS A 100 -5.12 4.41 -2.17
CA LYS A 100 -5.98 3.43 -1.55
C LYS A 100 -5.76 2.15 -2.33
N GLY A 101 -5.64 1.01 -1.59
CA GLY A 101 -5.57 -0.36 -2.08
C GLY A 101 -6.25 -1.21 -1.08
N LYS A 102 -6.68 -2.45 -1.42
CA LYS A 102 -7.43 -3.34 -0.55
C LYS A 102 -6.77 -4.70 -0.42
N GLU A 103 -7.08 -5.44 0.66
CA GLU A 103 -6.62 -6.80 0.91
C GLU A 103 -7.89 -7.63 0.99
N ASP A 104 -8.06 -8.55 0.01
CA ASP A 104 -9.26 -9.37 -0.08
C ASP A 104 -8.93 -10.50 -1.00
N GLY A 105 -8.42 -10.14 -2.21
CA GLY A 105 -7.96 -11.04 -3.26
C GLY A 105 -6.55 -10.69 -3.67
N ALA A 106 -5.56 -11.01 -2.82
CA ALA A 106 -4.17 -10.70 -3.07
C ALA A 106 -3.32 -11.76 -2.38
N TYR A 107 -3.15 -11.64 -1.04
CA TYR A 107 -2.45 -12.54 -0.11
C TYR A 107 -0.94 -12.65 -0.32
N VAL A 108 -0.55 -13.50 -1.29
CA VAL A 108 0.84 -13.79 -1.66
C VAL A 108 1.15 -13.25 -3.04
N GLY A 109 0.10 -12.87 -3.83
CA GLY A 109 0.22 -12.32 -5.19
C GLY A 109 -0.30 -13.29 -6.22
N MET A 1 5.14 19.99 15.37
CA MET A 1 6.54 19.63 15.35
C MET A 1 6.77 18.55 14.34
N TYR A 2 5.71 17.77 14.01
CA TYR A 2 5.74 16.65 13.09
C TYR A 2 4.62 16.79 12.07
N GLU A 3 4.83 16.28 10.84
CA GLU A 3 3.87 16.30 9.72
C GLU A 3 3.02 15.03 9.70
N GLU A 4 2.28 14.80 10.81
CA GLU A 4 1.38 13.68 11.12
C GLU A 4 2.08 12.41 11.61
N PHE A 5 2.63 11.57 10.70
CA PHE A 5 3.28 10.31 11.02
C PHE A 5 4.80 10.46 11.01
N ARG A 6 5.39 10.62 9.80
CA ARG A 6 6.79 10.82 9.47
C ARG A 6 7.77 9.72 9.93
N ASP A 7 7.37 8.43 9.80
CA ASP A 7 8.21 7.29 10.21
C ASP A 7 8.78 6.57 8.99
N VAL A 8 9.89 5.81 9.22
CA VAL A 8 10.68 5.11 8.19
C VAL A 8 10.28 3.64 8.04
N ILE A 9 9.83 3.32 6.79
CA ILE A 9 9.24 2.06 6.37
C ILE A 9 10.02 1.41 5.22
N THR A 10 9.77 0.08 4.99
CA THR A 10 10.44 -0.70 3.94
C THR A 10 9.41 -1.25 2.94
N PHE A 11 9.45 -0.75 1.67
CA PHE A 11 8.54 -1.20 0.61
C PHE A 11 9.24 -2.18 -0.33
N GLN A 12 8.59 -3.36 -0.56
CA GLN A 12 9.08 -4.48 -1.35
C GLN A 12 8.11 -4.82 -2.49
N SER A 13 8.59 -5.63 -3.48
CA SER A 13 7.85 -6.11 -4.65
C SER A 13 8.36 -7.51 -5.03
N TYR A 14 7.59 -8.24 -5.87
CA TYR A 14 7.85 -9.61 -6.30
C TYR A 14 7.93 -9.67 -7.83
N VAL A 15 9.02 -10.30 -8.37
CA VAL A 15 9.30 -10.48 -9.78
C VAL A 15 9.07 -11.94 -10.15
N GLU A 16 8.40 -12.18 -11.31
CA GLU A 16 8.09 -13.49 -11.83
C GLU A 16 7.97 -13.35 -13.35
N GLN A 17 7.71 -14.49 -14.06
CA GLN A 17 7.62 -14.65 -15.52
C GLN A 17 6.16 -14.86 -15.95
N SER A 18 5.26 -14.85 -14.96
CA SER A 18 3.84 -15.20 -14.88
C SER A 18 3.83 -16.29 -13.83
N ASN A 19 4.32 -17.49 -14.25
CA ASN A 19 4.61 -18.74 -13.52
C ASN A 19 3.40 -19.45 -12.93
N GLY A 20 3.45 -19.80 -11.61
CA GLY A 20 2.37 -20.43 -10.85
C GLY A 20 2.25 -21.93 -11.05
N GLU A 21 1.89 -22.32 -12.30
CA GLU A 21 1.71 -23.68 -12.78
C GLU A 21 3.01 -24.23 -13.39
N GLY A 22 4.01 -23.34 -13.58
CA GLY A 22 5.34 -23.67 -14.04
C GLY A 22 6.30 -23.17 -12.99
N GLY A 23 6.63 -24.03 -11.98
CA GLY A 23 7.50 -23.69 -10.84
C GLY A 23 8.97 -23.62 -11.16
N LYS A 24 9.35 -22.65 -12.02
CA LYS A 24 10.69 -22.41 -12.51
C LYS A 24 11.52 -21.50 -11.62
N THR A 25 11.30 -20.16 -11.63
CA THR A 25 12.10 -19.25 -10.83
C THR A 25 11.29 -17.98 -10.54
N TYR A 26 11.41 -17.46 -9.28
CA TYR A 26 10.78 -16.24 -8.78
C TYR A 26 11.87 -15.49 -8.01
N LYS A 27 11.70 -14.16 -7.76
CA LYS A 27 12.65 -13.37 -6.98
C LYS A 27 11.98 -12.26 -6.16
N TRP A 28 12.37 -12.12 -4.87
CA TRP A 28 11.96 -11.09 -3.93
C TRP A 28 13.05 -10.00 -3.89
N VAL A 29 12.66 -8.71 -4.14
CA VAL A 29 13.54 -7.55 -4.20
C VAL A 29 12.87 -6.39 -3.46
N ASP A 30 13.62 -5.28 -3.22
CA ASP A 30 13.12 -4.07 -2.58
C ASP A 30 12.70 -3.06 -3.63
N GLU A 31 11.61 -2.27 -3.38
CA GLU A 31 11.08 -1.25 -4.29
C GLU A 31 11.71 0.09 -4.01
N PHE A 32 11.64 0.53 -2.73
CA PHE A 32 12.15 1.81 -2.27
C PHE A 32 12.13 1.76 -0.75
N THR A 33 12.69 2.77 -0.09
CA THR A 33 12.73 2.88 1.36
C THR A 33 12.28 4.32 1.54
N ALA A 34 11.32 4.59 2.45
CA ALA A 34 10.81 5.96 2.53
C ALA A 34 10.14 6.37 3.83
N ALA A 35 9.97 7.73 3.98
CA ALA A 35 9.12 8.33 5.00
C ALA A 35 7.69 8.32 4.44
N ALA A 36 6.80 7.54 5.09
CA ALA A 36 5.53 7.20 4.46
C ALA A 36 4.58 6.62 5.47
N HIS A 37 3.27 6.93 5.38
CA HIS A 37 2.23 6.39 6.23
C HIS A 37 1.22 5.57 5.40
N VAL A 38 1.04 4.26 5.70
CA VAL A 38 0.04 3.35 5.11
C VAL A 38 -0.85 3.00 6.32
N GLN A 39 -2.09 3.54 6.50
CA GLN A 39 -2.93 3.28 7.70
C GLN A 39 -4.27 2.62 7.34
N PRO A 40 -4.95 1.81 8.18
CA PRO A 40 -6.21 1.13 7.85
C PRO A 40 -7.45 2.05 7.75
N ILE A 41 -8.40 1.67 6.83
CA ILE A 41 -9.64 2.36 6.50
C ILE A 41 -10.83 1.91 7.37
N SER A 42 -10.61 0.86 8.20
CA SER A 42 -11.61 0.33 9.12
C SER A 42 -10.85 -0.56 10.09
N GLN A 43 -11.47 -0.86 11.25
CA GLN A 43 -10.96 -1.69 12.34
C GLN A 43 -11.72 -3.01 12.45
N GLU A 44 -12.62 -3.28 11.47
CA GLU A 44 -13.60 -4.36 11.36
C GLU A 44 -13.27 -5.83 11.64
N GLU A 45 -11.98 -6.27 11.66
CA GLU A 45 -11.61 -7.66 11.95
C GLU A 45 -11.18 -7.84 13.41
N TYR A 46 -12.12 -8.26 14.30
CA TYR A 46 -11.93 -8.47 15.75
C TYR A 46 -11.55 -9.91 16.12
N TYR A 47 -11.29 -10.76 15.10
CA TYR A 47 -10.91 -12.16 15.22
C TYR A 47 -9.68 -12.35 14.34
N LYS A 48 -8.53 -11.79 14.82
CA LYS A 48 -7.19 -11.72 14.21
C LYS A 48 -7.12 -10.38 13.47
N ALA A 49 -6.40 -9.37 14.03
CA ALA A 49 -6.33 -7.98 13.55
C ALA A 49 -6.02 -7.73 12.06
N GLN A 50 -5.00 -8.43 11.52
CA GLN A 50 -4.57 -8.38 10.13
C GLN A 50 -3.59 -9.52 9.91
N GLN A 51 -4.00 -10.61 9.20
CA GLN A 51 -3.15 -11.77 8.96
C GLN A 51 -3.55 -12.41 7.63
N LEU A 52 -2.61 -13.16 6.98
CA LEU A 52 -2.57 -13.85 5.67
C LEU A 52 -3.65 -14.89 5.37
N GLN A 53 -4.88 -14.54 5.77
CA GLN A 53 -6.14 -15.23 5.66
C GLN A 53 -7.20 -14.18 5.30
N THR A 54 -7.15 -12.91 5.81
CA THR A 54 -8.12 -11.86 5.43
C THR A 54 -7.54 -10.46 5.73
N PRO A 55 -7.12 -9.62 4.73
CA PRO A 55 -6.73 -8.20 4.86
C PRO A 55 -7.94 -7.25 4.93
N ILE A 56 -7.84 -6.01 5.50
CA ILE A 56 -8.96 -5.04 5.48
C ILE A 56 -8.91 -4.19 4.19
N GLY A 57 -8.45 -2.92 4.30
CA GLY A 57 -8.23 -1.98 3.22
C GLY A 57 -7.37 -0.91 3.81
N TYR A 58 -6.43 -0.34 3.01
CA TYR A 58 -5.48 0.67 3.44
C TYR A 58 -5.60 2.01 2.71
N ASN A 59 -5.52 3.12 3.48
CA ASN A 59 -5.49 4.50 2.97
C ASN A 59 -4.13 5.10 3.33
N ILE A 60 -3.38 5.58 2.31
CA ILE A 60 -2.02 6.07 2.47
C ILE A 60 -1.93 7.56 2.17
N TYR A 61 -1.06 8.27 2.94
CA TYR A 61 -0.65 9.65 2.74
C TYR A 61 0.88 9.53 2.70
N THR A 62 1.57 9.83 1.58
CA THR A 62 3.04 9.72 1.48
C THR A 62 3.54 10.91 0.64
N PRO A 63 4.74 11.54 0.78
CA PRO A 63 5.27 12.57 -0.15
C PRO A 63 5.66 11.94 -1.52
N TYR A 64 5.16 12.54 -2.64
CA TYR A 64 5.14 12.24 -4.08
C TYR A 64 5.37 10.82 -4.65
N ASP A 65 5.22 9.79 -3.81
CA ASP A 65 5.35 8.37 -4.15
C ASP A 65 3.99 7.72 -4.31
N ASP A 66 3.85 6.92 -5.40
CA ASP A 66 2.67 6.14 -5.78
C ASP A 66 3.08 4.67 -5.88
N ARG A 67 4.18 4.35 -5.17
CA ARG A 67 4.90 3.09 -5.21
C ARG A 67 4.54 2.13 -4.09
N ILE A 68 3.66 2.51 -3.11
CA ILE A 68 3.18 1.80 -1.95
C ILE A 68 2.50 0.46 -2.26
N ASP A 69 1.27 0.47 -2.82
CA ASP A 69 0.53 -0.74 -3.21
C ASP A 69 0.06 -0.53 -4.64
N LYS A 70 -0.38 -1.66 -5.24
CA LYS A 70 -0.89 -1.89 -6.58
C LYS A 70 -0.14 -3.11 -7.09
N LYS A 71 -0.23 -4.24 -6.33
CA LYS A 71 0.38 -5.56 -6.59
C LYS A 71 1.79 -5.73 -5.98
N MET A 72 1.96 -5.43 -4.65
CA MET A 72 3.28 -5.55 -3.97
C MET A 72 3.18 -5.73 -2.44
N ARG A 73 4.33 -5.97 -1.71
CA ARG A 73 4.37 -6.26 -0.27
C ARG A 73 4.84 -5.06 0.55
N VAL A 74 4.01 -4.63 1.53
CA VAL A 74 4.29 -3.40 2.27
C VAL A 74 4.55 -3.66 3.76
N ILE A 75 5.72 -3.20 4.31
CA ILE A 75 6.09 -3.39 5.71
C ILE A 75 6.11 -2.06 6.47
N TYR A 76 5.06 -1.90 7.33
CA TYR A 76 4.83 -0.87 8.34
C TYR A 76 5.30 -1.38 9.68
N ARG A 77 6.59 -1.10 10.04
CA ARG A 77 7.29 -1.46 11.27
C ARG A 77 7.19 -2.93 11.73
N GLY A 78 7.16 -3.86 10.73
CA GLY A 78 6.88 -5.28 10.90
C GLY A 78 5.43 -5.73 10.72
N LYS A 79 4.46 -4.81 10.45
CA LYS A 79 3.05 -5.10 10.21
C LYS A 79 2.78 -5.28 8.71
N ILE A 80 2.14 -6.43 8.34
CA ILE A 80 1.86 -6.86 6.97
C ILE A 80 0.59 -6.25 6.37
N VAL A 81 0.81 -5.53 5.23
CA VAL A 81 -0.20 -4.92 4.37
C VAL A 81 -0.06 -5.66 3.03
N THR A 82 -1.19 -6.19 2.47
CA THR A 82 -1.19 -7.13 1.33
C THR A 82 -1.72 -6.61 0.01
N PHE A 83 -0.78 -6.42 -0.96
CA PHE A 83 -0.98 -6.28 -2.39
C PHE A 83 -1.72 -5.12 -3.00
N ILE A 84 -3.06 -5.03 -2.77
CA ILE A 84 -4.02 -4.13 -3.38
C ILE A 84 -4.10 -2.67 -2.92
N GLY A 85 -4.23 -1.76 -3.93
CA GLY A 85 -4.52 -0.34 -3.76
C GLY A 85 -4.30 0.35 -5.09
N ASP A 86 -5.00 1.47 -5.40
CA ASP A 86 -4.87 2.25 -6.65
C ASP A 86 -4.30 3.67 -6.39
N PRO A 87 -3.40 4.25 -7.21
CA PRO A 87 -2.77 5.57 -6.99
C PRO A 87 -3.53 6.80 -7.55
N VAL A 88 -3.49 7.95 -6.83
CA VAL A 88 -4.03 9.28 -7.19
C VAL A 88 -2.94 10.35 -6.92
N ASP A 89 -2.72 11.34 -7.83
CA ASP A 89 -1.85 12.50 -7.59
C ASP A 89 -2.83 13.63 -7.26
N LEU A 90 -3.00 13.90 -5.94
CA LEU A 90 -3.96 14.85 -5.37
C LEU A 90 -3.46 16.29 -5.39
N SER A 91 -2.14 16.44 -5.68
CA SER A 91 -1.40 17.68 -5.86
C SER A 91 -1.29 18.04 -7.35
N GLY A 92 -1.08 19.36 -7.64
CA GLY A 92 -0.71 19.88 -8.98
C GLY A 92 0.71 20.41 -9.00
N LEU A 93 1.61 19.72 -8.26
CA LEU A 93 3.02 20.01 -8.04
C LEU A 93 3.57 18.73 -7.44
N GLN A 94 4.91 18.64 -7.19
CA GLN A 94 5.66 17.52 -6.63
C GLN A 94 5.69 17.50 -5.09
N GLU A 95 4.46 17.52 -4.49
CA GLU A 95 4.17 17.56 -3.06
C GLU A 95 3.63 16.24 -2.53
N ILE A 96 2.30 16.16 -2.21
CA ILE A 96 1.63 14.98 -1.64
C ILE A 96 0.90 14.13 -2.68
N THR A 97 1.15 12.79 -2.62
CA THR A 97 0.53 11.78 -3.48
C THR A 97 -0.14 10.77 -2.54
N ARG A 98 -1.35 10.28 -2.95
CA ARG A 98 -2.23 9.40 -2.20
C ARG A 98 -2.56 8.14 -3.01
N ILE A 99 -2.57 6.95 -2.36
CA ILE A 99 -2.97 5.68 -2.99
C ILE A 99 -4.05 5.09 -2.08
N LYS A 100 -5.16 4.57 -2.64
CA LYS A 100 -6.31 4.08 -1.87
C LYS A 100 -6.76 2.68 -2.29
N GLY A 101 -7.22 1.90 -1.26
CA GLY A 101 -7.99 0.67 -1.39
C GLY A 101 -8.96 0.59 -0.22
N LYS A 102 -10.16 -0.03 -0.35
CA LYS A 102 -11.10 -0.14 0.77
C LYS A 102 -11.95 -1.39 0.72
N GLU A 103 -12.37 -1.84 1.93
CA GLU A 103 -13.25 -2.95 2.20
C GLU A 103 -14.34 -2.36 3.05
N ASP A 104 -15.61 -2.44 2.58
CA ASP A 104 -16.76 -1.90 3.27
C ASP A 104 -17.91 -2.84 2.92
N GLY A 105 -18.82 -3.08 3.89
CA GLY A 105 -20.00 -3.93 3.72
C GLY A 105 -21.27 -3.20 4.08
N ALA A 106 -21.30 -1.87 3.85
CA ALA A 106 -22.41 -0.99 4.17
C ALA A 106 -22.64 -0.07 2.99
N TYR A 107 -23.29 -0.58 1.91
CA TYR A 107 -23.55 0.12 0.65
C TYR A 107 -24.83 0.96 0.70
N VAL A 108 -24.86 1.95 1.61
CA VAL A 108 -25.98 2.84 1.85
C VAL A 108 -25.44 4.26 1.90
N GLY A 109 -26.16 5.21 1.25
CA GLY A 109 -25.77 6.60 1.19
C GLY A 109 -26.85 7.32 0.43
N MET A 1 -5.50 18.32 10.42
CA MET A 1 -6.12 17.10 10.84
C MET A 1 -5.01 16.22 11.39
N TYR A 2 -5.36 15.18 12.19
CA TYR A 2 -4.48 14.22 12.86
C TYR A 2 -3.84 13.16 11.94
N GLU A 3 -3.23 13.65 10.82
CA GLU A 3 -2.57 12.89 9.78
C GLU A 3 -1.08 13.24 9.74
N GLU A 4 -0.49 13.62 10.91
CA GLU A 4 0.91 14.01 11.06
C GLU A 4 1.77 12.78 11.38
N PHE A 5 2.03 11.98 10.33
CA PHE A 5 2.80 10.74 10.35
C PHE A 5 3.95 10.87 9.36
N ARG A 6 5.19 10.60 9.82
CA ARG A 6 6.37 10.69 8.98
C ARG A 6 7.41 9.67 9.46
N ASP A 7 6.93 8.43 9.80
CA ASP A 7 7.73 7.32 10.30
C ASP A 7 8.21 6.47 9.13
N VAL A 8 9.12 5.50 9.38
CA VAL A 8 9.77 4.71 8.35
C VAL A 8 9.07 3.36 8.12
N ILE A 9 8.87 3.08 6.80
CA ILE A 9 8.22 1.93 6.22
C ILE A 9 9.19 1.40 5.18
N THR A 10 9.27 0.05 5.06
CA THR A 10 10.18 -0.66 4.16
C THR A 10 9.38 -1.32 3.05
N PHE A 11 9.57 -0.85 1.79
CA PHE A 11 8.78 -1.25 0.62
C PHE A 11 9.46 -2.28 -0.29
N GLN A 12 8.78 -3.47 -0.53
CA GLN A 12 9.25 -4.61 -1.32
C GLN A 12 8.32 -4.92 -2.48
N SER A 13 8.89 -5.61 -3.53
CA SER A 13 8.18 -6.17 -4.69
C SER A 13 8.62 -7.62 -5.02
N TYR A 14 7.72 -8.39 -5.69
CA TYR A 14 7.90 -9.76 -6.14
C TYR A 14 7.86 -9.63 -7.67
N VAL A 15 8.97 -9.97 -8.38
CA VAL A 15 9.14 -9.66 -9.80
C VAL A 15 9.24 -10.93 -10.60
N GLU A 16 8.47 -11.05 -11.72
CA GLU A 16 8.43 -12.20 -12.61
C GLU A 16 9.55 -12.21 -13.65
N GLN A 17 10.22 -13.38 -13.85
CA GLN A 17 11.24 -13.64 -14.86
C GLN A 17 12.61 -13.07 -14.51
N SER A 18 13.25 -13.66 -13.47
CA SER A 18 14.55 -13.25 -13.00
C SER A 18 15.30 -14.49 -12.62
N ASN A 19 15.40 -15.42 -13.60
CA ASN A 19 16.11 -16.70 -13.52
C ASN A 19 17.35 -16.61 -14.41
N GLY A 20 17.90 -15.39 -14.61
CA GLY A 20 19.17 -15.08 -15.28
C GLY A 20 19.28 -15.22 -16.79
N GLU A 21 18.97 -16.44 -17.30
CA GLU A 21 19.06 -16.82 -18.71
C GLU A 21 17.69 -16.90 -19.36
N GLY A 22 16.71 -17.49 -18.64
CA GLY A 22 15.34 -17.69 -19.05
C GLY A 22 14.68 -18.38 -17.89
N GLY A 23 13.34 -18.30 -17.73
CA GLY A 23 12.59 -18.89 -16.60
C GLY A 23 11.57 -17.91 -16.08
N LYS A 24 10.39 -18.40 -15.64
CA LYS A 24 9.24 -17.58 -15.24
C LYS A 24 8.83 -17.73 -13.78
N THR A 25 9.80 -17.52 -12.85
CA THR A 25 9.58 -17.52 -11.39
C THR A 25 9.45 -16.09 -10.91
N TYR A 26 9.10 -15.89 -9.62
CA TYR A 26 8.99 -14.59 -9.00
C TYR A 26 10.07 -14.47 -7.93
N LYS A 27 10.89 -13.39 -8.01
CA LYS A 27 12.02 -13.12 -7.14
C LYS A 27 11.78 -11.83 -6.39
N TRP A 28 12.24 -11.78 -5.11
CA TRP A 28 12.14 -10.66 -4.19
C TRP A 28 13.34 -9.69 -4.31
N VAL A 29 12.99 -8.38 -4.38
CA VAL A 29 13.90 -7.26 -4.50
C VAL A 29 13.26 -6.15 -3.65
N ASP A 30 14.05 -5.13 -3.20
CA ASP A 30 13.58 -3.94 -2.50
C ASP A 30 13.12 -2.92 -3.54
N GLU A 31 11.99 -2.21 -3.27
CA GLU A 31 11.41 -1.21 -4.17
C GLU A 31 11.96 0.15 -3.83
N PHE A 32 11.87 0.51 -2.52
CA PHE A 32 12.36 1.78 -2.01
C PHE A 32 12.24 1.68 -0.49
N THR A 33 12.72 2.71 0.25
CA THR A 33 12.62 2.82 1.70
C THR A 33 12.23 4.27 1.81
N ALA A 34 11.20 4.59 2.63
CA ALA A 34 10.74 5.98 2.71
C ALA A 34 10.00 6.37 3.96
N ALA A 35 9.89 7.73 4.16
CA ALA A 35 9.03 8.34 5.18
C ALA A 35 7.65 8.49 4.54
N ALA A 36 6.69 7.72 5.11
CA ALA A 36 5.41 7.51 4.50
C ALA A 36 4.46 6.98 5.54
N HIS A 37 3.14 6.92 5.23
CA HIS A 37 2.10 6.34 6.06
C HIS A 37 1.25 5.36 5.26
N VAL A 38 1.27 4.05 5.68
CA VAL A 38 0.48 2.91 5.23
C VAL A 38 -0.50 2.58 6.40
N GLN A 39 -1.79 3.03 6.34
CA GLN A 39 -2.86 2.86 7.34
C GLN A 39 -4.05 2.06 6.75
N PRO A 40 -4.74 1.05 7.34
CA PRO A 40 -5.87 0.32 6.73
C PRO A 40 -7.20 1.10 6.58
N ILE A 41 -8.09 0.70 5.60
CA ILE A 41 -9.44 1.25 5.29
C ILE A 41 -9.35 2.62 4.58
N SER A 42 -10.23 3.62 4.85
CA SER A 42 -10.19 5.00 4.34
C SER A 42 -11.52 5.67 4.63
N GLN A 43 -11.94 6.62 3.75
CA GLN A 43 -13.18 7.39 3.78
C GLN A 43 -14.28 6.68 3.04
N GLU A 44 -13.94 5.79 2.08
CA GLU A 44 -14.87 5.06 1.19
C GLU A 44 -15.83 4.04 1.82
N GLU A 45 -15.72 3.83 3.17
CA GLU A 45 -16.62 3.03 4.00
C GLU A 45 -17.90 3.81 4.34
N TYR A 46 -17.75 5.17 4.44
CA TYR A 46 -18.76 6.20 4.71
C TYR A 46 -19.65 6.51 3.49
N TYR A 47 -19.20 6.04 2.28
CA TYR A 47 -19.92 6.08 1.00
C TYR A 47 -20.83 4.85 0.87
N LYS A 48 -20.50 3.76 1.61
CA LYS A 48 -21.15 2.45 1.67
C LYS A 48 -20.91 1.57 0.44
N ALA A 49 -19.61 1.36 0.07
CA ALA A 49 -19.18 0.54 -1.06
C ALA A 49 -18.81 -0.88 -0.62
N GLN A 50 -19.42 -1.34 0.51
CA GLN A 50 -19.23 -2.60 1.22
C GLN A 50 -19.83 -3.83 0.56
N GLN A 51 -19.40 -4.14 -0.68
CA GLN A 51 -19.80 -5.29 -1.48
C GLN A 51 -18.71 -6.35 -1.43
N LEU A 52 -19.12 -7.64 -1.28
CA LEU A 52 -18.26 -8.82 -1.20
C LEU A 52 -17.61 -9.20 -2.54
N GLN A 53 -16.29 -9.53 -2.50
CA GLN A 53 -15.44 -9.93 -3.63
C GLN A 53 -14.81 -8.75 -4.37
N THR A 54 -13.77 -8.14 -3.74
CA THR A 54 -12.97 -7.01 -4.21
C THR A 54 -11.69 -7.12 -3.39
N PRO A 55 -10.47 -6.73 -3.86
CA PRO A 55 -9.23 -6.67 -3.07
C PRO A 55 -9.20 -5.52 -2.04
N ILE A 56 -8.38 -5.72 -0.96
CA ILE A 56 -8.07 -4.91 0.23
C ILE A 56 -7.87 -3.38 0.08
N GLY A 57 -8.09 -2.56 1.14
CA GLY A 57 -7.98 -1.11 1.04
C GLY A 57 -7.07 -0.52 2.05
N TYR A 58 -6.30 0.50 1.62
CA TYR A 58 -5.42 1.25 2.47
C TYR A 58 -5.71 2.70 2.20
N ASN A 59 -5.51 3.48 3.27
CA ASN A 59 -5.60 4.92 3.31
C ASN A 59 -4.13 5.28 3.45
N ILE A 60 -3.65 6.01 2.44
CA ILE A 60 -2.24 6.27 2.28
C ILE A 60 -2.04 7.73 2.07
N TYR A 61 -0.99 8.28 2.74
CA TYR A 61 -0.47 9.57 2.38
C TYR A 61 1.02 9.22 2.22
N THR A 62 1.61 9.39 1.01
CA THR A 62 3.04 9.12 0.82
C THR A 62 3.52 10.25 -0.07
N PRO A 63 4.53 11.12 0.27
CA PRO A 63 4.99 12.25 -0.57
C PRO A 63 5.55 11.73 -1.91
N TYR A 64 5.01 12.24 -3.05
CA TYR A 64 5.11 11.85 -4.45
C TYR A 64 5.57 10.42 -4.89
N ASP A 65 5.36 9.38 -4.03
CA ASP A 65 5.63 7.98 -4.33
C ASP A 65 4.31 7.29 -4.62
N ASP A 66 4.25 6.63 -5.80
CA ASP A 66 3.12 5.88 -6.33
C ASP A 66 3.34 4.38 -6.12
N ARG A 67 4.38 4.03 -5.33
CA ARG A 67 4.89 2.69 -5.13
C ARG A 67 4.56 1.91 -3.86
N ILE A 68 3.75 2.37 -2.82
CA ILE A 68 3.47 1.59 -1.59
C ILE A 68 2.70 0.30 -1.86
N ASP A 69 1.63 0.42 -2.68
CA ASP A 69 0.80 -0.65 -3.23
C ASP A 69 0.56 -0.43 -4.72
N LYS A 70 1.13 -1.34 -5.53
CA LYS A 70 1.01 -1.46 -6.98
C LYS A 70 1.63 -2.81 -7.27
N LYS A 71 1.02 -3.84 -6.59
CA LYS A 71 1.39 -5.26 -6.50
C LYS A 71 2.63 -5.44 -5.62
N MET A 72 2.50 -5.12 -4.31
CA MET A 72 3.61 -5.04 -3.36
C MET A 72 3.34 -5.77 -2.05
N ARG A 73 4.43 -5.86 -1.24
CA ARG A 73 4.43 -6.32 0.15
C ARG A 73 5.17 -5.23 0.90
N VAL A 74 4.62 -4.71 2.04
CA VAL A 74 5.32 -3.68 2.82
C VAL A 74 5.34 -4.09 4.28
N ILE A 75 6.40 -3.62 5.00
CA ILE A 75 6.53 -3.72 6.44
C ILE A 75 6.44 -2.28 6.95
N TYR A 76 5.28 -1.98 7.58
CA TYR A 76 4.88 -0.82 8.33
C TYR A 76 5.09 -1.15 9.81
N ARG A 77 6.31 -0.89 10.36
CA ARG A 77 6.70 -1.06 11.78
C ARG A 77 6.57 -2.46 12.42
N GLY A 78 6.93 -3.52 11.64
CA GLY A 78 6.81 -4.94 11.98
C GLY A 78 5.53 -5.60 11.52
N LYS A 79 4.54 -4.81 11.02
CA LYS A 79 3.26 -5.30 10.52
C LYS A 79 3.38 -5.61 9.03
N ILE A 80 3.09 -6.90 8.67
CA ILE A 80 3.15 -7.46 7.33
C ILE A 80 1.80 -7.31 6.62
N VAL A 81 1.84 -6.60 5.48
CA VAL A 81 0.70 -6.25 4.62
C VAL A 81 1.02 -6.74 3.20
N THR A 82 0.05 -7.34 2.46
CA THR A 82 0.14 -7.74 1.05
C THR A 82 -1.12 -7.18 0.41
N PHE A 83 -0.95 -6.50 -0.74
CA PHE A 83 -2.02 -5.74 -1.39
C PHE A 83 -1.73 -5.36 -2.84
N ILE A 84 -2.82 -5.14 -3.64
CA ILE A 84 -2.79 -4.72 -5.05
C ILE A 84 -2.60 -3.20 -5.17
N GLY A 85 -3.64 -2.36 -4.84
CA GLY A 85 -3.55 -0.88 -4.80
C GLY A 85 -3.95 -0.09 -6.04
N ASP A 86 -4.09 1.26 -5.87
CA ASP A 86 -4.41 2.22 -6.95
C ASP A 86 -4.09 3.70 -6.58
N PRO A 87 -2.85 4.23 -6.62
CA PRO A 87 -2.48 5.59 -6.16
C PRO A 87 -2.84 6.73 -7.12
N VAL A 88 -3.38 7.87 -6.60
CA VAL A 88 -3.74 9.08 -7.33
C VAL A 88 -2.79 10.20 -6.90
N ASP A 89 -2.07 10.83 -7.86
CA ASP A 89 -1.12 11.94 -7.66
C ASP A 89 -1.90 13.25 -7.60
N LEU A 90 -1.89 13.98 -6.45
CA LEU A 90 -2.72 15.19 -6.29
C LEU A 90 -1.98 16.46 -6.69
N SER A 91 -0.64 16.34 -6.88
CA SER A 91 0.23 17.42 -7.32
C SER A 91 1.39 16.79 -8.06
N GLY A 92 2.51 17.54 -8.25
CA GLY A 92 3.72 17.14 -8.96
C GLY A 92 4.86 16.67 -8.07
N LEU A 93 6.13 16.78 -8.56
CA LEU A 93 7.36 16.35 -7.91
C LEU A 93 7.66 16.91 -6.51
N GLN A 94 7.83 15.97 -5.53
CA GLN A 94 8.08 16.13 -4.09
C GLN A 94 6.81 16.31 -3.24
N GLU A 95 5.64 16.59 -3.87
CA GLU A 95 4.37 16.87 -3.22
C GLU A 95 3.54 15.65 -2.80
N ILE A 96 2.23 15.55 -3.11
CA ILE A 96 1.34 14.51 -2.57
C ILE A 96 0.81 13.52 -3.60
N THR A 97 1.02 12.20 -3.35
CA THR A 97 0.40 11.06 -4.04
C THR A 97 -0.44 10.36 -2.97
N ARG A 98 -1.75 10.14 -3.22
CA ARG A 98 -2.74 9.63 -2.27
C ARG A 98 -3.43 8.37 -2.78
N ILE A 99 -3.64 7.34 -1.91
CA ILE A 99 -4.35 6.11 -2.29
C ILE A 99 -5.47 5.90 -1.28
N LYS A 100 -6.72 5.69 -1.78
CA LYS A 100 -7.91 5.44 -0.99
C LYS A 100 -8.46 4.09 -1.43
N GLY A 101 -8.75 3.19 -0.47
CA GLY A 101 -9.34 1.89 -0.75
C GLY A 101 -10.23 1.55 0.40
N LYS A 102 -11.16 0.57 0.21
CA LYS A 102 -12.04 0.03 1.24
C LYS A 102 -11.88 -1.51 1.26
N GLU A 103 -11.64 -2.12 2.45
CA GLU A 103 -11.56 -3.58 2.65
C GLU A 103 -12.86 -4.16 3.23
N ASP A 104 -13.23 -5.40 2.81
CA ASP A 104 -14.47 -6.12 3.21
C ASP A 104 -14.43 -6.75 4.61
N GLY A 105 -14.43 -5.91 5.67
CA GLY A 105 -14.33 -6.32 7.07
C GLY A 105 -13.75 -5.15 7.82
N ALA A 106 -12.80 -5.41 8.76
CA ALA A 106 -12.03 -4.46 9.56
C ALA A 106 -12.72 -3.71 10.71
N TYR A 107 -14.08 -3.64 10.72
CA TYR A 107 -14.86 -2.99 11.74
C TYR A 107 -16.25 -3.63 11.67
N VAL A 108 -17.05 -3.47 12.76
CA VAL A 108 -18.41 -3.99 12.93
C VAL A 108 -19.46 -3.05 12.32
N GLY A 109 -19.41 -2.92 10.97
CA GLY A 109 -20.29 -2.07 10.15
C GLY A 109 -19.56 -0.88 9.62
N MET A 1 8.56 14.64 14.88
CA MET A 1 7.27 14.00 14.77
C MET A 1 6.20 15.05 14.96
N TYR A 2 6.59 16.35 14.90
CA TYR A 2 5.73 17.54 15.00
C TYR A 2 5.31 18.00 13.60
N GLU A 3 4.67 17.08 12.85
CA GLU A 3 4.27 17.17 11.45
C GLU A 3 3.32 16.01 11.19
N GLU A 4 2.81 15.83 9.93
CA GLU A 4 1.83 14.83 9.47
C GLU A 4 2.29 13.37 9.32
N PHE A 5 3.06 12.91 10.35
CA PHE A 5 3.71 11.62 10.54
C PHE A 5 5.13 11.72 9.97
N ARG A 6 5.29 11.34 8.68
CA ARG A 6 6.48 11.39 7.82
C ARG A 6 7.77 10.72 8.32
N ASP A 7 7.62 9.50 8.88
CA ASP A 7 8.70 8.62 9.33
C ASP A 7 9.14 7.73 8.19
N VAL A 8 10.38 7.17 8.28
CA VAL A 8 11.00 6.35 7.24
C VAL A 8 10.79 4.87 7.56
N ILE A 9 10.03 4.20 6.66
CA ILE A 9 9.54 2.82 6.76
C ILE A 9 10.10 1.96 5.61
N THR A 10 9.92 0.59 5.60
CA THR A 10 10.48 -0.31 4.58
C THR A 10 9.41 -0.87 3.64
N PHE A 11 9.49 -0.55 2.32
CA PHE A 11 8.51 -0.94 1.29
C PHE A 11 9.07 -2.10 0.40
N GLN A 12 8.24 -3.17 0.13
CA GLN A 12 8.51 -4.38 -0.69
C GLN A 12 7.44 -4.51 -1.79
N SER A 13 7.69 -5.28 -2.90
CA SER A 13 6.73 -5.49 -3.98
C SER A 13 6.76 -6.91 -4.54
N TYR A 14 5.68 -7.31 -5.25
CA TYR A 14 5.53 -8.58 -5.96
C TYR A 14 5.49 -8.22 -7.44
N VAL A 15 6.34 -8.86 -8.28
CA VAL A 15 6.45 -8.64 -9.71
C VAL A 15 6.42 -10.01 -10.35
N GLU A 16 6.03 -10.06 -11.64
CA GLU A 16 6.05 -11.27 -12.48
C GLU A 16 7.41 -11.41 -13.16
N GLN A 17 7.50 -11.09 -14.48
CA GLN A 17 8.66 -11.14 -15.39
C GLN A 17 8.64 -12.44 -16.19
N SER A 18 9.23 -12.46 -17.43
CA SER A 18 9.31 -13.64 -18.32
C SER A 18 10.60 -14.43 -18.07
N ASN A 19 10.75 -14.85 -16.79
CA ASN A 19 11.86 -15.58 -16.23
C ASN A 19 11.27 -16.74 -15.42
N GLY A 20 12.00 -17.86 -15.33
CA GLY A 20 11.60 -19.08 -14.66
C GLY A 20 12.21 -20.18 -15.46
N GLU A 21 11.46 -21.28 -15.72
CA GLU A 21 11.91 -22.41 -16.53
C GLU A 21 11.59 -22.21 -18.00
N GLY A 22 10.33 -21.86 -18.33
CA GLY A 22 9.94 -21.61 -19.72
C GLY A 22 8.64 -20.87 -19.80
N GLY A 23 8.66 -19.54 -19.55
CA GLY A 23 7.48 -18.70 -19.68
C GLY A 23 7.56 -17.53 -18.77
N LYS A 24 7.13 -17.73 -17.51
CA LYS A 24 7.10 -16.73 -16.46
C LYS A 24 6.91 -17.43 -15.13
N THR A 25 7.42 -16.81 -14.05
CA THR A 25 7.32 -17.21 -12.64
C THR A 25 7.28 -15.87 -11.92
N TYR A 26 6.81 -15.83 -10.65
CA TYR A 26 6.65 -14.61 -9.86
C TYR A 26 7.65 -14.68 -8.71
N LYS A 27 8.20 -13.50 -8.33
CA LYS A 27 9.25 -13.31 -7.33
C LYS A 27 8.86 -12.20 -6.37
N TRP A 28 9.43 -12.20 -5.13
CA TRP A 28 9.26 -11.21 -4.09
C TRP A 28 10.63 -10.54 -3.90
N VAL A 29 10.66 -9.17 -3.86
CA VAL A 29 11.86 -8.36 -3.67
C VAL A 29 11.51 -7.17 -2.78
N ASP A 30 12.54 -6.56 -2.13
CA ASP A 30 12.49 -5.37 -1.27
C ASP A 30 12.84 -4.17 -2.15
N GLU A 31 12.03 -3.09 -2.14
CA GLU A 31 12.16 -1.95 -3.06
C GLU A 31 13.03 -0.81 -2.56
N PHE A 32 12.60 -0.16 -1.45
CA PHE A 32 13.22 1.07 -0.98
C PHE A 32 12.80 1.29 0.47
N THR A 33 13.34 2.37 1.11
CA THR A 33 12.87 2.85 2.41
C THR A 33 12.59 4.33 2.18
N ALA A 34 11.42 4.82 2.64
CA ALA A 34 10.98 6.19 2.38
C ALA A 34 9.97 6.73 3.36
N ALA A 35 9.77 8.08 3.34
CA ALA A 35 8.88 8.83 4.20
C ALA A 35 7.41 8.81 3.72
N ALA A 36 6.56 8.18 4.56
CA ALA A 36 5.17 7.96 4.27
C ALA A 36 4.47 7.59 5.56
N HIS A 37 3.12 7.58 5.47
CA HIS A 37 2.19 7.08 6.46
C HIS A 37 1.45 6.04 5.62
N VAL A 38 1.70 4.72 5.85
CA VAL A 38 1.20 3.61 5.04
C VAL A 38 0.29 2.89 6.07
N GLN A 39 -1.06 3.12 6.12
CA GLN A 39 -1.93 2.60 7.22
C GLN A 39 -3.08 1.70 6.76
N PRO A 40 -3.60 0.71 7.56
CA PRO A 40 -4.73 -0.15 7.19
C PRO A 40 -6.09 0.56 7.17
N ILE A 41 -7.07 0.08 6.34
CA ILE A 41 -8.41 0.65 6.17
C ILE A 41 -9.45 0.19 7.22
N SER A 42 -8.92 -0.03 8.45
CA SER A 42 -9.58 -0.49 9.66
C SER A 42 -9.21 0.49 10.77
N GLN A 43 -10.07 1.52 11.06
CA GLN A 43 -9.85 2.58 12.06
C GLN A 43 -10.15 2.12 13.50
N GLU A 44 -11.10 2.79 14.21
CA GLU A 44 -11.49 2.47 15.59
C GLU A 44 -12.80 1.66 15.61
N GLU A 45 -13.42 1.48 14.43
CA GLU A 45 -14.73 0.87 14.20
C GLU A 45 -14.66 -0.59 13.75
N TYR A 46 -14.22 -1.53 14.64
CA TYR A 46 -14.08 -2.97 14.34
C TYR A 46 -15.39 -3.76 14.42
N TYR A 47 -16.43 -3.23 15.13
CA TYR A 47 -17.77 -3.78 15.30
C TYR A 47 -17.84 -4.91 16.37
N LYS A 48 -19.04 -5.52 16.55
CA LYS A 48 -19.29 -6.61 17.50
C LYS A 48 -19.17 -7.98 16.84
N ALA A 49 -20.17 -8.40 16.02
CA ALA A 49 -20.31 -9.69 15.35
C ALA A 49 -19.37 -9.98 14.16
N GLN A 50 -18.15 -9.42 14.16
CA GLN A 50 -17.11 -9.59 13.16
C GLN A 50 -15.82 -9.53 13.95
N GLN A 51 -14.76 -10.23 13.49
CA GLN A 51 -13.45 -10.15 14.11
C GLN A 51 -12.41 -10.05 13.01
N LEU A 52 -12.34 -8.87 12.36
CA LEU A 52 -11.44 -8.54 11.26
C LEU A 52 -10.13 -8.00 11.82
N GLN A 53 -9.31 -8.93 12.40
CA GLN A 53 -8.02 -8.72 13.05
C GLN A 53 -6.90 -8.43 12.05
N THR A 54 -6.81 -9.25 10.97
CA THR A 54 -5.89 -9.03 9.86
C THR A 54 -6.69 -8.37 8.71
N PRO A 55 -6.52 -7.07 8.36
CA PRO A 55 -7.22 -6.40 7.26
C PRO A 55 -6.60 -6.73 5.89
N ILE A 56 -7.38 -6.64 4.79
CA ILE A 56 -6.91 -6.88 3.43
C ILE A 56 -6.99 -5.58 2.62
N GLY A 57 -6.65 -4.43 3.24
CA GLY A 57 -6.70 -3.17 2.55
C GLY A 57 -6.10 -2.04 3.32
N TYR A 58 -5.46 -1.12 2.56
CA TYR A 58 -4.80 0.08 3.05
C TYR A 58 -5.45 1.39 2.55
N ASN A 59 -5.10 2.49 3.27
CA ASN A 59 -5.28 3.88 2.83
C ASN A 59 -3.92 4.51 3.14
N ILE A 60 -3.21 5.03 2.11
CA ILE A 60 -1.82 5.42 2.26
C ILE A 60 -1.54 6.68 1.47
N TYR A 61 -0.81 7.64 2.12
CA TYR A 61 -0.31 8.87 1.51
C TYR A 61 1.19 9.06 1.85
N THR A 62 1.93 9.73 0.94
CA THR A 62 3.33 10.15 1.05
C THR A 62 3.36 11.53 0.39
N PRO A 63 4.24 12.52 0.67
CA PRO A 63 4.27 13.80 -0.08
C PRO A 63 4.89 13.59 -1.48
N TYR A 64 4.16 14.01 -2.56
CA TYR A 64 4.28 13.96 -4.04
C TYR A 64 5.19 12.97 -4.77
N ASP A 65 5.54 11.88 -4.08
CA ASP A 65 6.28 10.72 -4.53
C ASP A 65 5.34 9.54 -4.72
N ASP A 66 5.67 8.63 -5.66
CA ASP A 66 4.91 7.43 -5.95
C ASP A 66 5.73 6.24 -5.48
N ARG A 67 5.94 6.18 -4.13
CA ARG A 67 6.66 5.15 -3.39
C ARG A 67 5.83 3.88 -3.24
N ILE A 68 4.58 4.09 -2.78
CA ILE A 68 3.48 3.17 -2.61
C ILE A 68 2.77 2.84 -3.92
N ASP A 69 2.57 1.53 -4.14
CA ASP A 69 2.16 0.96 -5.44
C ASP A 69 1.05 -0.08 -5.38
N LYS A 70 0.81 -0.71 -6.56
CA LYS A 70 -0.02 -1.87 -6.85
C LYS A 70 0.93 -3.05 -6.89
N LYS A 71 0.60 -4.13 -6.12
CA LYS A 71 1.37 -5.34 -5.85
C LYS A 71 2.42 -5.05 -4.78
N MET A 72 1.95 -4.49 -3.62
CA MET A 72 2.78 -3.98 -2.57
C MET A 72 2.50 -4.60 -1.22
N ARG A 73 3.58 -4.66 -0.42
CA ARG A 73 3.67 -5.14 0.93
C ARG A 73 4.52 -4.10 1.60
N VAL A 74 4.09 -3.49 2.72
CA VAL A 74 4.91 -2.48 3.36
C VAL A 74 5.00 -2.87 4.82
N ILE A 75 6.21 -2.69 5.39
CA ILE A 75 6.48 -2.91 6.78
C ILE A 75 6.44 -1.51 7.38
N TYR A 76 5.29 -1.29 8.07
CA TYR A 76 4.91 -0.15 8.83
C TYR A 76 5.22 -0.38 10.32
N ARG A 77 6.41 0.06 10.80
CA ARG A 77 6.94 -0.02 12.18
C ARG A 77 6.92 -1.41 12.84
N GLY A 78 7.33 -2.44 12.04
CA GLY A 78 7.33 -3.86 12.38
C GLY A 78 6.10 -4.65 12.01
N LYS A 79 5.01 -4.01 11.50
CA LYS A 79 3.78 -4.68 11.08
C LYS A 79 3.83 -4.98 9.59
N ILE A 80 3.61 -6.27 9.19
CA ILE A 80 3.64 -6.72 7.78
C ILE A 80 2.22 -6.70 7.22
N VAL A 81 1.90 -5.71 6.33
CA VAL A 81 0.58 -5.49 5.74
C VAL A 81 0.63 -5.50 4.20
N THR A 82 -0.48 -5.97 3.54
CA THR A 82 -0.69 -6.17 2.11
C THR A 82 -1.71 -5.23 1.44
N PHE A 83 -1.42 -4.79 0.18
CA PHE A 83 -2.30 -3.96 -0.64
C PHE A 83 -2.06 -4.07 -2.15
N ILE A 84 -3.11 -3.73 -2.97
CA ILE A 84 -3.06 -3.68 -4.44
C ILE A 84 -3.89 -2.45 -4.84
N GLY A 85 -3.28 -1.30 -5.23
CA GLY A 85 -4.03 -0.06 -5.49
C GLY A 85 -3.48 0.82 -6.54
N ASP A 86 -4.30 1.74 -7.09
CA ASP A 86 -3.95 2.72 -8.14
C ASP A 86 -3.84 4.12 -7.55
N PRO A 87 -2.88 5.01 -7.91
CA PRO A 87 -2.65 6.30 -7.23
C PRO A 87 -3.50 7.48 -7.75
N VAL A 88 -3.73 8.49 -6.86
CA VAL A 88 -4.44 9.74 -7.09
C VAL A 88 -3.57 10.92 -6.58
N ASP A 89 -3.55 12.06 -7.34
CA ASP A 89 -2.88 13.32 -6.98
C ASP A 89 -3.90 14.33 -6.47
N LEU A 90 -3.68 14.94 -5.27
CA LEU A 90 -4.62 15.83 -4.60
C LEU A 90 -4.61 17.28 -5.08
N SER A 91 -3.70 17.64 -6.01
CA SER A 91 -3.60 18.94 -6.68
C SER A 91 -2.37 18.76 -7.54
N GLY A 92 -1.85 19.84 -8.19
CA GLY A 92 -0.68 19.72 -9.07
C GLY A 92 0.36 20.78 -8.85
N LEU A 93 0.81 20.96 -7.57
CA LEU A 93 1.83 21.97 -7.26
C LEU A 93 2.87 21.42 -6.30
N GLN A 94 3.06 20.07 -6.31
CA GLN A 94 3.97 19.29 -5.48
C GLN A 94 3.50 19.16 -4.03
N GLU A 95 2.25 18.63 -3.86
CA GLU A 95 1.61 18.45 -2.56
C GLU A 95 1.61 16.99 -2.13
N ILE A 96 0.42 16.34 -2.08
CA ILE A 96 0.26 14.95 -1.63
C ILE A 96 -0.13 14.04 -2.79
N THR A 97 0.51 12.83 -2.77
CA THR A 97 0.21 11.63 -3.56
C THR A 97 -0.35 10.61 -2.57
N ARG A 98 -1.54 10.09 -2.93
CA ARG A 98 -2.35 9.15 -2.20
C ARG A 98 -2.61 7.95 -3.06
N ILE A 99 -2.54 6.74 -2.46
CA ILE A 99 -2.88 5.50 -3.12
C ILE A 99 -3.86 4.80 -2.21
N LYS A 100 -4.88 4.15 -2.81
CA LYS A 100 -5.92 3.44 -2.10
C LYS A 100 -5.92 2.08 -2.76
N GLY A 101 -5.63 1.00 -1.98
CA GLY A 101 -5.48 -0.36 -2.49
C GLY A 101 -5.95 -1.39 -1.52
N LYS A 102 -6.76 -2.36 -1.97
CA LYS A 102 -7.38 -3.33 -1.10
C LYS A 102 -7.94 -4.49 -1.87
N GLU A 103 -8.26 -5.62 -1.18
CA GLU A 103 -8.92 -6.80 -1.71
C GLU A 103 -10.29 -6.92 -1.05
N ASP A 104 -11.34 -7.26 -1.86
CA ASP A 104 -12.73 -7.43 -1.44
C ASP A 104 -13.23 -8.83 -1.84
N GLY A 105 -12.29 -9.79 -2.03
CA GLY A 105 -12.52 -11.19 -2.42
C GLY A 105 -12.73 -11.41 -3.90
N ALA A 106 -13.80 -10.80 -4.43
CA ALA A 106 -14.24 -10.80 -5.81
C ALA A 106 -15.20 -9.62 -5.85
N TYR A 107 -15.84 -9.32 -6.99
CA TYR A 107 -16.80 -8.23 -7.06
C TYR A 107 -17.87 -8.73 -8.02
N VAL A 108 -19.16 -8.49 -7.69
CA VAL A 108 -20.39 -8.87 -8.41
C VAL A 108 -20.67 -10.37 -8.62
N GLY A 109 -19.74 -11.13 -9.25
CA GLY A 109 -19.87 -12.54 -9.55
C GLY A 109 -19.19 -12.84 -10.85
N MET A 1 -8.92 11.24 5.52
CA MET A 1 -8.75 11.78 6.84
C MET A 1 -7.35 11.51 7.33
N TYR A 2 -6.88 12.34 8.30
CA TYR A 2 -5.55 12.26 8.91
C TYR A 2 -5.67 11.71 10.34
N GLU A 3 -4.73 10.81 10.75
CA GLU A 3 -4.64 10.29 12.11
C GLU A 3 -3.27 10.69 12.64
N GLU A 4 -2.26 9.81 12.54
CA GLU A 4 -0.89 10.12 12.88
C GLU A 4 -0.20 9.47 11.72
N PHE A 5 0.37 10.25 10.77
CA PHE A 5 1.00 9.74 9.55
C PHE A 5 2.34 10.42 9.39
N ARG A 6 3.36 10.03 10.19
CA ARG A 6 4.68 10.65 10.17
C ARG A 6 5.75 9.65 10.57
N ASP A 7 5.65 8.41 10.04
CA ASP A 7 6.56 7.29 10.31
C ASP A 7 7.46 7.04 9.11
N VAL A 8 8.47 6.14 9.23
CA VAL A 8 9.39 5.74 8.18
C VAL A 8 9.16 4.26 7.95
N ILE A 9 8.90 3.82 6.68
CA ILE A 9 8.53 2.43 6.34
C ILE A 9 9.22 1.91 5.05
N THR A 10 9.16 0.56 4.79
CA THR A 10 9.80 -0.14 3.65
C THR A 10 8.77 -0.73 2.68
N PHE A 11 8.73 -0.26 1.40
CA PHE A 11 7.83 -0.77 0.35
C PHE A 11 8.54 -1.78 -0.57
N GLN A 12 7.88 -2.94 -0.92
CA GLN A 12 8.44 -4.07 -1.68
C GLN A 12 7.47 -4.61 -2.74
N SER A 13 7.96 -5.53 -3.61
CA SER A 13 7.18 -6.28 -4.60
C SER A 13 7.66 -7.74 -4.57
N TYR A 14 6.71 -8.70 -4.70
CA TYR A 14 6.97 -10.12 -4.86
C TYR A 14 6.79 -10.36 -6.37
N VAL A 15 7.83 -10.93 -7.02
CA VAL A 15 7.95 -11.13 -8.45
C VAL A 15 7.88 -12.64 -8.66
N GLU A 16 6.98 -13.07 -9.57
CA GLU A 16 6.76 -14.46 -9.92
C GLU A 16 6.46 -14.45 -11.40
N GLN A 17 5.45 -13.62 -11.78
CA GLN A 17 5.05 -13.33 -13.14
C GLN A 17 5.60 -11.97 -13.58
N SER A 18 5.63 -11.78 -14.93
CA SER A 18 6.01 -10.61 -15.69
C SER A 18 5.80 -11.06 -17.12
N ASN A 19 5.54 -10.15 -18.09
CA ASN A 19 5.22 -10.45 -19.50
C ASN A 19 6.40 -10.82 -20.42
N GLY A 20 7.14 -11.89 -20.03
CA GLY A 20 8.28 -12.39 -20.79
C GLY A 20 9.35 -12.93 -19.88
N GLU A 21 9.41 -12.45 -18.62
CA GLU A 21 10.38 -12.86 -17.61
C GLU A 21 9.64 -13.24 -16.34
N GLY A 22 8.75 -14.25 -16.44
CA GLY A 22 7.91 -14.70 -15.34
C GLY A 22 7.67 -16.16 -15.55
N GLY A 23 7.56 -16.94 -14.45
CA GLY A 23 7.41 -18.40 -14.56
C GLY A 23 7.20 -19.09 -13.23
N LYS A 24 7.77 -20.33 -13.08
CA LYS A 24 7.63 -21.24 -11.93
C LYS A 24 8.83 -21.20 -10.97
N THR A 25 9.15 -19.98 -10.49
CA THR A 25 10.17 -19.64 -9.51
C THR A 25 9.67 -18.34 -8.91
N TYR A 26 10.22 -17.88 -7.76
CA TYR A 26 9.84 -16.63 -7.10
C TYR A 26 11.09 -15.87 -6.70
N LYS A 27 10.99 -14.52 -6.70
CA LYS A 27 12.03 -13.57 -6.34
C LYS A 27 11.41 -12.42 -5.57
N TRP A 28 12.18 -11.79 -4.64
CA TRP A 28 11.83 -10.66 -3.82
C TRP A 28 12.72 -9.48 -4.21
N VAL A 29 12.14 -8.26 -4.28
CA VAL A 29 12.83 -7.03 -4.62
C VAL A 29 12.28 -5.92 -3.72
N ASP A 30 13.09 -4.86 -3.45
CA ASP A 30 12.72 -3.66 -2.68
C ASP A 30 12.29 -2.59 -3.69
N GLU A 31 11.14 -1.91 -3.44
CA GLU A 31 10.51 -0.94 -4.33
C GLU A 31 11.09 0.44 -4.13
N PHE A 32 11.06 0.89 -2.85
CA PHE A 32 11.59 2.17 -2.42
C PHE A 32 11.54 2.12 -0.91
N THR A 33 12.07 3.14 -0.23
CA THR A 33 11.99 3.25 1.22
C THR A 33 11.76 4.71 1.39
N ALA A 34 10.78 5.09 2.23
CA ALA A 34 10.44 6.50 2.38
C ALA A 34 9.77 6.79 3.71
N ALA A 35 9.73 8.10 4.09
CA ALA A 35 8.97 8.58 5.24
C ALA A 35 7.52 8.74 4.78
N ALA A 36 6.64 7.89 5.32
CA ALA A 36 5.30 7.69 4.87
C ALA A 36 4.60 6.86 5.91
N HIS A 37 3.26 6.73 5.78
CA HIS A 37 2.48 5.93 6.70
C HIS A 37 1.34 5.24 5.94
N VAL A 38 1.20 3.90 6.17
CA VAL A 38 0.25 2.97 5.58
C VAL A 38 -0.65 2.51 6.73
N GLN A 39 -1.86 3.11 6.88
CA GLN A 39 -2.81 2.92 7.97
C GLN A 39 -4.00 2.08 7.50
N PRO A 40 -4.57 1.07 8.22
CA PRO A 40 -5.66 0.22 7.72
C PRO A 40 -7.02 0.92 7.61
N ILE A 41 -7.95 0.44 6.74
CA ILE A 41 -9.31 0.98 6.59
C ILE A 41 -10.19 0.82 7.85
N SER A 42 -10.51 1.94 8.56
CA SER A 42 -11.29 1.96 9.81
C SER A 42 -12.78 1.66 9.71
N GLN A 43 -13.10 0.42 9.23
CA GLN A 43 -14.43 -0.17 9.10
C GLN A 43 -14.88 -0.76 10.44
N GLU A 44 -14.99 0.07 11.53
CA GLU A 44 -15.32 -0.34 12.89
C GLU A 44 -16.76 -0.80 13.12
N GLU A 45 -17.76 -0.07 12.55
CA GLU A 45 -19.20 -0.30 12.63
C GLU A 45 -19.82 -0.02 14.00
N TYR A 46 -19.38 -0.80 15.04
CA TYR A 46 -19.79 -0.70 16.44
C TYR A 46 -18.79 0.12 17.27
N TYR A 47 -17.53 -0.35 17.42
CA TYR A 47 -16.54 0.33 18.25
C TYR A 47 -15.13 -0.08 17.83
N LYS A 48 -14.81 -1.40 17.82
CA LYS A 48 -13.49 -1.94 17.50
C LYS A 48 -13.27 -2.17 16.00
N ALA A 49 -12.02 -1.96 15.50
CA ALA A 49 -11.50 -2.05 14.13
C ALA A 49 -11.60 -3.39 13.36
N GLN A 50 -12.64 -4.20 13.65
CA GLN A 50 -12.97 -5.54 13.15
C GLN A 50 -12.41 -6.64 14.08
N GLN A 51 -13.17 -7.75 14.30
CA GLN A 51 -12.82 -8.88 15.16
C GLN A 51 -12.10 -10.00 14.37
N LEU A 52 -11.94 -9.74 13.06
CA LEU A 52 -11.30 -10.54 12.05
C LEU A 52 -10.31 -9.58 11.40
N GLN A 53 -9.04 -9.55 11.89
CA GLN A 53 -7.98 -8.67 11.42
C GLN A 53 -7.24 -9.27 10.23
N THR A 54 -8.00 -9.48 9.12
CA THR A 54 -7.57 -10.01 7.83
C THR A 54 -7.52 -8.79 6.91
N PRO A 55 -6.34 -8.27 6.49
CA PRO A 55 -6.24 -6.98 5.80
C PRO A 55 -6.61 -6.99 4.30
N ILE A 56 -7.59 -6.13 3.94
CA ILE A 56 -8.15 -5.91 2.62
C ILE A 56 -8.03 -4.47 2.16
N GLY A 57 -7.91 -3.44 3.04
CA GLY A 57 -7.79 -2.07 2.54
C GLY A 57 -6.88 -1.24 3.36
N TYR A 58 -6.13 -0.34 2.68
CA TYR A 58 -5.17 0.53 3.31
C TYR A 58 -5.29 1.95 2.77
N ASN A 59 -5.31 2.90 3.75
CA ASN A 59 -5.32 4.35 3.61
C ASN A 59 -3.88 4.77 3.85
N ILE A 60 -3.24 5.42 2.85
CA ILE A 60 -1.81 5.72 2.88
C ILE A 60 -1.50 7.02 2.16
N TYR A 61 -0.49 7.78 2.70
CA TYR A 61 0.19 8.84 1.96
C TYR A 61 1.70 8.69 2.15
N THR A 62 2.45 9.08 1.08
CA THR A 62 3.91 9.15 1.02
C THR A 62 4.19 10.42 0.24
N PRO A 63 5.40 11.06 0.23
CA PRO A 63 5.81 11.98 -0.84
C PRO A 63 6.05 11.20 -2.17
N TYR A 64 5.68 11.81 -3.32
CA TYR A 64 5.60 11.47 -4.75
C TYR A 64 5.79 10.07 -5.36
N ASP A 65 5.63 9.00 -4.56
CA ASP A 65 5.68 7.59 -4.96
C ASP A 65 4.26 7.02 -5.03
N ASP A 66 3.92 6.32 -6.14
CA ASP A 66 2.60 5.77 -6.47
C ASP A 66 2.52 4.25 -6.35
N ARG A 67 3.34 3.63 -5.47
CA ARG A 67 3.39 2.19 -5.24
C ARG A 67 2.63 1.76 -3.99
N ILE A 68 2.52 2.65 -2.95
CA ILE A 68 1.72 2.74 -1.74
C ILE A 68 0.84 1.59 -1.33
N ASP A 69 -0.33 1.45 -2.00
CA ASP A 69 -1.11 0.22 -2.10
C ASP A 69 -1.44 0.12 -3.60
N LYS A 70 -0.90 -0.90 -4.32
CA LYS A 70 -1.03 -1.03 -5.78
C LYS A 70 -1.21 -2.48 -6.21
N LYS A 71 -0.18 -3.36 -6.12
CA LYS A 71 -0.23 -4.79 -6.50
C LYS A 71 1.10 -5.43 -6.07
N MET A 72 1.43 -5.26 -4.77
CA MET A 72 2.78 -5.53 -4.22
C MET A 72 2.69 -5.78 -2.69
N ARG A 73 3.75 -5.40 -1.91
CA ARG A 73 3.80 -5.58 -0.45
C ARG A 73 4.40 -4.33 0.25
N VAL A 74 4.19 -4.20 1.58
CA VAL A 74 4.81 -3.14 2.40
C VAL A 74 5.02 -3.70 3.79
N ILE A 75 6.06 -3.15 4.49
CA ILE A 75 6.33 -3.39 5.87
C ILE A 75 6.06 -2.04 6.53
N TYR A 76 4.93 -1.95 7.26
CA TYR A 76 4.52 -0.86 8.09
C TYR A 76 4.92 -1.19 9.54
N ARG A 77 6.07 -0.64 10.05
CA ARG A 77 6.64 -0.80 11.40
C ARG A 77 6.88 -2.23 11.92
N GLY A 78 7.23 -3.17 10.99
CA GLY A 78 7.33 -4.61 11.23
C GLY A 78 6.07 -5.40 10.94
N LYS A 79 4.95 -4.72 10.56
CA LYS A 79 3.68 -5.35 10.22
C LYS A 79 3.64 -5.54 8.70
N ILE A 80 3.61 -6.83 8.27
CA ILE A 80 3.58 -7.29 6.88
C ILE A 80 2.15 -7.24 6.34
N VAL A 81 1.96 -6.37 5.30
CA VAL A 81 0.69 -6.00 4.70
C VAL A 81 0.68 -6.34 3.21
N THR A 82 -0.38 -7.09 2.77
CA THR A 82 -0.75 -7.54 1.43
C THR A 82 -1.57 -6.47 0.72
N PHE A 83 -1.08 -5.88 -0.43
CA PHE A 83 -1.79 -4.74 -1.03
C PHE A 83 -2.23 -4.78 -2.50
N ILE A 84 -3.36 -4.03 -2.74
CA ILE A 84 -4.01 -3.69 -3.99
C ILE A 84 -4.57 -2.27 -3.79
N GLY A 85 -4.68 -1.41 -4.86
CA GLY A 85 -5.22 -0.04 -4.76
C GLY A 85 -5.11 0.74 -6.05
N ASP A 86 -5.50 2.05 -6.03
CA ASP A 86 -5.45 2.95 -7.19
C ASP A 86 -5.06 4.33 -6.63
N PRO A 87 -3.96 5.03 -6.99
CA PRO A 87 -3.53 6.31 -6.41
C PRO A 87 -4.03 7.54 -7.19
N VAL A 88 -4.06 8.71 -6.51
CA VAL A 88 -4.35 10.02 -7.10
C VAL A 88 -3.20 10.97 -6.72
N ASP A 89 -2.74 11.84 -7.67
CA ASP A 89 -1.67 12.83 -7.46
C ASP A 89 -2.20 14.25 -7.23
N LEU A 90 -1.62 14.95 -6.23
CA LEU A 90 -1.87 16.30 -5.75
C LEU A 90 -0.98 17.38 -6.39
N SER A 91 -0.06 16.95 -7.29
CA SER A 91 1.03 17.59 -8.07
C SER A 91 0.96 19.06 -8.56
N GLY A 92 0.11 19.92 -7.94
CA GLY A 92 -0.07 21.34 -8.20
C GLY A 92 0.23 22.20 -6.99
N LEU A 93 0.03 21.68 -5.75
CA LEU A 93 0.31 22.40 -4.50
C LEU A 93 1.55 21.91 -3.77
N GLN A 94 1.85 20.58 -3.81
CA GLN A 94 2.99 19.96 -3.17
C GLN A 94 3.06 18.56 -3.75
N GLU A 95 4.28 17.93 -3.78
CA GLU A 95 4.58 16.62 -4.37
C GLU A 95 4.18 15.43 -3.50
N ILE A 96 2.87 15.35 -3.19
CA ILE A 96 2.27 14.34 -2.34
C ILE A 96 1.35 13.44 -3.13
N THR A 97 1.58 12.11 -2.98
CA THR A 97 0.80 11.01 -3.54
C THR A 97 0.05 10.40 -2.37
N ARG A 98 -1.30 10.44 -2.48
CA ARG A 98 -2.26 10.05 -1.46
C ARG A 98 -3.17 9.00 -2.08
N ILE A 99 -3.50 7.92 -1.35
CA ILE A 99 -4.30 6.83 -1.89
C ILE A 99 -5.29 6.28 -0.86
N LYS A 100 -6.49 5.89 -1.35
CA LYS A 100 -7.47 5.12 -0.61
C LYS A 100 -7.82 3.97 -1.55
N GLY A 101 -7.46 2.70 -1.21
CA GLY A 101 -7.75 1.53 -2.05
C GLY A 101 -8.02 0.30 -1.22
N LYS A 102 -8.90 -0.63 -1.69
CA LYS A 102 -9.25 -1.82 -0.93
C LYS A 102 -9.61 -2.97 -1.85
N GLU A 103 -9.49 -4.23 -1.35
CA GLU A 103 -9.84 -5.47 -2.03
C GLU A 103 -11.27 -5.91 -1.72
N ASP A 104 -12.18 -5.83 -2.73
CA ASP A 104 -13.58 -6.22 -2.67
C ASP A 104 -13.94 -6.73 -4.07
N GLY A 105 -15.11 -6.35 -4.64
CA GLY A 105 -15.54 -6.79 -5.98
C GLY A 105 -16.23 -5.70 -6.76
N ALA A 106 -15.93 -4.43 -6.41
CA ALA A 106 -16.43 -3.21 -7.01
C ALA A 106 -15.64 -2.13 -6.29
N TYR A 107 -15.76 -0.83 -6.69
CA TYR A 107 -15.04 0.29 -6.07
C TYR A 107 -16.01 1.28 -5.43
N VAL A 108 -17.21 0.79 -5.03
CA VAL A 108 -18.32 1.47 -4.35
C VAL A 108 -18.92 2.68 -5.09
N GLY A 109 -19.39 2.47 -6.34
CA GLY A 109 -19.97 3.53 -7.16
C GLY A 109 -20.26 2.97 -8.52
N MET A 1 14.26 15.67 6.71
CA MET A 1 15.15 16.75 6.36
C MET A 1 14.51 17.60 5.29
N TYR A 2 13.63 16.98 4.47
CA TYR A 2 12.91 17.63 3.38
C TYR A 2 11.54 16.98 3.35
N GLU A 3 11.41 15.77 2.74
CA GLU A 3 10.19 14.97 2.68
C GLU A 3 10.07 14.10 3.93
N GLU A 4 9.81 14.76 5.08
CA GLU A 4 9.74 14.19 6.41
C GLU A 4 8.34 13.80 6.86
N PHE A 5 8.29 12.94 7.90
CA PHE A 5 7.09 12.45 8.56
C PHE A 5 7.58 11.91 9.88
N ARG A 6 6.70 11.33 10.72
CA ARG A 6 7.01 10.76 12.04
C ARG A 6 7.24 9.25 12.02
N ASP A 7 6.79 8.56 10.93
CA ASP A 7 6.92 7.12 10.74
C ASP A 7 7.79 6.80 9.53
N VAL A 8 8.76 5.86 9.74
CA VAL A 8 9.69 5.27 8.78
C VAL A 8 9.29 3.81 8.58
N ILE A 9 8.89 3.48 7.33
CA ILE A 9 8.37 2.17 6.91
C ILE A 9 9.16 1.59 5.70
N THR A 10 8.92 0.26 5.39
CA THR A 10 9.63 -0.48 4.31
C THR A 10 8.65 -0.91 3.23
N PHE A 11 8.93 -0.55 1.95
CA PHE A 11 8.11 -0.88 0.79
C PHE A 11 8.83 -1.91 -0.11
N GLN A 12 8.18 -3.08 -0.44
CA GLN A 12 8.75 -4.18 -1.25
C GLN A 12 7.74 -4.64 -2.31
N SER A 13 8.20 -5.41 -3.34
CA SER A 13 7.35 -5.92 -4.43
C SER A 13 7.70 -7.35 -4.86
N TYR A 14 6.71 -7.99 -5.53
CA TYR A 14 6.77 -9.31 -6.11
C TYR A 14 6.51 -8.98 -7.57
N VAL A 15 7.47 -9.22 -8.48
CA VAL A 15 7.41 -8.72 -9.85
C VAL A 15 7.78 -9.79 -10.85
N GLU A 16 7.15 -9.70 -12.04
CA GLU A 16 7.25 -10.64 -13.14
C GLU A 16 7.65 -9.95 -14.44
N GLN A 17 7.84 -10.76 -15.50
CA GLN A 17 8.20 -10.40 -16.86
C GLN A 17 6.99 -10.65 -17.77
N SER A 18 6.06 -11.55 -17.36
CA SER A 18 4.81 -11.82 -18.06
C SER A 18 3.95 -12.55 -17.06
N ASN A 19 2.79 -13.12 -17.50
CA ASN A 19 1.78 -13.84 -16.71
C ASN A 19 2.30 -15.01 -15.86
N GLY A 20 3.16 -15.84 -16.48
CA GLY A 20 3.81 -16.96 -15.83
C GLY A 20 4.18 -17.99 -16.83
N GLU A 21 3.43 -18.03 -17.98
CA GLU A 21 3.55 -18.94 -19.13
C GLU A 21 3.33 -20.41 -18.78
N GLY A 22 4.41 -21.07 -18.29
CA GLY A 22 4.37 -22.40 -17.73
C GLY A 22 5.42 -22.51 -16.67
N GLY A 23 5.93 -21.38 -16.15
CA GLY A 23 6.98 -21.35 -15.13
C GLY A 23 6.46 -20.81 -13.85
N LYS A 24 5.81 -19.61 -13.94
CA LYS A 24 5.24 -18.81 -12.85
C LYS A 24 6.35 -18.13 -12.06
N THR A 25 7.10 -17.24 -12.77
CA THR A 25 8.28 -16.56 -12.22
C THR A 25 7.94 -15.16 -11.73
N TYR A 26 7.86 -15.03 -10.37
CA TYR A 26 7.62 -13.81 -9.62
C TYR A 26 8.76 -13.72 -8.62
N LYS A 27 9.46 -12.57 -8.60
CA LYS A 27 10.67 -12.33 -7.84
C LYS A 27 10.46 -11.33 -6.72
N TRP A 28 11.00 -11.61 -5.50
CA TRP A 28 10.98 -10.75 -4.35
C TRP A 28 12.24 -9.87 -4.26
N VAL A 29 12.02 -8.53 -4.27
CA VAL A 29 13.02 -7.47 -4.14
C VAL A 29 12.39 -6.36 -3.31
N ASP A 30 13.20 -5.34 -2.87
CA ASP A 30 12.78 -4.12 -2.17
C ASP A 30 12.41 -3.04 -3.20
N GLU A 31 11.42 -2.15 -2.92
CA GLU A 31 10.94 -1.11 -3.82
C GLU A 31 11.63 0.20 -3.52
N PHE A 32 11.50 0.67 -2.26
CA PHE A 32 12.08 1.90 -1.77
C PHE A 32 11.93 1.81 -0.26
N THR A 33 12.54 2.77 0.47
CA THR A 33 12.48 2.85 1.93
C THR A 33 12.09 4.29 2.13
N ALA A 34 11.09 4.58 2.99
CA ALA A 34 10.60 5.96 3.07
C ALA A 34 9.88 6.39 4.33
N ALA A 35 9.77 7.74 4.45
CA ALA A 35 9.00 8.48 5.44
C ALA A 35 7.64 8.83 4.80
N ALA A 36 6.56 8.33 5.43
CA ALA A 36 5.22 8.53 4.85
C ALA A 36 4.22 8.15 5.89
N HIS A 37 2.91 8.47 5.68
CA HIS A 37 1.88 7.99 6.57
C HIS A 37 1.22 6.86 5.79
N VAL A 38 1.52 5.62 6.24
CA VAL A 38 1.08 4.36 5.64
C VAL A 38 0.34 3.78 6.85
N GLN A 39 -1.03 3.76 6.85
CA GLN A 39 -1.82 3.44 8.03
C GLN A 39 -3.00 2.53 7.69
N PRO A 40 -3.41 1.53 8.54
CA PRO A 40 -4.57 0.68 8.33
C PRO A 40 -5.91 1.41 8.43
N ILE A 41 -6.80 1.01 7.50
CA ILE A 41 -8.15 1.46 7.21
C ILE A 41 -8.34 2.92 6.75
N SER A 42 -9.60 3.41 6.79
CA SER A 42 -10.07 4.68 6.25
C SER A 42 -10.62 5.63 7.32
N GLN A 43 -9.79 6.49 7.95
CA GLN A 43 -10.21 7.41 9.01
C GLN A 43 -9.76 8.87 8.75
N GLU A 44 -10.67 9.84 9.03
CA GLU A 44 -10.46 11.29 8.90
C GLU A 44 -10.17 11.95 10.24
N GLU A 45 -9.98 11.14 11.32
CA GLU A 45 -9.67 11.50 12.70
C GLU A 45 -10.77 12.25 13.49
N TYR A 46 -11.18 13.44 12.99
CA TYR A 46 -12.17 14.33 13.56
C TYR A 46 -13.58 14.09 13.03
N TYR A 47 -13.72 13.60 11.76
CA TYR A 47 -15.00 13.41 11.07
C TYR A 47 -15.54 12.01 11.23
N LYS A 48 -15.87 11.65 12.49
CA LYS A 48 -16.40 10.40 12.97
C LYS A 48 -17.85 10.61 13.41
N ALA A 49 -18.79 10.48 12.44
CA ALA A 49 -20.24 10.56 12.62
C ALA A 49 -20.82 9.16 12.62
N GLN A 50 -19.90 8.19 12.39
CA GLN A 50 -20.01 6.75 12.25
C GLN A 50 -20.41 6.37 10.85
N GLN A 51 -19.79 7.03 9.82
CA GLN A 51 -20.02 6.86 8.38
C GLN A 51 -19.42 5.59 7.79
N LEU A 52 -19.47 4.45 8.54
CA LEU A 52 -18.96 3.11 8.24
C LEU A 52 -17.45 2.92 8.41
N GLN A 53 -16.90 1.84 7.79
CA GLN A 53 -15.50 1.44 7.81
C GLN A 53 -15.37 0.28 6.83
N THR A 54 -14.14 -0.05 6.35
CA THR A 54 -13.89 -1.17 5.43
C THR A 54 -13.24 -2.30 6.21
N PRO A 55 -13.61 -3.61 6.13
CA PRO A 55 -12.81 -4.68 6.71
C PRO A 55 -11.63 -5.02 5.77
N ILE A 56 -10.36 -4.96 6.25
CA ILE A 56 -9.12 -5.30 5.51
C ILE A 56 -8.75 -4.24 4.44
N GLY A 57 -8.09 -3.11 4.82
CA GLY A 57 -7.78 -2.06 3.87
C GLY A 57 -6.75 -1.11 4.41
N TYR A 58 -6.17 -0.33 3.46
CA TYR A 58 -5.15 0.68 3.67
C TYR A 58 -5.58 1.96 3.02
N ASN A 59 -5.23 3.07 3.71
CA ASN A 59 -5.46 4.39 3.13
C ASN A 59 -4.26 5.17 3.61
N ILE A 60 -3.47 5.70 2.62
CA ILE A 60 -2.16 6.26 2.88
C ILE A 60 -1.95 7.61 2.19
N TYR A 61 -1.07 8.49 2.77
CA TYR A 61 -0.56 9.68 2.09
C TYR A 61 0.98 9.62 2.27
N THR A 62 1.73 9.76 1.15
CA THR A 62 3.18 9.71 1.04
C THR A 62 3.61 10.81 0.06
N PRO A 63 4.88 11.30 0.04
CA PRO A 63 5.46 12.08 -1.08
C PRO A 63 5.59 11.20 -2.35
N TYR A 64 5.33 11.80 -3.55
CA TYR A 64 5.24 11.37 -4.96
C TYR A 64 5.39 9.91 -5.48
N ASP A 65 5.17 8.91 -4.61
CA ASP A 65 5.23 7.48 -4.90
C ASP A 65 3.83 6.88 -5.02
N ASP A 66 3.62 6.05 -6.08
CA ASP A 66 2.41 5.28 -6.38
C ASP A 66 2.68 3.80 -6.08
N ARG A 67 3.72 3.59 -5.25
CA ARG A 67 4.44 2.36 -5.00
C ARG A 67 4.15 1.60 -3.70
N ILE A 68 3.22 2.01 -2.78
CA ILE A 68 2.91 1.26 -1.56
C ILE A 68 2.01 0.06 -1.80
N ASP A 69 0.75 0.26 -2.24
CA ASP A 69 -0.25 -0.79 -2.45
C ASP A 69 -0.72 -0.82 -3.90
N LYS A 70 -0.41 -1.87 -4.69
CA LYS A 70 -0.82 -2.07 -6.08
C LYS A 70 0.00 -3.23 -6.61
N LYS A 71 -0.11 -4.46 -6.00
CA LYS A 71 0.67 -5.66 -6.35
C LYS A 71 2.10 -5.57 -5.79
N MET A 72 2.10 -5.20 -4.48
CA MET A 72 3.25 -4.92 -3.66
C MET A 72 2.99 -5.49 -2.29
N ARG A 73 3.96 -5.27 -1.37
CA ARG A 73 3.92 -5.69 0.02
C ARG A 73 4.63 -4.63 0.87
N VAL A 74 4.04 -4.14 1.98
CA VAL A 74 4.70 -3.17 2.84
C VAL A 74 4.62 -3.63 4.28
N ILE A 75 5.54 -3.01 5.05
CA ILE A 75 5.77 -3.19 6.46
C ILE A 75 5.48 -1.87 7.15
N TYR A 76 4.34 -1.81 7.90
CA TYR A 76 3.93 -0.72 8.76
C TYR A 76 4.40 -1.04 10.18
N ARG A 77 5.70 -0.75 10.53
CA ARG A 77 6.36 -0.98 11.82
C ARG A 77 6.35 -2.44 12.35
N GLY A 78 6.69 -3.41 11.47
CA GLY A 78 6.66 -4.86 11.71
C GLY A 78 5.38 -5.58 11.31
N LYS A 79 4.40 -4.89 10.68
CA LYS A 79 3.13 -5.46 10.20
C LYS A 79 3.22 -5.70 8.70
N ILE A 80 3.37 -6.99 8.30
CA ILE A 80 3.56 -7.48 6.94
C ILE A 80 2.24 -7.87 6.26
N VAL A 81 1.79 -7.06 5.25
CA VAL A 81 0.56 -7.31 4.45
C VAL A 81 0.90 -7.20 2.95
N THR A 82 0.33 -8.13 2.11
CA THR A 82 0.43 -8.26 0.64
C THR A 82 -0.89 -7.78 0.04
N PHE A 83 -0.88 -6.90 -1.00
CA PHE A 83 -2.12 -6.29 -1.47
C PHE A 83 -2.08 -5.70 -2.88
N ILE A 84 -3.30 -5.46 -3.43
CA ILE A 84 -3.60 -4.79 -4.68
C ILE A 84 -4.57 -3.66 -4.33
N GLY A 85 -4.45 -2.49 -5.03
CA GLY A 85 -5.13 -1.24 -4.70
C GLY A 85 -4.98 -0.25 -5.83
N ASP A 86 -5.36 1.04 -5.62
CA ASP A 86 -5.39 2.10 -6.65
C ASP A 86 -4.69 3.42 -6.21
N PRO A 87 -3.76 4.02 -6.99
CA PRO A 87 -3.10 5.28 -6.68
C PRO A 87 -3.69 6.52 -7.41
N VAL A 88 -3.64 7.71 -6.75
CA VAL A 88 -3.94 9.03 -7.33
C VAL A 88 -2.84 10.04 -6.94
N ASP A 89 -2.33 10.82 -7.93
CA ASP A 89 -1.40 11.93 -7.79
C ASP A 89 -2.14 13.27 -7.87
N LEU A 90 -1.60 14.37 -7.29
CA LEU A 90 -2.18 15.72 -7.38
C LEU A 90 -1.76 16.50 -8.63
N SER A 91 -0.87 15.88 -9.45
CA SER A 91 -0.19 16.32 -10.68
C SER A 91 1.13 16.95 -10.31
N GLY A 92 1.12 18.30 -10.17
CA GLY A 92 2.21 19.12 -9.65
C GLY A 92 1.75 20.03 -8.54
N LEU A 93 0.47 19.97 -8.09
CA LEU A 93 -0.15 20.83 -7.07
C LEU A 93 0.18 20.36 -5.63
N GLN A 94 1.52 20.28 -5.35
CA GLN A 94 2.24 19.75 -4.20
C GLN A 94 2.57 18.30 -4.54
N GLU A 95 3.86 17.87 -4.45
CA GLU A 95 4.38 16.54 -4.79
C GLU A 95 3.96 15.40 -3.86
N ILE A 96 2.64 15.26 -3.65
CA ILE A 96 2.03 14.24 -2.82
C ILE A 96 1.05 13.44 -3.65
N THR A 97 1.14 12.10 -3.41
CA THR A 97 0.35 11.00 -3.93
C THR A 97 -0.45 10.41 -2.78
N ARG A 98 -1.71 10.00 -3.09
CA ARG A 98 -2.63 9.32 -2.21
C ARG A 98 -2.85 7.95 -2.81
N ILE A 99 -2.83 6.92 -1.93
CA ILE A 99 -3.07 5.53 -2.27
C ILE A 99 -4.26 5.10 -1.42
N LYS A 100 -5.25 4.48 -2.09
CA LYS A 100 -6.48 3.92 -1.57
C LYS A 100 -6.44 2.47 -1.99
N GLY A 101 -6.22 1.52 -1.05
CA GLY A 101 -6.15 0.09 -1.37
C GLY A 101 -6.96 -0.67 -0.38
N LYS A 102 -7.93 -1.47 -0.84
CA LYS A 102 -8.85 -2.22 0.00
C LYS A 102 -8.86 -3.64 -0.51
N GLU A 103 -9.17 -4.64 0.36
CA GLU A 103 -9.19 -6.04 -0.01
C GLU A 103 -10.54 -6.65 0.34
N ASP A 104 -11.01 -7.60 -0.50
CA ASP A 104 -12.26 -8.35 -0.34
C ASP A 104 -11.93 -9.74 0.21
N GLY A 105 -11.22 -9.77 1.36
CA GLY A 105 -10.74 -10.98 2.03
C GLY A 105 -9.24 -10.91 2.11
N ALA A 106 -8.55 -12.04 1.82
CA ALA A 106 -7.10 -12.23 1.79
C ALA A 106 -6.37 -12.24 3.12
N TYR A 107 -6.37 -11.10 3.87
CA TYR A 107 -5.65 -10.95 5.13
C TYR A 107 -6.62 -11.05 6.31
N VAL A 108 -7.12 -12.28 6.56
CA VAL A 108 -8.06 -12.60 7.62
C VAL A 108 -7.73 -14.00 8.12
N GLY A 109 -7.46 -14.13 9.43
CA GLY A 109 -7.11 -15.39 10.05
C GLY A 109 -6.88 -15.11 11.51
N MET A 1 9.57 21.71 6.17
CA MET A 1 8.68 22.26 7.17
C MET A 1 7.93 21.10 7.80
N TYR A 2 8.50 19.88 7.62
CA TYR A 2 8.06 18.57 8.09
C TYR A 2 6.95 17.97 7.22
N GLU A 3 7.08 18.08 5.87
CA GLU A 3 6.12 17.58 4.88
C GLU A 3 6.26 16.09 4.54
N GLU A 4 6.37 15.24 5.59
CA GLU A 4 6.54 13.79 5.53
C GLU A 4 5.59 13.11 6.53
N PHE A 5 6.15 12.49 7.61
CA PHE A 5 5.43 11.76 8.64
C PHE A 5 6.38 11.47 9.84
N ARG A 6 5.90 10.74 10.87
CA ARG A 6 6.59 10.39 12.11
C ARG A 6 7.29 9.03 12.06
N ASP A 7 6.99 8.19 11.02
CA ASP A 7 7.62 6.88 10.88
C ASP A 7 8.13 6.71 9.46
N VAL A 8 9.33 6.08 9.33
CA VAL A 8 10.01 5.75 8.08
C VAL A 8 9.69 4.29 7.77
N ILE A 9 8.98 4.04 6.64
CA ILE A 9 8.36 2.79 6.22
C ILE A 9 9.24 2.03 5.23
N THR A 10 9.07 0.69 5.07
CA THR A 10 9.88 -0.16 4.18
C THR A 10 8.95 -0.84 3.19
N PHE A 11 9.13 -0.57 1.86
CA PHE A 11 8.29 -1.18 0.80
C PHE A 11 9.03 -2.18 -0.11
N GLN A 12 8.48 -3.44 -0.29
CA GLN A 12 8.99 -4.54 -1.14
C GLN A 12 7.87 -5.02 -2.07
N SER A 13 8.16 -5.53 -3.32
CA SER A 13 7.13 -6.04 -4.26
C SER A 13 7.48 -7.44 -4.74
N TYR A 14 6.48 -8.20 -5.27
CA TYR A 14 6.62 -9.53 -5.86
C TYR A 14 6.41 -9.40 -7.37
N VAL A 15 7.45 -9.74 -8.17
CA VAL A 15 7.49 -9.67 -9.63
C VAL A 15 7.28 -11.06 -10.22
N GLU A 16 6.40 -11.13 -11.24
CA GLU A 16 6.05 -12.32 -12.01
C GLU A 16 5.57 -11.79 -13.35
N GLN A 17 5.12 -12.66 -14.30
CA GLN A 17 4.70 -12.27 -15.63
C GLN A 17 3.22 -12.55 -15.86
N SER A 18 2.40 -12.45 -14.76
CA SER A 18 0.93 -12.61 -14.74
C SER A 18 0.45 -14.07 -14.83
N ASN A 19 1.05 -15.00 -14.06
CA ASN A 19 0.74 -16.41 -14.11
C ASN A 19 0.73 -17.03 -12.71
N GLY A 20 -0.28 -17.88 -12.41
CA GLY A 20 -0.53 -18.51 -11.10
C GLY A 20 0.44 -19.59 -10.63
N GLU A 21 0.18 -20.87 -10.97
CA GLU A 21 0.97 -22.02 -10.52
C GLU A 21 1.80 -22.61 -11.66
N GLY A 22 3.14 -22.70 -11.47
CA GLY A 22 4.13 -23.22 -12.42
C GLY A 22 4.56 -22.24 -13.48
N GLY A 23 4.43 -20.92 -13.21
CA GLY A 23 4.70 -19.81 -14.12
C GLY A 23 6.12 -19.31 -14.13
N LYS A 24 7.03 -20.28 -14.43
CA LYS A 24 8.48 -20.35 -14.64
C LYS A 24 9.47 -19.41 -13.92
N THR A 25 9.08 -18.19 -13.54
CA THR A 25 9.96 -17.20 -12.92
C THR A 25 9.15 -16.25 -12.08
N TYR A 26 9.38 -16.30 -10.74
CA TYR A 26 8.83 -15.39 -9.74
C TYR A 26 10.07 -14.89 -8.99
N LYS A 27 10.07 -13.57 -8.63
CA LYS A 27 11.20 -12.88 -8.03
C LYS A 27 10.72 -11.90 -6.96
N TRP A 28 11.53 -11.66 -5.90
CA TRP A 28 11.31 -10.74 -4.80
C TRP A 28 12.37 -9.65 -4.93
N VAL A 29 11.89 -8.38 -5.00
CA VAL A 29 12.64 -7.15 -5.22
C VAL A 29 12.14 -6.13 -4.19
N ASP A 30 13.07 -5.35 -3.55
CA ASP A 30 12.78 -4.28 -2.59
C ASP A 30 12.65 -2.97 -3.36
N GLU A 31 11.57 -2.19 -3.13
CA GLU A 31 11.25 -1.00 -3.92
C GLU A 31 11.99 0.25 -3.46
N PHE A 32 11.75 0.61 -2.19
CA PHE A 32 12.25 1.82 -1.57
C PHE A 32 11.94 1.69 -0.09
N THR A 33 12.34 2.72 0.67
CA THR A 33 11.98 2.92 2.06
C THR A 33 11.74 4.40 2.05
N ALA A 34 10.62 4.88 2.63
CA ALA A 34 10.34 6.32 2.66
C ALA A 34 9.55 6.71 3.87
N ALA A 35 9.52 8.03 4.23
CA ALA A 35 8.76 8.58 5.34
C ALA A 35 7.34 8.78 4.86
N ALA A 36 6.39 8.02 5.49
CA ALA A 36 5.04 7.93 4.95
C ALA A 36 4.14 7.42 6.03
N HIS A 37 2.82 7.70 5.92
CA HIS A 37 1.82 7.17 6.82
C HIS A 37 1.01 6.15 6.01
N VAL A 38 1.18 4.82 6.27
CA VAL A 38 0.42 3.74 5.62
C VAL A 38 -0.50 3.29 6.77
N GLN A 39 -1.80 3.71 6.88
CA GLN A 39 -2.70 3.35 8.00
C GLN A 39 -3.87 2.51 7.51
N PRO A 40 -4.65 1.68 8.24
CA PRO A 40 -5.78 0.90 7.69
C PRO A 40 -7.01 1.76 7.33
N ILE A 41 -7.88 1.28 6.36
CA ILE A 41 -9.08 1.97 5.83
C ILE A 41 -10.09 2.49 6.88
N SER A 42 -10.01 3.82 7.07
CA SER A 42 -10.70 4.65 8.03
C SER A 42 -11.77 5.46 7.31
N GLN A 43 -11.48 6.76 7.04
CA GLN A 43 -12.37 7.69 6.37
C GLN A 43 -11.64 8.99 6.02
N GLU A 44 -12.39 9.95 5.41
CA GLU A 44 -11.99 11.27 4.95
C GLU A 44 -12.38 12.41 5.90
N GLU A 45 -13.15 12.08 6.98
CA GLU A 45 -13.76 12.97 7.98
C GLU A 45 -15.07 13.58 7.48
N TYR A 46 -15.01 14.31 6.32
CA TYR A 46 -16.13 14.94 5.60
C TYR A 46 -16.91 13.98 4.68
N TYR A 47 -16.55 12.68 4.71
CA TYR A 47 -17.13 11.58 3.98
C TYR A 47 -16.72 10.29 4.70
N LYS A 48 -17.63 9.28 4.71
CA LYS A 48 -17.35 7.98 5.27
C LYS A 48 -18.29 6.99 4.61
N ALA A 49 -17.79 5.78 4.26
CA ALA A 49 -18.63 4.70 3.79
C ALA A 49 -18.86 3.73 4.94
N GLN A 50 -17.77 3.10 5.45
CA GLN A 50 -17.71 2.13 6.55
C GLN A 50 -18.27 0.75 6.16
N GLN A 51 -19.03 0.09 7.09
CA GLN A 51 -19.72 -1.21 7.01
C GLN A 51 -18.82 -2.42 7.29
N LEU A 52 -19.45 -3.55 7.74
CA LEU A 52 -18.80 -4.82 8.12
C LEU A 52 -18.74 -5.80 6.94
N GLN A 53 -19.40 -5.39 5.83
CA GLN A 53 -19.50 -6.03 4.53
C GLN A 53 -18.37 -5.58 3.60
N THR A 54 -17.73 -4.44 3.97
CA THR A 54 -16.57 -3.79 3.34
C THR A 54 -15.28 -4.45 3.85
N PRO A 55 -14.47 -5.21 3.05
CA PRO A 55 -13.26 -5.91 3.51
C PRO A 55 -12.09 -4.95 3.78
N ILE A 56 -11.31 -5.19 4.89
CA ILE A 56 -10.14 -4.40 5.34
C ILE A 56 -9.02 -4.21 4.30
N GLY A 57 -8.52 -2.96 4.15
CA GLY A 57 -7.48 -2.56 3.23
C GLY A 57 -6.75 -1.39 3.87
N TYR A 58 -5.82 -0.72 3.13
CA TYR A 58 -5.06 0.39 3.67
C TYR A 58 -5.40 1.70 2.95
N ASN A 59 -5.16 2.79 3.68
CA ASN A 59 -5.34 4.17 3.35
C ASN A 59 -3.93 4.76 3.60
N ILE A 60 -3.28 5.32 2.54
CA ILE A 60 -1.89 5.76 2.62
C ILE A 60 -1.68 7.07 1.88
N TYR A 61 -0.74 7.91 2.41
CA TYR A 61 -0.13 9.04 1.70
C TYR A 61 1.40 8.94 1.90
N THR A 62 2.21 9.24 0.85
CA THR A 62 3.66 9.39 0.97
C THR A 62 3.96 10.59 0.07
N PRO A 63 4.97 11.46 0.32
CA PRO A 63 5.41 12.53 -0.59
C PRO A 63 5.98 11.93 -1.89
N TYR A 64 5.42 12.40 -3.04
CA TYR A 64 5.59 12.09 -4.46
C TYR A 64 5.86 10.65 -4.96
N ASP A 65 5.68 9.61 -4.13
CA ASP A 65 5.89 8.20 -4.54
C ASP A 65 4.57 7.47 -4.75
N ASP A 66 4.35 6.90 -5.97
CA ASP A 66 3.14 6.17 -6.39
C ASP A 66 3.31 4.66 -6.24
N ARG A 67 4.21 4.22 -5.32
CA ARG A 67 4.51 2.83 -5.08
C ARG A 67 3.68 2.23 -3.97
N ILE A 68 3.57 2.85 -2.74
CA ILE A 68 2.70 2.59 -1.58
C ILE A 68 1.95 1.27 -1.46
N ASP A 69 0.74 1.16 -2.04
CA ASP A 69 0.03 -0.11 -2.22
C ASP A 69 -0.54 -0.12 -3.62
N LYS A 70 -0.01 -1.04 -4.45
CA LYS A 70 -0.41 -1.27 -5.82
C LYS A 70 -0.32 -2.76 -5.99
N LYS A 71 0.93 -3.29 -6.07
CA LYS A 71 1.23 -4.71 -6.03
C LYS A 71 2.28 -4.88 -4.95
N MET A 72 1.97 -4.63 -3.65
CA MET A 72 3.03 -4.75 -2.66
C MET A 72 2.69 -5.04 -1.20
N ARG A 73 3.78 -5.61 -0.62
CA ARG A 73 4.01 -6.09 0.72
C ARG A 73 4.64 -4.93 1.47
N VAL A 74 3.84 -4.22 2.28
CA VAL A 74 4.37 -3.04 2.96
C VAL A 74 4.56 -3.35 4.40
N ILE A 75 5.72 -2.88 4.94
CA ILE A 75 6.00 -3.00 6.35
C ILE A 75 5.73 -1.61 6.89
N TYR A 76 4.59 -1.43 7.60
CA TYR A 76 4.21 -0.23 8.32
C TYR A 76 4.55 -0.47 9.79
N ARG A 77 5.56 0.26 10.34
CA ARG A 77 5.98 0.26 11.76
C ARG A 77 6.29 -1.11 12.42
N GLY A 78 6.82 -2.05 11.59
CA GLY A 78 7.09 -3.45 11.91
C GLY A 78 5.99 -4.44 11.58
N LYS A 79 4.86 -4.02 10.94
CA LYS A 79 3.75 -4.89 10.58
C LYS A 79 3.70 -5.07 9.05
N ILE A 80 3.76 -6.34 8.56
CA ILE A 80 3.70 -6.70 7.12
C ILE A 80 2.23 -6.83 6.71
N VAL A 81 1.72 -5.83 5.96
CA VAL A 81 0.30 -5.64 5.65
C VAL A 81 -0.03 -5.43 4.16
N THR A 82 -1.36 -5.62 3.85
CA THR A 82 -2.17 -5.32 2.63
C THR A 82 -2.12 -6.02 1.25
N PHE A 83 -1.27 -5.58 0.27
CA PHE A 83 -1.21 -5.98 -1.14
C PHE A 83 -1.78 -5.03 -2.19
N ILE A 84 -3.13 -4.89 -2.36
CA ILE A 84 -3.72 -4.13 -3.46
C ILE A 84 -4.29 -2.74 -3.15
N GLY A 85 -4.11 -1.82 -4.13
CA GLY A 85 -4.69 -0.49 -4.14
C GLY A 85 -4.45 0.16 -5.48
N ASP A 86 -4.91 1.43 -5.66
CA ASP A 86 -4.72 2.26 -6.85
C ASP A 86 -4.13 3.63 -6.46
N PRO A 87 -2.82 3.94 -6.60
CA PRO A 87 -2.21 5.22 -6.20
C PRO A 87 -2.44 6.39 -7.18
N VAL A 88 -2.74 7.60 -6.64
CA VAL A 88 -3.06 8.83 -7.35
C VAL A 88 -2.13 9.94 -6.88
N ASP A 89 -1.33 10.57 -7.78
CA ASP A 89 -0.43 11.69 -7.48
C ASP A 89 -1.17 13.02 -7.59
N LEU A 90 -1.46 13.71 -6.46
CA LEU A 90 -2.20 14.98 -6.45
C LEU A 90 -1.28 16.17 -6.74
N SER A 91 -0.02 16.12 -6.24
CA SER A 91 1.05 17.09 -6.51
C SER A 91 0.88 18.49 -5.92
N GLY A 92 -0.20 19.22 -6.35
CA GLY A 92 -0.60 20.56 -5.88
C GLY A 92 -1.23 20.62 -4.50
N LEU A 93 -0.59 19.95 -3.53
CA LEU A 93 -0.94 19.89 -2.13
C LEU A 93 0.35 19.48 -1.43
N GLN A 94 1.45 20.18 -1.79
CA GLN A 94 2.83 20.08 -1.29
C GLN A 94 3.64 18.86 -1.74
N GLU A 95 3.40 18.36 -2.98
CA GLU A 95 4.06 17.23 -3.66
C GLU A 95 3.64 15.89 -3.07
N ILE A 96 2.31 15.69 -2.87
CA ILE A 96 1.78 14.48 -2.25
C ILE A 96 1.07 13.56 -3.23
N THR A 97 1.26 12.23 -2.99
CA THR A 97 0.62 11.09 -3.64
C THR A 97 -0.27 10.41 -2.62
N ARG A 98 -1.54 10.10 -3.02
CA ARG A 98 -2.61 9.57 -2.19
C ARG A 98 -3.17 8.27 -2.76
N ILE A 99 -3.46 7.27 -1.90
CA ILE A 99 -4.11 6.02 -2.33
C ILE A 99 -5.23 5.66 -1.36
N LYS A 100 -6.35 5.09 -1.90
CA LYS A 100 -7.47 4.56 -1.14
C LYS A 100 -7.67 3.12 -1.63
N GLY A 101 -7.32 2.13 -0.78
CA GLY A 101 -7.36 0.70 -1.07
C GLY A 101 -8.31 -0.08 -0.19
N LYS A 102 -8.95 -1.10 -0.81
CA LYS A 102 -9.89 -2.06 -0.26
C LYS A 102 -9.42 -3.40 -0.79
N GLU A 103 -9.66 -4.54 -0.07
CA GLU A 103 -9.29 -5.89 -0.51
C GLU A 103 -10.43 -6.59 -1.23
N ASP A 104 -10.07 -7.48 -2.20
CA ASP A 104 -10.93 -8.22 -3.14
C ASP A 104 -11.25 -7.37 -4.37
N GLY A 105 -10.30 -7.27 -5.33
CA GLY A 105 -10.27 -6.34 -6.47
C GLY A 105 -11.28 -6.44 -7.59
N ALA A 106 -12.59 -6.44 -7.25
CA ALA A 106 -13.74 -6.44 -8.16
C ALA A 106 -14.26 -5.02 -8.38
N TYR A 107 -13.56 -4.04 -7.76
CA TYR A 107 -13.81 -2.60 -7.71
C TYR A 107 -13.30 -1.85 -8.95
N VAL A 108 -13.38 -2.49 -10.14
CA VAL A 108 -12.94 -2.00 -11.45
C VAL A 108 -14.17 -1.53 -12.22
N GLY A 109 -14.89 -0.52 -11.66
CA GLY A 109 -16.11 0.07 -12.21
C GLY A 109 -17.36 -0.62 -11.73
N MET A 1 -6.02 8.63 17.08
CA MET A 1 -6.24 8.84 15.67
C MET A 1 -5.58 10.13 15.25
N TYR A 2 -4.96 10.83 16.23
CA TYR A 2 -4.30 12.14 16.19
C TYR A 2 -3.06 12.31 15.31
N GLU A 3 -3.16 11.90 14.02
CA GLU A 3 -2.19 12.00 12.94
C GLU A 3 -1.00 11.03 13.03
N GLU A 4 -1.16 9.79 12.49
CA GLU A 4 -0.13 8.76 12.47
C GLU A 4 0.21 8.42 11.03
N PHE A 5 0.77 9.45 10.34
CA PHE A 5 1.30 9.38 9.00
C PHE A 5 2.67 10.06 9.01
N ARG A 6 3.44 9.93 10.12
CA ARG A 6 4.73 10.60 10.30
C ARG A 6 5.87 9.65 10.65
N ASP A 7 6.21 8.68 9.77
CA ASP A 7 7.35 7.79 10.01
C ASP A 7 7.99 7.37 8.68
N VAL A 8 9.18 6.71 8.76
CA VAL A 8 9.99 6.15 7.67
C VAL A 8 9.66 4.65 7.57
N ILE A 9 9.30 4.08 6.39
CA ILE A 9 8.92 2.66 6.24
C ILE A 9 9.64 1.99 5.06
N THR A 10 9.59 0.62 4.94
CA THR A 10 10.25 -0.18 3.88
C THR A 10 9.22 -0.83 2.99
N PHE A 11 9.31 -0.57 1.66
CA PHE A 11 8.44 -1.20 0.64
C PHE A 11 9.15 -2.27 -0.18
N GLN A 12 8.44 -3.42 -0.41
CA GLN A 12 8.88 -4.61 -1.12
C GLN A 12 7.79 -5.05 -2.13
N SER A 13 8.15 -5.91 -3.12
CA SER A 13 7.27 -6.42 -4.17
C SER A 13 7.62 -7.90 -4.44
N TYR A 14 6.68 -8.65 -5.07
CA TYR A 14 6.75 -10.05 -5.47
C TYR A 14 6.53 -10.06 -6.99
N VAL A 15 7.47 -10.65 -7.78
CA VAL A 15 7.45 -10.58 -9.24
C VAL A 15 7.97 -11.90 -9.77
N GLU A 16 7.52 -12.34 -10.99
CA GLU A 16 7.96 -13.53 -11.72
C GLU A 16 7.13 -14.79 -11.44
N GLN A 17 5.93 -14.87 -12.04
CA GLN A 17 4.96 -15.97 -11.97
C GLN A 17 5.34 -17.10 -12.93
N SER A 18 6.50 -17.75 -12.67
CA SER A 18 7.10 -18.81 -13.49
C SER A 18 7.09 -20.12 -12.75
N ASN A 19 6.68 -21.25 -13.40
CA ASN A 19 6.78 -22.58 -12.80
C ASN A 19 8.06 -23.32 -13.21
N GLY A 20 8.44 -24.34 -12.40
CA GLY A 20 9.59 -25.23 -12.56
C GLY A 20 9.11 -26.66 -12.57
N GLU A 21 8.00 -26.87 -13.34
CA GLU A 21 7.22 -28.09 -13.55
C GLU A 21 6.15 -28.21 -12.47
N GLY A 22 6.34 -29.10 -11.46
CA GLY A 22 5.49 -29.27 -10.27
C GLY A 22 6.13 -28.63 -9.07
N GLY A 23 6.50 -27.33 -9.23
CA GLY A 23 7.18 -26.46 -8.29
C GLY A 23 7.21 -25.12 -8.96
N LYS A 24 7.55 -24.02 -8.23
CA LYS A 24 7.50 -22.67 -8.79
C LYS A 24 8.74 -21.86 -8.49
N THR A 25 9.13 -20.97 -9.45
CA THR A 25 10.31 -20.11 -9.39
C THR A 25 9.86 -18.66 -9.45
N TYR A 26 9.89 -17.95 -8.31
CA TYR A 26 9.52 -16.55 -8.17
C TYR A 26 10.65 -15.83 -7.48
N LYS A 27 10.63 -14.47 -7.51
CA LYS A 27 11.62 -13.61 -6.90
C LYS A 27 10.94 -12.65 -5.94
N TRP A 28 11.56 -12.40 -4.75
CA TRP A 28 11.17 -11.47 -3.73
C TRP A 28 12.30 -10.43 -3.71
N VAL A 29 11.94 -9.13 -3.80
CA VAL A 29 12.90 -8.03 -3.80
C VAL A 29 12.30 -6.85 -3.04
N ASP A 30 13.19 -5.96 -2.53
CA ASP A 30 12.89 -4.71 -1.85
C ASP A 30 12.95 -3.58 -2.87
N GLU A 31 11.95 -2.65 -2.87
CA GLU A 31 11.80 -1.57 -3.83
C GLU A 31 12.56 -0.33 -3.40
N PHE A 32 12.24 0.13 -2.17
CA PHE A 32 12.78 1.35 -1.62
C PHE A 32 12.43 1.37 -0.15
N THR A 33 12.99 2.36 0.59
CA THR A 33 12.66 2.68 1.97
C THR A 33 12.45 4.16 1.84
N ALA A 34 11.36 4.68 2.40
CA ALA A 34 11.01 6.09 2.26
C ALA A 34 10.10 6.58 3.37
N ALA A 35 9.96 7.93 3.49
CA ALA A 35 9.05 8.58 4.43
C ALA A 35 7.65 8.61 3.81
N ALA A 36 6.74 7.85 4.47
CA ALA A 36 5.39 7.57 4.05
C ALA A 36 4.78 6.76 5.18
N HIS A 37 3.45 6.53 5.13
CA HIS A 37 2.80 5.62 6.06
C HIS A 37 1.64 4.95 5.31
N VAL A 38 1.56 3.58 5.33
CA VAL A 38 0.50 2.75 4.72
C VAL A 38 -0.38 2.24 5.87
N GLN A 39 -1.56 2.85 6.16
CA GLN A 39 -2.41 2.52 7.29
C GLN A 39 -3.63 1.68 6.89
N PRO A 40 -3.99 0.52 7.51
CA PRO A 40 -5.23 -0.23 7.24
C PRO A 40 -6.48 0.49 7.81
N ILE A 41 -7.65 0.48 7.10
CA ILE A 41 -8.90 1.13 7.57
C ILE A 41 -9.68 0.33 8.62
N SER A 42 -9.03 0.01 9.76
CA SER A 42 -9.59 -0.76 10.86
C SER A 42 -8.55 -0.72 11.97
N GLN A 43 -8.51 -1.76 12.83
CA GLN A 43 -7.60 -1.85 13.97
C GLN A 43 -6.90 -3.20 14.04
N GLU A 44 -6.79 -3.83 15.24
CA GLU A 44 -6.08 -5.08 15.51
C GLU A 44 -6.94 -6.33 15.39
N GLU A 45 -8.27 -6.20 15.64
CA GLU A 45 -9.26 -7.26 15.53
C GLU A 45 -10.06 -7.00 14.25
N TYR A 46 -9.48 -7.40 13.10
CA TYR A 46 -10.05 -7.27 11.75
C TYR A 46 -10.84 -8.52 11.37
N TYR A 47 -10.31 -9.72 11.77
CA TYR A 47 -10.84 -11.08 11.62
C TYR A 47 -10.43 -11.70 10.28
N LYS A 48 -11.41 -11.99 9.40
CA LYS A 48 -11.19 -12.49 8.05
C LYS A 48 -11.95 -11.52 7.16
N ALA A 49 -13.20 -11.88 6.77
CA ALA A 49 -14.10 -10.99 6.05
C ALA A 49 -15.11 -10.40 7.03
N GLN A 50 -15.68 -11.26 7.93
CA GLN A 50 -16.69 -10.96 8.93
C GLN A 50 -18.05 -11.08 8.28
N GLN A 51 -18.40 -10.10 7.41
CA GLN A 51 -19.62 -10.03 6.62
C GLN A 51 -19.26 -9.47 5.23
N LEU A 52 -20.26 -9.06 4.41
CA LEU A 52 -20.14 -8.61 3.01
C LEU A 52 -20.00 -7.09 2.82
N GLN A 53 -20.13 -6.36 3.95
CA GLN A 53 -19.95 -4.92 4.12
C GLN A 53 -18.90 -4.86 5.22
N THR A 54 -17.61 -4.73 4.85
CA THR A 54 -16.54 -4.87 5.82
C THR A 54 -15.31 -4.11 5.35
N PRO A 55 -14.40 -3.55 6.20
CA PRO A 55 -13.18 -2.89 5.77
C PRO A 55 -12.08 -3.92 5.41
N ILE A 56 -11.56 -3.80 4.17
CA ILE A 56 -10.52 -4.67 3.62
C ILE A 56 -9.77 -3.81 2.63
N GLY A 57 -8.95 -2.89 3.16
CA GLY A 57 -8.21 -1.95 2.34
C GLY A 57 -7.37 -1.02 3.17
N TYR A 58 -6.72 -0.07 2.46
CA TYR A 58 -5.79 0.93 2.98
C TYR A 58 -6.21 2.35 2.73
N ASN A 59 -5.70 3.18 3.67
CA ASN A 59 -5.71 4.63 3.63
C ASN A 59 -4.22 4.96 3.73
N ILE A 60 -3.63 5.65 2.73
CA ILE A 60 -2.17 5.81 2.71
C ILE A 60 -1.75 7.14 2.10
N TYR A 61 -0.65 7.74 2.68
CA TYR A 61 0.00 8.93 2.15
C TYR A 61 1.44 8.51 1.82
N THR A 62 1.97 9.04 0.69
CA THR A 62 3.38 8.98 0.33
C THR A 62 3.65 10.37 -0.25
N PRO A 63 4.81 11.06 -0.17
CA PRO A 63 5.03 12.38 -0.79
C PRO A 63 5.23 12.24 -2.31
N TYR A 64 4.57 13.13 -3.09
CA TYR A 64 4.37 13.42 -4.52
C TYR A 64 4.65 12.40 -5.65
N ASP A 65 5.29 11.28 -5.31
CA ASP A 65 5.69 10.16 -6.15
C ASP A 65 4.79 8.96 -5.96
N ASP A 66 4.75 8.06 -6.96
CA ASP A 66 3.98 6.83 -6.96
C ASP A 66 4.88 5.68 -6.54
N ARG A 67 5.35 5.70 -5.24
CA ARG A 67 6.28 4.70 -4.69
C ARG A 67 5.59 3.37 -4.36
N ILE A 68 4.43 3.45 -3.62
CA ILE A 68 3.41 2.48 -3.36
C ILE A 68 2.66 1.96 -4.61
N ASP A 69 2.14 0.71 -4.55
CA ASP A 69 1.49 0.08 -5.73
C ASP A 69 0.19 -0.67 -5.43
N LYS A 70 -0.39 -1.26 -6.50
CA LYS A 70 -1.64 -2.03 -6.59
C LYS A 70 -1.52 -3.49 -6.19
N LYS A 71 -0.30 -4.05 -6.29
CA LYS A 71 0.05 -5.42 -5.92
C LYS A 71 1.40 -5.31 -5.22
N MET A 72 1.41 -4.95 -3.90
CA MET A 72 2.65 -4.66 -3.19
C MET A 72 2.57 -5.15 -1.74
N ARG A 73 3.74 -5.15 -1.06
CA ARG A 73 3.89 -5.52 0.33
C ARG A 73 4.63 -4.38 1.02
N VAL A 74 4.38 -4.17 2.33
CA VAL A 74 5.01 -3.10 3.06
C VAL A 74 5.31 -3.57 4.46
N ILE A 75 6.40 -2.98 5.03
CA ILE A 75 6.65 -3.06 6.43
C ILE A 75 6.36 -1.64 6.88
N TYR A 76 5.17 -1.46 7.51
CA TYR A 76 4.64 -0.28 8.17
C TYR A 76 4.97 -0.41 9.67
N ARG A 77 6.00 0.35 10.16
CA ARG A 77 6.53 0.44 11.53
C ARG A 77 6.71 -0.88 12.33
N GLY A 78 7.22 -1.91 11.62
CA GLY A 78 7.45 -3.29 12.06
C GLY A 78 6.33 -4.27 11.81
N LYS A 79 5.25 -3.89 11.07
CA LYS A 79 4.12 -4.76 10.74
C LYS A 79 4.18 -5.10 9.26
N ILE A 80 4.19 -6.42 8.91
CA ILE A 80 4.28 -6.91 7.53
C ILE A 80 2.88 -7.23 7.00
N VAL A 81 2.37 -6.36 6.08
CA VAL A 81 1.07 -6.47 5.43
C VAL A 81 1.18 -6.27 3.92
N THR A 82 0.15 -6.74 3.17
CA THR A 82 -0.11 -6.61 1.74
C THR A 82 -1.06 -5.43 1.51
N PHE A 83 -1.00 -4.75 0.32
CA PHE A 83 -1.89 -3.65 -0.01
C PHE A 83 -2.15 -3.54 -1.52
N ILE A 84 -3.27 -2.82 -1.87
CA ILE A 84 -3.77 -2.56 -3.22
C ILE A 84 -4.12 -1.07 -3.33
N GLY A 85 -4.43 -0.54 -4.55
CA GLY A 85 -4.94 0.83 -4.72
C GLY A 85 -4.18 1.68 -5.69
N ASP A 86 -4.82 2.74 -6.25
CA ASP A 86 -4.25 3.69 -7.21
C ASP A 86 -3.89 5.03 -6.53
N PRO A 87 -2.64 5.56 -6.58
CA PRO A 87 -2.25 6.87 -6.05
C PRO A 87 -2.65 8.04 -6.96
N VAL A 88 -3.28 9.09 -6.39
CA VAL A 88 -3.70 10.30 -7.11
C VAL A 88 -3.28 11.54 -6.32
N ASP A 89 -2.88 12.63 -7.01
CA ASP A 89 -2.56 13.94 -6.44
C ASP A 89 -3.71 14.94 -6.63
N LEU A 90 -4.55 15.22 -5.58
CA LEU A 90 -5.66 16.21 -5.60
C LEU A 90 -5.15 17.65 -5.37
N SER A 91 -3.83 17.74 -5.12
CA SER A 91 -3.08 18.97 -4.93
C SER A 91 -1.60 18.67 -5.17
N GLY A 92 -1.09 19.13 -6.36
CA GLY A 92 0.30 19.07 -6.81
C GLY A 92 1.16 20.24 -6.39
N LEU A 93 0.59 21.07 -5.49
CA LEU A 93 1.13 22.23 -4.80
C LEU A 93 1.55 21.85 -3.38
N GLN A 94 0.86 20.84 -2.76
CA GLN A 94 1.07 20.35 -1.38
C GLN A 94 2.18 19.29 -1.27
N GLU A 95 2.53 18.65 -2.44
CA GLU A 95 3.52 17.58 -2.63
C GLU A 95 3.08 16.22 -2.09
N ILE A 96 1.78 15.85 -2.23
CA ILE A 96 1.24 14.61 -1.70
C ILE A 96 0.49 13.85 -2.79
N THR A 97 0.90 12.55 -2.99
CA THR A 97 0.19 11.54 -3.76
C THR A 97 -0.55 10.72 -2.69
N ARG A 98 -1.90 10.75 -2.77
CA ARG A 98 -2.81 10.11 -1.83
C ARG A 98 -3.53 8.99 -2.53
N ILE A 99 -3.66 7.84 -1.82
CA ILE A 99 -4.27 6.62 -2.32
C ILE A 99 -5.26 6.19 -1.27
N LYS A 100 -6.45 5.80 -1.76
CA LYS A 100 -7.52 5.15 -1.03
C LYS A 100 -7.75 3.95 -1.93
N GLY A 101 -7.51 2.71 -1.42
CA GLY A 101 -7.62 1.48 -2.20
C GLY A 101 -8.10 0.39 -1.33
N LYS A 102 -9.13 -0.38 -1.78
CA LYS A 102 -9.70 -1.48 -1.01
C LYS A 102 -10.14 -2.59 -1.91
N GLU A 103 -10.47 -3.77 -1.32
CA GLU A 103 -11.00 -4.95 -2.01
C GLU A 103 -12.53 -4.96 -1.91
N ASP A 104 -13.24 -5.13 -3.05
CA ASP A 104 -14.71 -5.02 -3.16
C ASP A 104 -15.44 -6.37 -3.23
N GLY A 105 -15.38 -7.15 -2.12
CA GLY A 105 -16.10 -8.41 -1.84
C GLY A 105 -15.87 -9.60 -2.75
N ALA A 106 -16.54 -9.59 -3.94
CA ALA A 106 -16.53 -10.62 -4.99
C ALA A 106 -15.27 -10.65 -5.86
N TYR A 107 -14.12 -10.73 -5.17
CA TYR A 107 -12.78 -10.81 -5.71
C TYR A 107 -11.99 -11.67 -4.72
N VAL A 108 -12.16 -11.38 -3.39
CA VAL A 108 -11.53 -12.11 -2.29
C VAL A 108 -12.43 -13.22 -1.75
N GLY A 109 -13.76 -13.00 -1.68
CA GLY A 109 -14.68 -14.04 -1.20
C GLY A 109 -16.11 -13.63 -1.36
N MET A 1 15.44 13.26 8.51
CA MET A 1 16.01 14.52 8.08
C MET A 1 14.99 15.26 7.22
N TYR A 2 13.91 14.55 6.82
CA TYR A 2 12.82 15.06 6.01
C TYR A 2 11.54 14.88 6.78
N GLU A 3 10.73 15.95 6.95
CA GLU A 3 9.46 15.93 7.67
C GLU A 3 8.32 15.58 6.72
N GLU A 4 8.27 14.28 6.31
CA GLU A 4 7.27 13.70 5.43
C GLU A 4 6.14 13.06 6.22
N PHE A 5 6.47 12.38 7.35
CA PHE A 5 5.56 11.74 8.28
C PHE A 5 6.41 11.49 9.54
N ARG A 6 5.81 10.81 10.56
CA ARG A 6 6.37 10.42 11.85
C ARG A 6 7.18 9.12 11.81
N ASP A 7 6.95 8.22 10.81
CA ASP A 7 7.74 7.00 10.72
C ASP A 7 8.17 6.72 9.29
N VAL A 8 9.29 5.98 9.18
CA VAL A 8 9.91 5.50 7.95
C VAL A 8 9.52 4.03 7.83
N ILE A 9 9.17 3.53 6.62
CA ILE A 9 8.71 2.16 6.38
C ILE A 9 9.43 1.53 5.17
N THR A 10 9.24 0.19 4.95
CA THR A 10 9.98 -0.53 3.89
C THR A 10 9.07 -1.16 2.84
N PHE A 11 9.30 -0.79 1.54
CA PHE A 11 8.60 -1.37 0.39
C PHE A 11 9.46 -2.37 -0.39
N GLN A 12 8.86 -3.54 -0.71
CA GLN A 12 9.46 -4.69 -1.37
C GLN A 12 8.47 -5.33 -2.33
N SER A 13 8.93 -5.87 -3.47
CA SER A 13 8.07 -6.47 -4.51
C SER A 13 8.59 -7.80 -5.05
N TYR A 14 7.72 -8.50 -5.81
CA TYR A 14 7.90 -9.81 -6.41
C TYR A 14 7.90 -9.64 -7.93
N VAL A 15 8.92 -10.22 -8.62
CA VAL A 15 9.13 -10.14 -10.06
C VAL A 15 9.54 -11.51 -10.59
N GLU A 16 9.04 -11.83 -11.82
CA GLU A 16 9.29 -13.05 -12.58
C GLU A 16 10.00 -12.78 -13.90
N GLN A 17 9.84 -11.61 -14.57
CA GLN A 17 10.50 -11.25 -15.84
C GLN A 17 11.95 -10.75 -15.67
N SER A 18 12.66 -11.44 -14.75
CA SER A 18 14.00 -11.24 -14.25
C SER A 18 14.92 -12.32 -14.76
N ASN A 19 14.69 -13.62 -14.43
CA ASN A 19 15.56 -14.70 -14.89
C ASN A 19 15.11 -15.35 -16.19
N GLY A 20 15.25 -14.66 -17.33
CA GLY A 20 15.02 -15.22 -18.68
C GLY A 20 16.28 -15.75 -19.32
N GLU A 21 16.90 -16.78 -18.70
CA GLU A 21 18.15 -17.37 -19.19
C GLU A 21 18.15 -18.85 -18.82
N GLY A 22 17.99 -19.75 -19.83
CA GLY A 22 17.94 -21.22 -19.68
C GLY A 22 16.56 -21.74 -19.36
N GLY A 23 16.02 -21.28 -18.22
CA GLY A 23 14.68 -21.56 -17.71
C GLY A 23 14.35 -20.36 -16.86
N LYS A 24 13.10 -20.25 -16.36
CA LYS A 24 12.66 -19.13 -15.52
C LYS A 24 12.53 -19.48 -14.04
N THR A 25 12.66 -18.45 -13.17
CA THR A 25 12.45 -18.50 -11.72
C THR A 25 12.10 -17.08 -11.33
N TYR A 26 11.73 -16.90 -10.05
CA TYR A 26 11.31 -15.65 -9.44
C TYR A 26 12.18 -15.33 -8.23
N LYS A 27 12.12 -14.03 -7.85
CA LYS A 27 12.82 -13.49 -6.70
C LYS A 27 11.97 -12.42 -6.04
N TRP A 28 12.31 -12.12 -4.76
CA TRP A 28 11.84 -11.06 -3.92
C TRP A 28 13.02 -10.09 -3.79
N VAL A 29 12.77 -8.78 -3.99
CA VAL A 29 13.77 -7.72 -3.92
C VAL A 29 13.07 -6.54 -3.28
N ASP A 30 13.85 -5.59 -2.72
CA ASP A 30 13.39 -4.34 -2.11
C ASP A 30 13.17 -3.29 -3.20
N GLU A 31 12.10 -2.46 -3.09
CA GLU A 31 11.74 -1.45 -4.08
C GLU A 31 12.32 -0.11 -3.70
N PHE A 32 11.94 0.37 -2.48
CA PHE A 32 12.37 1.66 -2.00
C PHE A 32 12.15 1.67 -0.51
N THR A 33 12.65 2.72 0.16
CA THR A 33 12.47 2.95 1.58
C THR A 33 12.07 4.40 1.62
N ALA A 34 11.00 4.69 2.39
CA ALA A 34 10.48 6.07 2.46
C ALA A 34 9.88 6.43 3.79
N ALA A 35 9.68 7.77 4.03
CA ALA A 35 8.98 8.36 5.16
C ALA A 35 7.57 8.60 4.65
N ALA A 36 6.58 7.92 5.28
CA ALA A 36 5.25 7.87 4.69
C ALA A 36 4.36 7.17 5.68
N HIS A 37 3.05 7.47 5.61
CA HIS A 37 2.03 6.86 6.43
C HIS A 37 1.24 5.94 5.48
N VAL A 38 1.42 4.61 5.59
CA VAL A 38 0.77 3.61 4.76
C VAL A 38 0.19 2.69 5.81
N GLN A 39 -1.17 2.63 5.92
CA GLN A 39 -1.87 1.84 6.94
C GLN A 39 -3.10 1.16 6.34
N PRO A 40 -3.53 -0.05 6.77
CA PRO A 40 -4.74 -0.71 6.29
C PRO A 40 -6.03 -0.05 6.78
N ILE A 41 -7.15 -0.23 6.04
CA ILE A 41 -8.53 0.23 6.28
C ILE A 41 -8.81 1.74 6.42
N SER A 42 -9.84 2.21 5.66
CA SER A 42 -10.31 3.59 5.63
C SER A 42 -11.70 3.73 6.24
N GLN A 43 -12.00 4.95 6.76
CA GLN A 43 -13.29 5.36 7.30
C GLN A 43 -13.78 6.61 6.56
N GLU A 44 -13.10 6.97 5.42
CA GLU A 44 -13.33 8.19 4.66
C GLU A 44 -14.34 8.07 3.51
N GLU A 45 -14.79 6.84 3.17
CA GLU A 45 -15.79 6.54 2.15
C GLU A 45 -17.11 6.20 2.84
N TYR A 46 -17.84 7.24 3.32
CA TYR A 46 -19.10 7.16 4.07
C TYR A 46 -20.36 7.33 3.23
N TYR A 47 -20.22 7.65 1.90
CA TYR A 47 -21.32 7.82 0.94
C TYR A 47 -21.74 6.49 0.30
N LYS A 48 -20.78 5.56 0.24
CA LYS A 48 -20.87 4.20 -0.23
C LYS A 48 -19.66 3.58 0.42
N ALA A 49 -19.75 2.36 1.04
CA ALA A 49 -18.67 1.74 1.81
C ALA A 49 -17.74 0.82 1.00
N GLN A 50 -17.66 1.01 -0.34
CA GLN A 50 -16.82 0.29 -1.26
C GLN A 50 -16.83 1.14 -2.51
N GLN A 51 -15.91 0.83 -3.46
CA GLN A 51 -15.72 1.51 -4.75
C GLN A 51 -16.14 0.68 -5.97
N LEU A 52 -16.19 -0.66 -5.79
CA LEU A 52 -16.46 -1.70 -6.77
C LEU A 52 -16.93 -2.87 -5.91
N GLN A 53 -17.52 -3.96 -6.49
CA GLN A 53 -18.06 -5.12 -5.77
C GLN A 53 -17.01 -6.17 -5.38
N THR A 54 -15.97 -5.71 -4.62
CA THR A 54 -14.79 -6.50 -4.21
C THR A 54 -14.21 -5.79 -2.98
N PRO A 55 -14.16 -6.32 -1.74
CA PRO A 55 -13.63 -5.64 -0.54
C PRO A 55 -12.09 -5.63 -0.41
N ILE A 56 -11.45 -4.45 -0.18
CA ILE A 56 -10.01 -4.24 0.02
C ILE A 56 -9.79 -2.76 0.35
N GLY A 57 -9.16 -2.38 1.50
CA GLY A 57 -9.00 -0.96 1.78
C GLY A 57 -7.76 -0.60 2.53
N TYR A 58 -7.18 0.55 2.13
CA TYR A 58 -6.00 1.15 2.71
C TYR A 58 -6.26 2.62 2.77
N ASN A 59 -5.52 3.21 3.74
CA ASN A 59 -5.35 4.65 3.93
C ASN A 59 -3.86 4.85 3.76
N ILE A 60 -3.45 5.66 2.76
CA ILE A 60 -2.06 5.99 2.54
C ILE A 60 -2.03 7.44 2.20
N TYR A 61 -1.13 8.20 2.89
CA TYR A 61 -0.74 9.54 2.50
C TYR A 61 0.77 9.28 2.45
N THR A 62 1.36 9.37 1.23
CA THR A 62 2.77 9.06 1.02
C THR A 62 3.28 10.14 0.08
N PRO A 63 4.14 11.13 0.48
CA PRO A 63 4.62 12.24 -0.35
C PRO A 63 5.40 11.80 -1.59
N TYR A 64 5.04 12.33 -2.79
CA TYR A 64 5.40 12.10 -4.20
C TYR A 64 6.03 10.79 -4.73
N ASP A 65 5.92 9.71 -3.93
CA ASP A 65 6.29 8.32 -4.19
C ASP A 65 5.00 7.56 -4.46
N ASP A 66 4.77 7.14 -5.72
CA ASP A 66 3.55 6.45 -6.16
C ASP A 66 3.68 4.94 -6.21
N ARG A 67 4.64 4.36 -5.44
CA ARG A 67 4.97 2.94 -5.43
C ARG A 67 4.46 2.14 -4.25
N ILE A 68 3.67 2.75 -3.31
CA ILE A 68 3.03 2.25 -2.11
C ILE A 68 2.15 1.03 -2.34
N ASP A 69 1.13 1.16 -3.22
CA ASP A 69 0.24 0.11 -3.70
C ASP A 69 0.24 0.22 -5.21
N LYS A 70 0.80 -0.81 -5.89
CA LYS A 70 0.92 -0.94 -7.33
C LYS A 70 1.39 -2.37 -7.55
N LYS A 71 0.80 -3.32 -6.75
CA LYS A 71 1.11 -4.75 -6.67
C LYS A 71 2.46 -5.01 -5.99
N MET A 72 2.50 -4.87 -4.63
CA MET A 72 3.71 -4.98 -3.84
C MET A 72 3.38 -5.56 -2.46
N ARG A 73 4.43 -5.67 -1.61
CA ARG A 73 4.38 -6.10 -0.24
C ARG A 73 5.03 -4.99 0.58
N VAL A 74 4.50 -4.76 1.79
CA VAL A 74 4.93 -3.65 2.59
C VAL A 74 4.86 -4.05 4.04
N ILE A 75 5.81 -3.48 4.81
CA ILE A 75 5.90 -3.62 6.23
C ILE A 75 5.84 -2.18 6.76
N TYR A 76 4.66 -1.82 7.39
CA TYR A 76 4.37 -0.54 8.06
C TYR A 76 4.67 -0.66 9.54
N ARG A 77 5.93 -0.37 9.95
CA ARG A 77 6.44 -0.38 11.32
C ARG A 77 6.41 -1.75 12.04
N GLY A 78 6.75 -2.84 11.29
CA GLY A 78 6.76 -4.23 11.74
C GLY A 78 5.51 -5.05 11.49
N LYS A 79 4.52 -4.56 10.70
CA LYS A 79 3.29 -5.30 10.37
C LYS A 79 3.31 -5.52 8.86
N ILE A 80 3.27 -6.81 8.38
CA ILE A 80 3.43 -7.19 6.98
C ILE A 80 2.16 -7.75 6.30
N VAL A 81 1.68 -7.04 5.24
CA VAL A 81 0.51 -7.41 4.40
C VAL A 81 0.89 -7.26 2.91
N THR A 82 0.11 -7.88 1.98
CA THR A 82 0.27 -7.79 0.53
C THR A 82 -1.02 -7.17 -0.05
N PHE A 83 -0.86 -6.24 -1.03
CA PHE A 83 -1.94 -5.46 -1.62
C PHE A 83 -1.69 -5.00 -3.05
N ILE A 84 -2.80 -4.80 -3.82
CA ILE A 84 -2.80 -4.28 -5.18
C ILE A 84 -3.72 -3.07 -5.24
N GLY A 85 -3.37 -2.00 -6.01
CA GLY A 85 -4.18 -0.79 -6.15
C GLY A 85 -3.39 0.15 -7.02
N ASP A 86 -3.82 1.45 -7.12
CA ASP A 86 -3.14 2.50 -7.89
C ASP A 86 -3.43 3.86 -7.21
N PRO A 87 -2.47 4.75 -6.83
CA PRO A 87 -2.73 6.03 -6.14
C PRO A 87 -3.02 7.20 -7.12
N VAL A 88 -3.69 8.28 -6.64
CA VAL A 88 -4.08 9.49 -7.34
C VAL A 88 -3.08 10.62 -7.01
N ASP A 89 -2.63 11.40 -8.04
CA ASP A 89 -1.64 12.46 -7.89
C ASP A 89 -2.21 13.88 -7.86
N LEU A 90 -1.85 14.65 -6.80
CA LEU A 90 -2.13 16.07 -6.59
C LEU A 90 -0.98 16.94 -7.10
N SER A 91 0.24 16.33 -7.24
CA SER A 91 1.49 16.89 -7.78
C SER A 91 2.02 18.24 -7.25
N GLY A 92 2.24 19.28 -8.12
CA GLY A 92 2.93 20.54 -7.83
C GLY A 92 2.23 21.57 -6.96
N LEU A 93 1.73 21.12 -5.80
CA LEU A 93 1.04 21.87 -4.77
C LEU A 93 1.70 21.50 -3.45
N GLN A 94 1.30 20.33 -2.87
CA GLN A 94 1.85 19.79 -1.63
C GLN A 94 2.88 18.69 -1.88
N GLU A 95 2.83 18.07 -3.10
CA GLU A 95 3.63 16.95 -3.59
C GLU A 95 3.19 15.63 -2.98
N ILE A 96 1.90 15.25 -3.19
CA ILE A 96 1.32 14.07 -2.57
C ILE A 96 0.67 13.12 -3.56
N THR A 97 0.99 11.83 -3.35
CA THR A 97 0.48 10.64 -4.02
C THR A 97 -0.31 9.89 -2.94
N ARG A 98 -1.65 9.80 -3.17
CA ARG A 98 -2.64 9.27 -2.24
C ARG A 98 -3.52 8.16 -2.80
N ILE A 99 -3.79 7.09 -2.01
CA ILE A 99 -4.85 6.09 -2.28
C ILE A 99 -5.64 6.06 -0.96
N LYS A 100 -7.00 6.21 -0.94
CA LYS A 100 -7.82 5.94 0.22
C LYS A 100 -8.93 5.02 -0.27
N GLY A 101 -8.94 3.71 0.07
CA GLY A 101 -9.94 2.73 -0.40
C GLY A 101 -10.59 2.05 0.76
N LYS A 102 -11.84 1.51 0.60
CA LYS A 102 -12.58 0.93 1.72
C LYS A 102 -13.04 -0.49 1.44
N GLU A 103 -13.04 -1.26 2.56
CA GLU A 103 -13.35 -2.65 2.70
C GLU A 103 -14.67 -2.84 3.43
N ASP A 104 -15.71 -3.29 2.69
CA ASP A 104 -17.03 -3.63 3.23
C ASP A 104 -17.04 -5.08 3.75
N GLY A 105 -16.43 -5.31 4.92
CA GLY A 105 -16.31 -6.64 5.50
C GLY A 105 -15.41 -6.56 6.69
N ALA A 106 -14.64 -7.63 6.96
CA ALA A 106 -13.74 -7.69 8.10
C ALA A 106 -12.53 -8.52 7.69
N TYR A 107 -11.30 -8.02 7.97
CA TYR A 107 -10.01 -8.63 7.70
C TYR A 107 -9.02 -7.64 8.32
N VAL A 108 -7.67 -7.91 8.24
CA VAL A 108 -6.49 -7.12 8.66
C VAL A 108 -6.35 -6.56 10.09
N GLY A 109 -7.44 -6.02 10.69
CA GLY A 109 -7.46 -5.39 11.99
C GLY A 109 -8.36 -4.19 11.97
#